data_3SQ9
#
_entry.id   3SQ9
#
_cell.length_a   79.123
_cell.length_b   144.558
_cell.length_c   131.115
_cell.angle_alpha   90.00
_cell.angle_beta   102.46
_cell.angle_gamma   90.00
#
_symmetry.space_group_name_H-M   'P 1 21 1'
#
loop_
_entity.id
_entity.type
_entity.pdbx_description
1 polymer 'Neuronal acetylcholine receptor subunit alpha-7, Acetylcholine-binding protein'
2 branched 2-acetamido-2-deoxy-beta-D-glucopyranose-(1-4)-2-acetamido-2-deoxy-beta-D-glucopyranose
3 non-polymer 2-acetamido-2-deoxy-beta-D-glucopyranose
#
_entity_poly.entity_id   1
_entity_poly.type   'polypeptide(L)'
_entity_poly.pdbx_seq_one_letter_code
;EFQRKLYKELVKNYNPDVIPTQRDRPVTVYFSLSLLQIMDVDEKNQVVDVVFWLQMSWTDHYLQWNVSEYPGVKQVSVPI
SSLWVPDLAAYNAISKPEVLTPQLALVNSSGHVQYLPSIRQRFSCDVSGVDTESGATCKLKFGSWTHHSRELDLQMQEAD
ISGYIPYSRFELVGVTQKRSERFYECCKEPYPDVTFTVTFRKKG
;
_entity_poly.pdbx_strand_id   A,B,C,D,E,F,G,H,I,J
#
loop_
_chem_comp.id
_chem_comp.type
_chem_comp.name
_chem_comp.formula
NAG D-saccharide, beta linking 2-acetamido-2-deoxy-beta-D-glucopyranose 'C8 H15 N O6'
#
# COMPACT_ATOMS: atom_id res chain seq x y z
N GLN A 3 -26.63 -12.90 21.57
CA GLN A 3 -28.02 -12.75 21.05
C GLN A 3 -28.26 -13.78 19.94
N ARG A 4 -27.89 -13.40 18.72
CA ARG A 4 -28.02 -14.29 17.56
C ARG A 4 -26.70 -14.58 16.87
N LYS A 5 -25.89 -15.36 17.58
CA LYS A 5 -24.61 -15.81 17.08
C LYS A 5 -25.03 -17.11 16.42
N LEU A 6 -26.33 -17.39 16.55
CA LEU A 6 -26.94 -18.59 15.99
C LEU A 6 -26.72 -18.61 14.48
N TYR A 7 -26.94 -17.46 13.86
CA TYR A 7 -26.76 -17.32 12.41
C TYR A 7 -25.30 -17.62 12.06
N LYS A 8 -24.37 -16.95 12.74
CA LYS A 8 -22.94 -17.18 12.47
C LYS A 8 -22.61 -18.66 12.55
N GLU A 9 -23.27 -19.36 13.46
CA GLU A 9 -23.02 -20.79 13.64
C GLU A 9 -23.74 -21.66 12.61
N LEU A 10 -25.00 -21.34 12.33
CA LEU A 10 -25.75 -22.13 11.37
C LEU A 10 -25.12 -22.15 9.98
N VAL A 11 -24.47 -21.07 9.60
CA VAL A 11 -23.86 -20.99 8.28
C VAL A 11 -22.40 -21.44 8.26
N LYS A 12 -21.73 -21.37 9.41
CA LYS A 12 -20.31 -21.73 9.54
C LYS A 12 -19.82 -22.86 8.62
N ASN A 13 -20.34 -24.07 8.81
CA ASN A 13 -19.94 -25.21 7.98
C ASN A 13 -21.13 -25.67 7.14
N TYR A 14 -21.53 -24.80 6.23
CA TYR A 14 -22.67 -25.09 5.37
C TYR A 14 -22.38 -24.78 3.92
N ASN A 15 -22.74 -25.73 3.07
CA ASN A 15 -22.58 -25.61 1.62
C ASN A 15 -23.97 -25.97 1.10
N PRO A 16 -24.79 -24.95 0.77
CA PRO A 16 -26.16 -25.07 0.26
C PRO A 16 -26.38 -25.90 -0.99
N ASP A 17 -25.31 -26.33 -1.64
CA ASP A 17 -25.43 -27.12 -2.85
C ASP A 17 -25.43 -28.60 -2.50
N VAL A 18 -25.42 -28.90 -1.21
CA VAL A 18 -25.39 -30.28 -0.75
C VAL A 18 -26.68 -30.66 -0.07
N ILE A 19 -27.37 -31.65 -0.64
CA ILE A 19 -28.62 -32.11 -0.05
C ILE A 19 -28.32 -32.74 1.29
N PRO A 20 -29.03 -32.31 2.33
CA PRO A 20 -28.83 -32.85 3.68
C PRO A 20 -29.43 -34.23 3.95
N THR A 21 -28.77 -35.26 3.41
CA THR A 21 -29.16 -36.67 3.61
C THR A 21 -28.11 -37.28 4.52
N GLN A 22 -28.51 -38.29 5.31
CA GLN A 22 -27.57 -38.96 6.21
C GLN A 22 -27.43 -40.44 5.84
N ARG A 23 -27.42 -40.69 4.53
CA ARG A 23 -27.30 -42.03 3.92
C ARG A 23 -28.44 -42.95 4.35
N ASP A 24 -29.05 -43.61 3.37
CA ASP A 24 -30.18 -44.52 3.59
C ASP A 24 -31.27 -43.77 4.36
N ARG A 25 -31.14 -42.45 4.33
CA ARG A 25 -32.07 -41.53 4.98
C ARG A 25 -32.30 -40.41 3.97
N PRO A 26 -33.21 -40.64 3.01
CA PRO A 26 -33.56 -39.67 1.96
C PRO A 26 -34.29 -38.47 2.54
N VAL A 27 -33.82 -37.26 2.21
CA VAL A 27 -34.47 -36.06 2.72
C VAL A 27 -35.87 -36.06 2.15
N THR A 28 -36.86 -36.12 3.03
CA THR A 28 -38.24 -36.11 2.59
C THR A 28 -38.78 -34.67 2.62
N VAL A 29 -39.29 -34.22 1.48
CA VAL A 29 -39.84 -32.87 1.36
C VAL A 29 -41.36 -32.95 1.12
N TYR A 30 -42.12 -32.27 1.97
CA TYR A 30 -43.57 -32.27 1.83
C TYR A 30 -44.00 -31.13 0.91
N PHE A 31 -44.40 -31.51 -0.29
CA PHE A 31 -44.80 -30.59 -1.34
C PHE A 31 -46.31 -30.36 -1.38
N SER A 32 -46.71 -29.18 -1.82
CA SER A 32 -48.13 -28.84 -1.92
C SER A 32 -48.33 -27.54 -2.66
N LEU A 33 -49.29 -27.52 -3.59
CA LEU A 33 -49.58 -26.33 -4.35
C LEU A 33 -51.00 -25.84 -4.07
N SER A 34 -51.17 -24.52 -4.07
CA SER A 34 -52.47 -23.89 -3.83
C SER A 34 -52.70 -22.85 -4.91
N LEU A 35 -53.67 -23.10 -5.78
CA LEU A 35 -54.01 -22.17 -6.86
C LEU A 35 -54.62 -20.87 -6.32
N LEU A 36 -54.07 -19.73 -6.78
CA LEU A 36 -54.52 -18.41 -6.36
C LEU A 36 -55.37 -17.73 -7.42
N GLN A 37 -55.00 -17.90 -8.68
CA GLN A 37 -55.75 -17.29 -9.77
C GLN A 37 -55.21 -17.65 -11.14
N ILE A 38 -56.12 -17.76 -12.11
CA ILE A 38 -55.74 -18.04 -13.48
C ILE A 38 -55.82 -16.70 -14.18
N MET A 39 -54.67 -16.20 -14.63
CA MET A 39 -54.55 -14.90 -15.28
C MET A 39 -55.07 -14.84 -16.70
N ASP A 40 -54.45 -15.60 -17.59
CA ASP A 40 -54.89 -15.58 -18.96
C ASP A 40 -54.82 -16.97 -19.55
N VAL A 41 -55.46 -17.13 -20.71
CA VAL A 41 -55.46 -18.40 -21.43
C VAL A 41 -55.25 -18.06 -22.90
N ASP A 42 -54.14 -18.52 -23.45
CA ASP A 42 -53.83 -18.25 -24.84
C ASP A 42 -54.29 -19.45 -25.64
N GLU A 43 -55.50 -19.36 -26.17
CA GLU A 43 -56.08 -20.44 -26.95
C GLU A 43 -55.31 -20.59 -28.26
N LYS A 44 -54.70 -19.51 -28.73
CA LYS A 44 -53.94 -19.52 -29.98
C LYS A 44 -52.66 -20.37 -29.88
N ASN A 45 -51.92 -20.21 -28.78
CA ASN A 45 -50.67 -20.93 -28.58
C ASN A 45 -50.73 -22.04 -27.53
N GLN A 46 -51.89 -22.20 -26.91
CA GLN A 46 -52.09 -23.24 -25.91
C GLN A 46 -51.20 -23.07 -24.67
N VAL A 47 -51.48 -22.04 -23.86
CA VAL A 47 -50.71 -21.76 -22.64
C VAL A 47 -51.59 -21.08 -21.59
N VAL A 48 -51.33 -21.33 -20.31
CA VAL A 48 -52.09 -20.68 -19.24
C VAL A 48 -51.14 -19.93 -18.33
N ASP A 49 -51.57 -18.76 -17.87
CA ASP A 49 -50.75 -17.96 -16.98
C ASP A 49 -51.35 -18.25 -15.62
N VAL A 50 -50.56 -18.80 -14.71
CA VAL A 50 -51.07 -19.12 -13.37
C VAL A 50 -50.29 -18.49 -12.23
N VAL A 51 -50.97 -18.18 -11.13
CA VAL A 51 -50.31 -17.62 -9.95
C VAL A 51 -50.72 -18.53 -8.82
N PHE A 52 -49.77 -19.03 -8.08
CA PHE A 52 -50.08 -19.96 -7.01
C PHE A 52 -49.00 -19.87 -5.97
N TRP A 53 -49.20 -20.47 -4.81
CA TRP A 53 -48.11 -20.44 -3.89
C TRP A 53 -47.84 -21.85 -3.43
N LEU A 54 -46.57 -22.24 -3.57
CA LEU A 54 -46.07 -23.55 -3.23
C LEU A 54 -45.67 -23.62 -1.78
N GLN A 55 -46.03 -24.75 -1.19
CA GLN A 55 -45.76 -25.01 0.20
C GLN A 55 -44.76 -26.16 0.25
N MET A 56 -43.55 -25.86 0.71
CA MET A 56 -42.49 -26.86 0.82
C MET A 56 -41.94 -26.90 2.23
N SER A 57 -41.72 -28.10 2.74
CA SER A 57 -41.16 -28.28 4.07
C SER A 57 -40.31 -29.55 4.10
N TRP A 58 -39.15 -29.46 4.73
CA TRP A 58 -38.24 -30.59 4.85
C TRP A 58 -37.44 -30.47 6.13
N THR A 59 -36.61 -31.47 6.43
CA THR A 59 -35.80 -31.44 7.64
C THR A 59 -34.30 -31.43 7.31
N ASP A 60 -33.64 -30.35 7.70
CA ASP A 60 -32.21 -30.18 7.45
C ASP A 60 -31.48 -30.48 8.76
N HIS A 61 -30.90 -31.68 8.89
CA HIS A 61 -30.21 -32.01 10.15
C HIS A 61 -29.04 -31.07 10.48
N TYR A 62 -28.44 -30.46 9.46
CA TYR A 62 -27.32 -29.52 9.67
C TYR A 62 -27.78 -28.23 10.37
N LEU A 63 -29.08 -27.98 10.37
CA LEU A 63 -29.59 -26.74 10.95
C LEU A 63 -30.37 -26.88 12.25
N GLN A 64 -29.88 -27.67 13.19
CA GLN A 64 -30.61 -27.79 14.45
C GLN A 64 -29.74 -27.26 15.59
N TRP A 65 -30.37 -26.82 16.67
CA TRP A 65 -29.61 -26.28 17.79
C TRP A 65 -30.28 -26.54 19.14
N ASN A 66 -29.50 -26.44 20.22
CA ASN A 66 -29.99 -26.65 21.58
C ASN A 66 -30.81 -25.44 22.01
N VAL A 67 -32.12 -25.65 22.14
CA VAL A 67 -33.05 -24.59 22.54
C VAL A 67 -32.57 -23.77 23.74
N SER A 68 -31.66 -24.36 24.53
CA SER A 68 -31.11 -23.71 25.72
C SER A 68 -29.82 -22.96 25.47
N GLU A 69 -28.88 -23.60 24.77
CA GLU A 69 -27.60 -22.97 24.46
C GLU A 69 -27.78 -21.59 23.86
N TYR A 70 -28.96 -21.35 23.31
CA TYR A 70 -29.28 -20.06 22.73
C TYR A 70 -30.50 -19.54 23.46
N PRO A 71 -30.38 -18.33 24.04
CA PRO A 71 -31.43 -17.65 24.80
C PRO A 71 -32.85 -18.20 24.57
N GLY A 72 -33.69 -17.40 23.91
CA GLY A 72 -35.06 -17.81 23.64
C GLY A 72 -35.32 -17.86 22.14
N VAL A 73 -34.29 -18.24 21.39
CA VAL A 73 -34.36 -18.33 19.94
C VAL A 73 -35.03 -19.62 19.46
N LYS A 74 -36.34 -19.57 19.23
CA LYS A 74 -37.11 -20.72 18.77
C LYS A 74 -36.98 -21.04 17.26
N GLN A 75 -37.24 -20.05 16.42
CA GLN A 75 -37.15 -20.19 14.97
C GLN A 75 -36.49 -18.97 14.33
N VAL A 76 -35.72 -19.16 13.27
CA VAL A 76 -35.09 -18.02 12.61
C VAL A 76 -35.52 -17.87 11.16
N SER A 77 -35.34 -16.66 10.64
CA SER A 77 -35.71 -16.32 9.27
C SER A 77 -34.45 -16.14 8.41
N VAL A 78 -34.21 -17.12 7.54
CA VAL A 78 -33.04 -17.15 6.67
C VAL A 78 -33.32 -17.05 5.17
N PRO A 79 -32.41 -16.41 4.40
CA PRO A 79 -32.51 -16.23 2.94
C PRO A 79 -32.23 -17.56 2.24
N ILE A 80 -33.16 -18.03 1.42
CA ILE A 80 -33.00 -19.32 0.72
C ILE A 80 -31.66 -19.49 0.04
N SER A 81 -30.98 -18.38 -0.21
CA SER A 81 -29.68 -18.39 -0.86
C SER A 81 -28.59 -18.84 0.12
N SER A 82 -28.98 -19.00 1.37
CA SER A 82 -28.06 -19.39 2.42
C SER A 82 -28.09 -20.88 2.76
N LEU A 83 -29.22 -21.54 2.54
CA LEU A 83 -29.32 -22.97 2.83
C LEU A 83 -29.73 -23.77 1.62
N TRP A 84 -29.78 -25.09 1.79
CA TRP A 84 -30.16 -25.99 0.71
C TRP A 84 -31.67 -25.91 0.62
N VAL A 85 -32.16 -25.89 -0.62
CA VAL A 85 -33.58 -25.82 -0.91
C VAL A 85 -33.91 -26.74 -2.11
N PRO A 86 -34.97 -27.55 -2.00
CA PRO A 86 -35.41 -28.49 -3.04
C PRO A 86 -35.38 -27.89 -4.44
N ASP A 87 -34.67 -28.55 -5.36
CA ASP A 87 -34.56 -28.08 -6.74
C ASP A 87 -35.78 -28.49 -7.57
N LEU A 88 -36.99 -28.35 -7.01
CA LEU A 88 -38.20 -28.71 -7.74
C LEU A 88 -38.39 -27.83 -8.97
N ALA A 89 -38.83 -28.44 -10.06
CA ALA A 89 -39.01 -27.71 -11.30
C ALA A 89 -40.33 -28.07 -11.95
N ALA A 90 -40.82 -27.18 -12.82
CA ALA A 90 -42.06 -27.44 -13.54
C ALA A 90 -41.66 -28.08 -14.85
N TYR A 91 -41.76 -29.40 -14.89
CA TYR A 91 -41.42 -30.19 -16.08
C TYR A 91 -42.02 -29.60 -17.38
N ASN A 92 -43.24 -29.07 -17.27
CA ASN A 92 -43.95 -28.53 -18.42
C ASN A 92 -44.19 -27.02 -18.47
N ALA A 93 -43.22 -26.24 -18.02
CA ALA A 93 -43.30 -24.78 -18.02
C ALA A 93 -42.72 -24.21 -19.33
N ILE A 94 -43.21 -23.06 -19.75
CA ILE A 94 -42.73 -22.43 -20.97
C ILE A 94 -42.23 -21.01 -20.67
N SER A 95 -42.06 -20.70 -19.38
CA SER A 95 -41.56 -19.40 -18.95
C SER A 95 -40.87 -19.58 -17.61
N LYS A 96 -39.83 -18.78 -17.37
CA LYS A 96 -39.11 -18.87 -16.11
C LYS A 96 -40.07 -18.49 -14.99
N PRO A 97 -39.98 -19.19 -13.83
CA PRO A 97 -40.89 -18.84 -12.74
C PRO A 97 -40.53 -17.48 -12.16
N GLU A 98 -41.55 -16.69 -11.90
CA GLU A 98 -41.35 -15.38 -11.33
C GLU A 98 -41.87 -15.42 -9.88
N VAL A 99 -40.95 -15.47 -8.93
CA VAL A 99 -41.30 -15.52 -7.51
C VAL A 99 -41.70 -14.10 -7.07
N LEU A 100 -42.92 -13.99 -6.55
CA LEU A 100 -43.48 -12.72 -6.11
C LEU A 100 -43.16 -12.28 -4.69
N THR A 101 -43.11 -13.24 -3.79
CA THR A 101 -42.84 -12.99 -2.39
C THR A 101 -41.35 -12.97 -2.01
N PRO A 102 -41.03 -12.51 -0.79
CA PRO A 102 -39.66 -12.45 -0.30
C PRO A 102 -39.08 -13.85 -0.24
N GLN A 103 -37.86 -14.03 -0.75
CA GLN A 103 -37.23 -15.33 -0.75
C GLN A 103 -36.54 -15.64 0.60
N LEU A 104 -37.37 -15.92 1.60
CA LEU A 104 -36.95 -16.24 2.95
C LEU A 104 -37.62 -17.52 3.40
N ALA A 105 -36.93 -18.29 4.25
CA ALA A 105 -37.45 -19.55 4.78
C ALA A 105 -37.40 -19.57 6.31
N LEU A 106 -38.25 -20.37 6.94
CA LEU A 106 -38.28 -20.46 8.40
C LEU A 106 -37.67 -21.77 8.86
N VAL A 107 -36.89 -21.73 9.93
CA VAL A 107 -36.25 -22.93 10.44
C VAL A 107 -36.46 -23.18 11.94
N ASN A 108 -36.81 -24.42 12.27
CA ASN A 108 -37.06 -24.87 13.64
C ASN A 108 -35.77 -24.96 14.44
N SER A 109 -35.91 -25.13 15.75
CA SER A 109 -34.76 -25.30 16.61
C SER A 109 -34.30 -26.75 16.40
N SER A 110 -35.24 -27.56 15.91
CA SER A 110 -35.01 -28.98 15.63
C SER A 110 -34.45 -29.18 14.23
N GLY A 111 -34.64 -28.20 13.36
CA GLY A 111 -34.13 -28.31 12.00
C GLY A 111 -35.18 -28.53 10.92
N HIS A 112 -36.38 -28.00 11.13
CA HIS A 112 -37.43 -28.14 10.15
C HIS A 112 -37.61 -26.85 9.34
N VAL A 113 -37.26 -26.89 8.05
CA VAL A 113 -37.38 -25.73 7.17
C VAL A 113 -38.76 -25.62 6.50
N GLN A 114 -39.18 -24.39 6.24
CA GLN A 114 -40.47 -24.13 5.62
C GLN A 114 -40.33 -22.98 4.62
N TYR A 115 -40.65 -23.25 3.35
CA TYR A 115 -40.56 -22.26 2.30
C TYR A 115 -41.91 -22.15 1.58
N LEU A 116 -42.51 -20.95 1.61
CA LEU A 116 -43.82 -20.72 0.99
C LEU A 116 -43.86 -19.62 -0.08
N PRO A 117 -43.12 -19.77 -1.19
CA PRO A 117 -43.14 -18.72 -2.22
C PRO A 117 -44.41 -18.62 -3.08
N SER A 118 -44.76 -17.39 -3.49
CA SER A 118 -45.92 -17.16 -4.36
C SER A 118 -45.32 -16.95 -5.73
N ILE A 119 -45.75 -17.77 -6.68
CA ILE A 119 -45.20 -17.72 -8.02
C ILE A 119 -46.21 -17.47 -9.15
N ARG A 120 -45.74 -16.82 -10.20
CA ARG A 120 -46.55 -16.60 -11.39
C ARG A 120 -45.73 -17.25 -12.48
N GLN A 121 -46.27 -18.26 -13.13
CA GLN A 121 -45.54 -18.97 -14.17
C GLN A 121 -46.50 -19.43 -15.25
N ARG A 122 -45.99 -19.58 -16.48
CA ARG A 122 -46.82 -20.00 -17.59
C ARG A 122 -46.56 -21.45 -17.99
N PHE A 123 -47.63 -22.19 -18.24
CA PHE A 123 -47.51 -23.59 -18.60
C PHE A 123 -48.13 -23.92 -19.94
N SER A 124 -47.59 -24.93 -20.60
CA SER A 124 -48.13 -25.39 -21.87
C SER A 124 -49.35 -26.22 -21.50
N CYS A 125 -50.48 -25.93 -22.13
CA CYS A 125 -51.70 -26.66 -21.80
C CYS A 125 -52.79 -26.56 -22.86
N ASP A 126 -53.62 -27.60 -22.92
CA ASP A 126 -54.72 -27.66 -23.88
C ASP A 126 -55.97 -26.93 -23.39
N VAL A 127 -56.06 -25.65 -23.72
CA VAL A 127 -57.20 -24.85 -23.28
C VAL A 127 -58.28 -24.76 -24.34
N SER A 128 -58.42 -25.82 -25.13
CA SER A 128 -59.43 -25.84 -26.19
C SER A 128 -60.83 -25.66 -25.61
N GLY A 129 -61.20 -26.57 -24.71
CA GLY A 129 -62.52 -26.51 -24.11
C GLY A 129 -62.61 -25.68 -22.86
N VAL A 130 -62.25 -24.41 -22.95
CA VAL A 130 -62.30 -23.52 -21.80
C VAL A 130 -63.63 -22.78 -21.77
N ASP A 131 -64.36 -22.88 -22.89
CA ASP A 131 -65.67 -22.24 -23.00
C ASP A 131 -66.77 -23.28 -22.82
N THR A 132 -66.45 -24.54 -23.10
CA THR A 132 -67.42 -25.63 -22.95
C THR A 132 -67.72 -25.84 -21.48
N GLU A 133 -68.88 -26.39 -21.17
CA GLU A 133 -69.25 -26.62 -19.78
C GLU A 133 -68.40 -27.72 -19.17
N SER A 134 -67.81 -28.54 -20.03
CA SER A 134 -66.95 -29.64 -19.59
C SER A 134 -65.70 -29.06 -18.93
N GLY A 135 -65.14 -28.03 -19.56
CA GLY A 135 -63.96 -27.36 -19.05
C GLY A 135 -62.59 -27.84 -19.49
N ALA A 136 -61.65 -26.91 -19.61
CA ALA A 136 -60.27 -27.21 -20.01
C ALA A 136 -59.49 -27.76 -18.80
N THR A 137 -58.59 -28.70 -19.06
CA THR A 137 -57.82 -29.32 -18.00
C THR A 137 -56.32 -29.16 -18.22
N CYS A 138 -55.62 -28.64 -17.21
CA CYS A 138 -54.17 -28.42 -17.26
C CYS A 138 -53.47 -29.23 -16.20
N LYS A 139 -52.33 -29.77 -16.57
CA LYS A 139 -51.57 -30.57 -15.64
C LYS A 139 -50.26 -29.85 -15.31
N LEU A 140 -50.03 -29.59 -14.03
CA LEU A 140 -48.81 -28.93 -13.60
C LEU A 140 -47.93 -29.99 -12.96
N LYS A 141 -46.96 -30.50 -13.71
CA LYS A 141 -46.07 -31.52 -13.21
C LYS A 141 -44.80 -30.93 -12.58
N PHE A 142 -44.58 -31.23 -11.31
CA PHE A 142 -43.42 -30.74 -10.57
C PHE A 142 -42.54 -31.90 -10.17
N GLY A 143 -41.26 -31.65 -9.90
CA GLY A 143 -40.41 -32.74 -9.50
C GLY A 143 -38.97 -32.35 -9.34
N SER A 144 -38.26 -33.10 -8.50
CA SER A 144 -36.85 -32.84 -8.28
C SER A 144 -36.23 -32.89 -9.67
N TRP A 145 -35.06 -32.28 -9.82
CA TRP A 145 -34.42 -32.22 -11.12
C TRP A 145 -33.09 -32.97 -11.20
N THR A 146 -32.37 -33.08 -10.08
CA THR A 146 -31.10 -33.80 -10.07
C THR A 146 -31.05 -34.94 -9.04
N HIS A 147 -32.01 -34.96 -8.13
CA HIS A 147 -32.04 -36.00 -7.12
C HIS A 147 -33.15 -37.02 -7.33
N HIS A 148 -32.81 -38.31 -7.24
CA HIS A 148 -33.79 -39.39 -7.43
C HIS A 148 -34.56 -39.72 -6.16
N SER A 149 -35.26 -40.85 -6.16
CA SER A 149 -36.07 -41.24 -5.01
C SER A 149 -35.30 -41.45 -3.73
N ARG A 150 -34.14 -42.09 -3.80
CA ARG A 150 -33.33 -42.33 -2.62
C ARG A 150 -32.72 -41.09 -2.01
N GLU A 151 -32.47 -40.06 -2.83
CA GLU A 151 -31.87 -38.84 -2.31
C GLU A 151 -32.91 -37.86 -1.82
N LEU A 152 -33.94 -37.62 -2.63
CA LEU A 152 -34.99 -36.67 -2.29
C LEU A 152 -36.37 -37.28 -2.50
N ASP A 153 -37.06 -37.54 -1.40
CA ASP A 153 -38.41 -38.13 -1.44
C ASP A 153 -39.52 -37.09 -1.40
N LEU A 154 -40.26 -36.98 -2.51
CA LEU A 154 -41.37 -36.04 -2.61
C LEU A 154 -42.65 -36.66 -2.07
N GLN A 155 -43.30 -35.97 -1.14
CA GLN A 155 -44.54 -36.46 -0.58
C GLN A 155 -45.57 -35.33 -0.57
N MET A 156 -46.60 -35.47 -1.38
CA MET A 156 -47.64 -34.45 -1.45
C MET A 156 -48.58 -34.44 -0.25
N GLN A 157 -49.00 -33.25 0.16
CA GLN A 157 -49.92 -33.12 1.28
C GLN A 157 -51.20 -32.42 0.81
N GLU A 158 -52.18 -32.33 1.71
CA GLU A 158 -53.49 -31.71 1.43
C GLU A 158 -53.49 -30.47 0.51
N ALA A 159 -54.10 -30.61 -0.66
CA ALA A 159 -54.18 -29.51 -1.63
C ALA A 159 -55.24 -28.48 -1.19
N ASP A 160 -54.79 -27.30 -0.77
CA ASP A 160 -55.70 -26.23 -0.34
C ASP A 160 -56.24 -25.49 -1.56
N ILE A 161 -57.56 -25.32 -1.62
CA ILE A 161 -58.21 -24.66 -2.74
C ILE A 161 -59.01 -23.42 -2.32
N SER A 162 -59.09 -23.18 -1.01
CA SER A 162 -59.82 -22.03 -0.49
C SER A 162 -59.09 -20.71 -0.77
N GLY A 163 -57.96 -20.79 -1.46
CA GLY A 163 -57.19 -19.61 -1.77
C GLY A 163 -57.56 -18.93 -3.07
N TYR A 164 -58.32 -19.63 -3.92
CA TYR A 164 -58.73 -19.12 -5.24
C TYR A 164 -59.52 -17.81 -5.16
N ILE A 165 -59.27 -16.94 -6.14
CA ILE A 165 -59.95 -15.64 -6.21
C ILE A 165 -61.44 -15.82 -6.54
N PRO A 166 -62.34 -15.27 -5.68
CA PRO A 166 -63.80 -15.33 -5.81
C PRO A 166 -64.33 -14.84 -7.16
N TYR A 167 -63.86 -13.67 -7.62
CA TYR A 167 -64.27 -13.12 -8.91
C TYR A 167 -63.51 -13.89 -10.00
N SER A 168 -62.70 -13.19 -10.77
CA SER A 168 -61.92 -13.87 -11.82
C SER A 168 -62.80 -14.32 -12.97
N ARG A 169 -62.29 -14.15 -14.18
CA ARG A 169 -63.00 -14.52 -15.38
C ARG A 169 -63.24 -16.04 -15.42
N PHE A 170 -62.46 -16.79 -14.64
CA PHE A 170 -62.61 -18.25 -14.64
C PHE A 170 -63.03 -18.79 -13.29
N GLU A 171 -63.53 -20.04 -13.29
CA GLU A 171 -63.97 -20.70 -12.07
C GLU A 171 -63.40 -22.13 -12.04
N LEU A 172 -62.98 -22.58 -10.87
CA LEU A 172 -62.42 -23.91 -10.72
C LEU A 172 -63.45 -25.03 -10.70
N VAL A 173 -63.33 -25.97 -11.62
CA VAL A 173 -64.25 -27.09 -11.68
C VAL A 173 -63.67 -28.23 -10.86
N GLY A 174 -62.35 -28.26 -10.73
CA GLY A 174 -61.72 -29.33 -9.96
C GLY A 174 -60.20 -29.35 -9.96
N VAL A 175 -59.64 -29.77 -8.83
CA VAL A 175 -58.18 -29.89 -8.65
C VAL A 175 -57.90 -31.28 -8.08
N THR A 176 -57.07 -32.07 -8.77
CA THR A 176 -56.79 -33.42 -8.29
C THR A 176 -55.52 -33.62 -7.44
N GLN A 177 -54.34 -33.58 -8.05
CA GLN A 177 -53.08 -33.76 -7.31
C GLN A 177 -52.80 -35.23 -6.97
N LYS A 178 -51.75 -35.79 -7.54
CA LYS A 178 -51.38 -37.17 -7.27
C LYS A 178 -49.91 -37.41 -7.62
N ARG A 179 -49.13 -37.93 -6.67
CA ARG A 179 -47.71 -38.20 -6.88
C ARG A 179 -47.45 -39.58 -7.49
N SER A 180 -46.51 -39.64 -8.43
CA SER A 180 -46.15 -40.87 -9.11
C SER A 180 -44.65 -41.04 -9.20
N GLU A 181 -44.17 -42.26 -9.03
CA GLU A 181 -42.73 -42.53 -9.11
C GLU A 181 -42.54 -43.09 -10.52
N ARG A 182 -41.89 -42.28 -11.37
CA ARG A 182 -41.65 -42.56 -12.80
C ARG A 182 -40.17 -42.76 -13.21
N PHE A 183 -39.93 -43.71 -14.11
CA PHE A 183 -38.59 -44.05 -14.60
C PHE A 183 -38.14 -43.35 -15.87
N TYR A 184 -36.88 -42.96 -15.93
CA TYR A 184 -36.34 -42.31 -17.11
C TYR A 184 -35.11 -43.09 -17.56
N GLU A 185 -34.83 -43.08 -18.86
CA GLU A 185 -33.68 -43.79 -19.41
C GLU A 185 -32.40 -43.26 -18.77
N CYS A 186 -31.45 -44.15 -18.47
CA CYS A 186 -30.21 -43.77 -17.78
C CYS A 186 -30.54 -43.81 -16.32
N CYS A 187 -29.57 -43.35 -15.54
CA CYS A 187 -29.72 -43.18 -14.11
C CYS A 187 -30.57 -44.27 -13.45
N LYS A 188 -29.91 -45.26 -12.85
CA LYS A 188 -30.59 -46.37 -12.21
C LYS A 188 -31.89 -46.02 -11.48
N GLU A 189 -31.83 -45.04 -10.58
CA GLU A 189 -32.99 -44.64 -9.79
C GLU A 189 -34.14 -43.97 -10.52
N PRO A 190 -35.35 -44.01 -9.94
CA PRO A 190 -36.56 -43.41 -10.52
C PRO A 190 -36.78 -42.01 -9.91
N TYR A 191 -37.42 -41.11 -10.67
CA TYR A 191 -37.70 -39.75 -10.17
C TYR A 191 -39.15 -39.47 -9.81
N PRO A 192 -39.39 -39.14 -8.53
CA PRO A 192 -40.71 -38.83 -8.01
C PRO A 192 -41.17 -37.46 -8.47
N ASP A 193 -42.41 -37.39 -8.95
CA ASP A 193 -42.98 -36.14 -9.43
C ASP A 193 -44.45 -35.98 -9.04
N VAL A 194 -44.81 -34.81 -8.53
CA VAL A 194 -46.19 -34.54 -8.15
C VAL A 194 -46.87 -33.76 -9.30
N THR A 195 -48.05 -34.20 -9.70
CA THR A 195 -48.75 -33.56 -10.81
C THR A 195 -50.11 -33.02 -10.42
N PHE A 196 -50.26 -31.68 -10.40
CA PHE A 196 -51.53 -31.04 -10.07
C PHE A 196 -52.41 -30.86 -11.31
N THR A 197 -53.54 -31.54 -11.34
CA THR A 197 -54.44 -31.44 -12.49
C THR A 197 -55.56 -30.47 -12.15
N VAL A 198 -55.52 -29.31 -12.79
CA VAL A 198 -56.52 -28.26 -12.59
C VAL A 198 -57.54 -28.20 -13.73
N THR A 199 -58.83 -28.17 -13.38
CA THR A 199 -59.91 -28.08 -14.36
C THR A 199 -60.70 -26.80 -14.11
N PHE A 200 -60.88 -25.98 -15.15
CA PHE A 200 -61.60 -24.72 -15.02
C PHE A 200 -62.43 -24.38 -16.27
N ARG A 201 -63.38 -23.47 -16.12
CA ARG A 201 -64.23 -23.06 -17.23
C ARG A 201 -64.55 -21.59 -17.06
N LYS A 202 -64.77 -20.91 -18.18
CA LYS A 202 -65.09 -19.48 -18.16
C LYS A 202 -66.48 -19.26 -17.56
N LYS A 203 -66.60 -18.27 -16.69
CA LYS A 203 -67.88 -17.97 -16.07
C LYS A 203 -68.82 -17.34 -17.11
N GLY A 204 -70.05 -17.82 -17.15
CA GLY A 204 -71.03 -17.30 -18.08
C GLY A 204 -72.46 -17.36 -17.56
N GLN B 3 -19.27 -35.86 5.90
CA GLN B 3 -19.99 -36.71 4.90
C GLN B 3 -19.77 -36.27 3.44
N ARG B 4 -20.00 -34.98 3.18
CA ARG B 4 -19.77 -34.41 1.85
C ARG B 4 -18.70 -33.33 1.87
N LYS B 5 -17.47 -33.76 2.11
CA LYS B 5 -16.33 -32.88 2.10
C LYS B 5 -15.92 -33.01 0.64
N LEU B 6 -16.68 -33.85 -0.07
CA LEU B 6 -16.46 -34.12 -1.47
C LEU B 6 -16.55 -32.82 -2.26
N TYR B 7 -17.57 -32.03 -1.94
CA TYR B 7 -17.76 -30.74 -2.60
C TYR B 7 -16.55 -29.85 -2.36
N LYS B 8 -16.15 -29.70 -1.09
CA LYS B 8 -15.00 -28.87 -0.75
C LYS B 8 -13.78 -29.28 -1.56
N GLU B 9 -13.65 -30.58 -1.81
CA GLU B 9 -12.52 -31.11 -2.56
C GLU B 9 -12.67 -30.95 -4.08
N LEU B 10 -13.86 -31.24 -4.59
CA LEU B 10 -14.09 -31.13 -6.03
C LEU B 10 -13.85 -29.71 -6.56
N VAL B 11 -14.13 -28.71 -5.76
CA VAL B 11 -13.96 -27.32 -6.18
C VAL B 11 -12.57 -26.75 -5.85
N LYS B 12 -11.92 -27.30 -4.82
CA LYS B 12 -10.61 -26.84 -4.35
C LYS B 12 -9.67 -26.25 -5.43
N ASN B 13 -9.24 -27.08 -6.37
CA ASN B 13 -8.36 -26.62 -7.45
C ASN B 13 -9.08 -26.69 -8.77
N TYR B 14 -10.13 -25.87 -8.89
CA TYR B 14 -10.92 -25.86 -10.10
C TYR B 14 -11.18 -24.45 -10.60
N ASN B 15 -10.97 -24.26 -11.90
CA ASN B 15 -11.20 -22.99 -12.57
C ASN B 15 -12.09 -23.38 -13.76
N PRO B 16 -13.41 -23.18 -13.62
CA PRO B 16 -14.43 -23.50 -14.62
C PRO B 16 -14.31 -22.88 -16.01
N ASP B 17 -13.32 -22.01 -16.18
CA ASP B 17 -13.10 -21.36 -17.48
C ASP B 17 -12.07 -22.16 -18.29
N VAL B 18 -11.67 -23.30 -17.75
CA VAL B 18 -10.69 -24.15 -18.40
C VAL B 18 -11.28 -25.47 -18.85
N ILE B 19 -11.28 -25.70 -20.15
CA ILE B 19 -11.80 -26.93 -20.69
C ILE B 19 -10.90 -28.06 -20.18
N PRO B 20 -11.48 -29.05 -19.50
CA PRO B 20 -10.71 -30.17 -18.96
C PRO B 20 -10.20 -31.15 -20.02
N THR B 21 -9.15 -30.75 -20.73
CA THR B 21 -8.54 -31.59 -21.76
C THR B 21 -7.26 -32.19 -21.20
N GLN B 22 -6.90 -33.40 -21.64
CA GLN B 22 -5.66 -33.99 -21.17
C GLN B 22 -4.70 -34.10 -22.35
N ARG B 23 -4.56 -32.96 -23.03
CA ARG B 23 -3.72 -32.76 -24.21
C ARG B 23 -3.79 -33.88 -25.23
N ASP B 24 -4.21 -33.50 -26.44
CA ASP B 24 -4.39 -34.42 -27.57
C ASP B 24 -5.56 -35.35 -27.32
N ARG B 25 -6.19 -35.14 -26.16
CA ARG B 25 -7.35 -35.90 -25.77
C ARG B 25 -8.48 -34.87 -25.66
N PRO B 26 -9.12 -34.57 -26.79
CA PRO B 26 -10.22 -33.60 -26.88
C PRO B 26 -11.44 -34.00 -26.06
N VAL B 27 -11.92 -33.09 -25.23
CA VAL B 27 -13.10 -33.36 -24.42
C VAL B 27 -14.26 -33.62 -25.37
N THR B 28 -14.79 -34.82 -25.36
CA THR B 28 -15.90 -35.14 -26.23
C THR B 28 -17.21 -34.93 -25.49
N VAL B 29 -18.09 -34.11 -26.07
CA VAL B 29 -19.41 -33.83 -25.47
C VAL B 29 -20.52 -34.41 -26.33
N TYR B 30 -21.37 -35.22 -25.72
CA TYR B 30 -22.48 -35.82 -26.46
C TYR B 30 -23.68 -34.90 -26.41
N PHE B 31 -23.94 -34.28 -27.55
CA PHE B 31 -25.03 -33.32 -27.72
C PHE B 31 -26.32 -33.95 -28.27
N SER B 32 -27.45 -33.38 -27.89
CA SER B 32 -28.73 -33.89 -28.37
C SER B 32 -29.86 -32.96 -28.00
N LEU B 33 -30.75 -32.70 -28.95
CA LEU B 33 -31.87 -31.80 -28.72
C LEU B 33 -33.19 -32.54 -28.86
N SER B 34 -34.16 -32.16 -28.04
CA SER B 34 -35.49 -32.77 -28.05
C SER B 34 -36.54 -31.66 -28.08
N LEU B 35 -37.24 -31.53 -29.21
CA LEU B 35 -38.27 -30.50 -29.35
C LEU B 35 -39.47 -30.78 -28.46
N LEU B 36 -39.87 -29.75 -27.72
CA LEU B 36 -40.99 -29.83 -26.78
C LEU B 36 -42.24 -29.16 -27.33
N GLN B 37 -42.08 -28.03 -28.01
CA GLN B 37 -43.22 -27.32 -28.56
C GLN B 37 -42.81 -26.07 -29.32
N ILE B 38 -43.57 -25.77 -30.36
CA ILE B 38 -43.35 -24.58 -31.17
C ILE B 38 -44.41 -23.60 -30.70
N MET B 39 -43.95 -22.51 -30.09
CA MET B 39 -44.82 -21.48 -29.53
C MET B 39 -45.50 -20.57 -30.55
N ASP B 40 -44.70 -19.84 -31.30
CA ASP B 40 -45.27 -18.94 -32.29
C ASP B 40 -44.44 -18.93 -33.56
N VAL B 41 -45.00 -18.38 -34.64
CA VAL B 41 -44.30 -18.27 -35.90
C VAL B 41 -44.62 -16.88 -36.42
N ASP B 42 -43.59 -16.06 -36.55
CA ASP B 42 -43.78 -14.71 -37.03
C ASP B 42 -43.51 -14.72 -38.51
N GLU B 43 -44.56 -14.87 -39.31
CA GLU B 43 -44.42 -14.89 -40.75
C GLU B 43 -43.97 -13.52 -41.27
N LYS B 44 -44.32 -12.48 -40.53
CA LYS B 44 -43.96 -11.11 -40.91
C LYS B 44 -42.44 -10.87 -40.84
N ASN B 45 -41.81 -11.29 -39.75
CA ASN B 45 -40.37 -11.10 -39.57
C ASN B 45 -39.52 -12.34 -39.73
N GLN B 46 -40.15 -13.47 -40.05
CA GLN B 46 -39.46 -14.75 -40.25
C GLN B 46 -38.67 -15.25 -39.02
N VAL B 47 -39.39 -15.64 -37.97
CA VAL B 47 -38.81 -16.15 -36.72
C VAL B 47 -39.73 -17.17 -36.04
N VAL B 48 -39.15 -18.17 -35.36
CA VAL B 48 -39.96 -19.16 -34.65
C VAL B 48 -39.58 -19.14 -33.18
N ASP B 49 -40.57 -19.32 -32.30
CA ASP B 49 -40.35 -19.34 -30.86
C ASP B 49 -40.38 -20.82 -30.52
N VAL B 50 -39.28 -21.36 -30.04
CA VAL B 50 -39.20 -22.77 -29.73
C VAL B 50 -38.80 -23.08 -28.28
N VAL B 51 -39.33 -24.18 -27.74
CA VAL B 51 -38.99 -24.59 -26.38
C VAL B 51 -38.46 -26.00 -26.53
N PHE B 52 -37.19 -26.19 -26.17
CA PHE B 52 -36.58 -27.50 -26.32
C PHE B 52 -35.92 -28.03 -25.04
N TRP B 53 -35.35 -29.23 -25.16
CA TRP B 53 -34.75 -29.93 -24.04
C TRP B 53 -33.34 -30.37 -24.39
N LEU B 54 -32.34 -29.53 -24.14
CA LEU B 54 -30.96 -29.88 -24.46
C LEU B 54 -30.40 -30.98 -23.60
N GLN B 55 -29.70 -31.92 -24.23
CA GLN B 55 -29.09 -33.01 -23.50
C GLN B 55 -27.58 -33.00 -23.79
N MET B 56 -26.80 -32.67 -22.77
CA MET B 56 -25.35 -32.61 -22.91
C MET B 56 -24.66 -33.45 -21.86
N SER B 57 -23.64 -34.20 -22.27
CA SER B 57 -22.88 -35.04 -21.34
C SER B 57 -21.43 -35.08 -21.81
N TRP B 58 -20.50 -34.98 -20.86
CA TRP B 58 -19.07 -35.03 -21.17
C TRP B 58 -18.32 -35.61 -19.98
N THR B 59 -17.01 -35.77 -20.12
CA THR B 59 -16.23 -36.34 -19.03
C THR B 59 -15.18 -35.34 -18.54
N ASP B 60 -15.31 -34.96 -17.27
CA ASP B 60 -14.40 -34.01 -16.64
C ASP B 60 -13.43 -34.80 -15.77
N HIS B 61 -12.20 -35.00 -16.23
CA HIS B 61 -11.26 -35.77 -15.45
C HIS B 61 -10.94 -35.12 -14.11
N TYR B 62 -11.08 -33.81 -14.02
CA TYR B 62 -10.80 -33.12 -12.77
C TYR B 62 -11.85 -33.45 -11.70
N LEU B 63 -12.98 -33.99 -12.10
CA LEU B 63 -14.05 -34.29 -11.16
C LEU B 63 -14.33 -35.76 -10.84
N GLN B 64 -13.29 -36.55 -10.61
CA GLN B 64 -13.52 -37.95 -10.27
C GLN B 64 -13.01 -38.22 -8.86
N TRP B 65 -13.57 -39.25 -8.22
CA TRP B 65 -13.16 -39.58 -6.85
C TRP B 65 -13.27 -41.08 -6.55
N ASN B 66 -12.54 -41.52 -5.51
CA ASN B 66 -12.53 -42.92 -5.09
C ASN B 66 -13.86 -43.25 -4.40
N VAL B 67 -14.69 -44.05 -5.06
CA VAL B 67 -15.99 -44.45 -4.52
C VAL B 67 -15.96 -44.90 -3.05
N SER B 68 -14.77 -45.28 -2.59
CA SER B 68 -14.58 -45.74 -1.21
C SER B 68 -14.12 -44.63 -0.26
N GLU B 69 -13.14 -43.83 -0.68
CA GLU B 69 -12.63 -42.75 0.15
C GLU B 69 -13.76 -41.87 0.65
N TYR B 70 -14.90 -41.94 -0.04
CA TYR B 70 -16.07 -41.17 0.35
C TYR B 70 -17.18 -42.17 0.59
N PRO B 71 -17.77 -42.13 1.80
CA PRO B 71 -18.86 -43.02 2.24
C PRO B 71 -19.61 -43.73 1.10
N GLY B 72 -20.87 -43.34 0.87
CA GLY B 72 -21.67 -43.93 -0.17
C GLY B 72 -22.08 -42.91 -1.21
N VAL B 73 -21.20 -41.92 -1.43
CA VAL B 73 -21.44 -40.82 -2.37
C VAL B 73 -21.19 -41.22 -3.85
N LYS B 74 -22.23 -41.70 -4.52
CA LYS B 74 -22.14 -42.10 -5.93
C LYS B 74 -22.10 -40.94 -6.94
N GLN B 75 -23.10 -40.05 -6.88
CA GLN B 75 -23.18 -38.90 -7.79
C GLN B 75 -23.60 -37.64 -7.02
N VAL B 76 -23.07 -36.48 -7.40
CA VAL B 76 -23.45 -35.25 -6.71
C VAL B 76 -24.14 -34.27 -7.65
N SER B 77 -24.90 -33.33 -7.06
CA SER B 77 -25.62 -32.31 -7.80
C SER B 77 -24.94 -30.94 -7.61
N VAL B 78 -24.27 -30.47 -8.65
CA VAL B 78 -23.54 -29.20 -8.63
C VAL B 78 -24.09 -28.11 -9.56
N PRO B 79 -23.94 -26.83 -9.18
CA PRO B 79 -24.38 -25.65 -9.95
C PRO B 79 -23.44 -25.41 -11.12
N ILE B 80 -23.97 -25.40 -12.35
CA ILE B 80 -23.15 -25.21 -13.56
C ILE B 80 -22.16 -24.06 -13.47
N SER B 81 -22.41 -23.13 -12.55
CA SER B 81 -21.55 -21.98 -12.35
C SER B 81 -20.30 -22.38 -11.60
N SER B 82 -20.27 -23.63 -11.14
CA SER B 82 -19.15 -24.16 -10.38
C SER B 82 -18.15 -24.96 -11.20
N LEU B 83 -18.60 -25.58 -12.28
CA LEU B 83 -17.71 -26.36 -13.13
C LEU B 83 -17.70 -25.87 -14.59
N TRP B 84 -16.83 -26.47 -15.40
CA TRP B 84 -16.75 -26.11 -16.80
C TRP B 84 -17.93 -26.76 -17.48
N VAL B 85 -18.52 -26.01 -18.40
CA VAL B 85 -19.66 -26.46 -19.16
C VAL B 85 -19.52 -26.00 -20.63
N PRO B 86 -19.80 -26.89 -21.60
CA PRO B 86 -19.71 -26.60 -23.03
C PRO B 86 -20.31 -25.25 -23.42
N ASP B 87 -19.52 -24.40 -24.08
CA ASP B 87 -19.98 -23.09 -24.50
C ASP B 87 -20.77 -23.15 -25.80
N LEU B 88 -21.63 -24.15 -25.94
CA LEU B 88 -22.44 -24.30 -27.14
C LEU B 88 -23.34 -23.11 -27.35
N ALA B 89 -23.46 -22.66 -28.60
CA ALA B 89 -24.30 -21.52 -28.90
C ALA B 89 -25.21 -21.79 -30.09
N ALA B 90 -26.37 -21.16 -30.07
CA ALA B 90 -27.32 -21.30 -31.16
C ALA B 90 -26.80 -20.33 -32.22
N TYR B 91 -26.48 -20.84 -33.40
CA TYR B 91 -25.92 -19.99 -34.45
C TYR B 91 -26.87 -18.99 -35.09
N ASN B 92 -28.11 -19.41 -35.31
CA ASN B 92 -29.07 -18.54 -35.95
C ASN B 92 -30.07 -17.99 -34.95
N ALA B 93 -29.64 -17.74 -33.73
CA ALA B 93 -30.58 -17.24 -32.73
C ALA B 93 -30.73 -15.72 -32.84
N ILE B 94 -31.92 -15.22 -32.53
CA ILE B 94 -32.18 -13.80 -32.58
C ILE B 94 -32.70 -13.31 -31.24
N SER B 95 -32.51 -14.13 -30.21
CA SER B 95 -32.90 -13.78 -28.86
C SER B 95 -32.03 -14.56 -27.89
N LYS B 96 -31.74 -13.97 -26.74
CA LYS B 96 -30.92 -14.63 -25.75
C LYS B 96 -31.67 -15.88 -25.27
N PRO B 97 -30.94 -16.98 -25.02
CA PRO B 97 -31.64 -18.19 -24.57
C PRO B 97 -32.16 -18.00 -23.16
N GLU B 98 -33.40 -18.44 -22.93
CA GLU B 98 -34.01 -18.33 -21.61
C GLU B 98 -34.10 -19.74 -21.04
N VAL B 99 -33.21 -20.07 -20.10
CA VAL B 99 -33.21 -21.38 -19.48
C VAL B 99 -34.34 -21.45 -18.42
N LEU B 100 -35.25 -22.40 -18.61
CA LEU B 100 -36.43 -22.56 -17.74
C LEU B 100 -36.24 -23.37 -16.48
N THR B 101 -35.42 -24.41 -16.57
CA THR B 101 -35.14 -25.32 -15.47
C THR B 101 -33.96 -24.90 -14.59
N PRO B 102 -33.79 -25.54 -13.41
CA PRO B 102 -32.70 -25.25 -12.46
C PRO B 102 -31.36 -25.50 -13.11
N GLN B 103 -30.43 -24.56 -12.97
CA GLN B 103 -29.12 -24.72 -13.58
C GLN B 103 -28.17 -25.55 -12.73
N LEU B 104 -28.45 -26.85 -12.69
CA LEU B 104 -27.68 -27.84 -11.94
C LEU B 104 -27.28 -28.98 -12.87
N ALA B 105 -26.13 -29.59 -12.59
CA ALA B 105 -25.62 -30.70 -13.39
C ALA B 105 -25.32 -31.90 -12.47
N LEU B 106 -25.32 -33.11 -13.04
CA LEU B 106 -25.02 -34.32 -12.28
C LEU B 106 -23.63 -34.82 -12.63
N VAL B 107 -22.89 -35.28 -11.63
CA VAL B 107 -21.53 -35.80 -11.85
C VAL B 107 -21.29 -37.19 -11.24
N ASN B 108 -20.66 -38.06 -12.04
CA ASN B 108 -20.31 -39.44 -11.68
C ASN B 108 -19.16 -39.49 -10.71
N SER B 109 -18.94 -40.65 -10.11
CA SER B 109 -17.82 -40.83 -9.21
C SER B 109 -16.59 -40.94 -10.12
N SER B 110 -16.86 -41.29 -11.37
CA SER B 110 -15.82 -41.47 -12.40
C SER B 110 -15.51 -40.15 -13.11
N GLY B 111 -16.43 -39.20 -13.01
CA GLY B 111 -16.22 -37.91 -13.64
C GLY B 111 -17.05 -37.62 -14.87
N HIS B 112 -18.25 -38.20 -14.95
CA HIS B 112 -19.12 -37.98 -16.10
C HIS B 112 -20.23 -36.96 -15.79
N VAL B 113 -20.16 -35.78 -16.40
CA VAL B 113 -21.17 -34.74 -16.17
C VAL B 113 -22.39 -34.85 -17.10
N GLN B 114 -23.53 -34.42 -16.59
CA GLN B 114 -24.77 -34.48 -17.35
C GLN B 114 -25.58 -33.22 -17.09
N TYR B 115 -25.86 -32.45 -18.15
CA TYR B 115 -26.62 -31.20 -18.03
C TYR B 115 -27.83 -31.25 -18.98
N LEU B 116 -29.04 -31.15 -18.43
CA LEU B 116 -30.28 -31.22 -19.23
C LEU B 116 -31.21 -30.02 -19.12
N PRO B 117 -30.74 -28.82 -19.51
CA PRO B 117 -31.61 -27.65 -19.42
C PRO B 117 -32.77 -27.56 -20.42
N SER B 118 -33.88 -26.96 -19.98
CA SER B 118 -35.04 -26.75 -20.85
C SER B 118 -34.97 -25.29 -21.24
N ILE B 119 -34.94 -25.04 -22.54
CA ILE B 119 -34.80 -23.68 -23.02
C ILE B 119 -35.89 -23.20 -23.96
N ARG B 120 -36.16 -21.91 -23.91
CA ARG B 120 -37.10 -21.26 -24.82
C ARG B 120 -36.23 -20.22 -25.52
N GLN B 121 -36.11 -20.32 -26.84
CA GLN B 121 -35.28 -19.39 -27.59
C GLN B 121 -35.89 -19.14 -28.96
N ARG B 122 -35.64 -17.97 -29.53
CA ARG B 122 -36.20 -17.65 -30.84
C ARG B 122 -35.13 -17.71 -31.92
N PHE B 123 -35.49 -18.30 -33.08
CA PHE B 123 -34.55 -18.45 -34.19
C PHE B 123 -35.04 -17.82 -35.47
N SER B 124 -34.09 -17.38 -36.29
CA SER B 124 -34.41 -16.78 -37.58
C SER B 124 -34.73 -17.95 -38.48
N CYS B 125 -35.87 -17.91 -39.17
CA CYS B 125 -36.24 -19.02 -40.02
C CYS B 125 -37.29 -18.68 -41.06
N ASP B 126 -37.26 -19.40 -42.17
CA ASP B 126 -38.21 -19.19 -43.26
C ASP B 126 -39.53 -19.95 -43.04
N VAL B 127 -40.49 -19.28 -42.39
CA VAL B 127 -41.78 -19.92 -42.12
C VAL B 127 -42.82 -19.58 -43.19
N SER B 128 -42.38 -19.41 -44.42
CA SER B 128 -43.30 -19.08 -45.50
C SER B 128 -44.35 -20.15 -45.69
N GLY B 129 -43.88 -21.36 -45.94
CA GLY B 129 -44.82 -22.46 -46.14
C GLY B 129 -45.20 -23.21 -44.89
N VAL B 130 -45.75 -22.51 -43.91
CA VAL B 130 -46.17 -23.15 -42.67
C VAL B 130 -47.63 -23.55 -42.77
N ASP B 131 -48.30 -23.06 -43.80
CA ASP B 131 -49.71 -23.37 -44.03
C ASP B 131 -49.83 -24.41 -45.14
N THR B 132 -48.82 -24.49 -46.00
CA THR B 132 -48.83 -25.47 -47.08
C THR B 132 -48.67 -26.86 -46.49
N GLU B 133 -49.13 -27.87 -47.21
CA GLU B 133 -49.02 -29.24 -46.72
C GLU B 133 -47.56 -29.68 -46.73
N SER B 134 -46.75 -29.00 -47.55
CA SER B 134 -45.34 -29.32 -47.64
C SER B 134 -44.65 -29.04 -46.31
N GLY B 135 -44.99 -27.89 -45.72
CA GLY B 135 -44.44 -27.49 -44.42
C GLY B 135 -43.18 -26.63 -44.38
N ALA B 136 -43.12 -25.74 -43.40
CA ALA B 136 -41.98 -24.86 -43.23
C ALA B 136 -40.85 -25.63 -42.57
N THR B 137 -39.61 -25.33 -42.95
CA THR B 137 -38.46 -26.00 -42.40
C THR B 137 -37.46 -25.04 -41.73
N CYS B 138 -37.11 -25.34 -40.48
CA CYS B 138 -36.19 -24.50 -39.71
C CYS B 138 -34.97 -25.29 -39.34
N LYS B 139 -33.82 -24.63 -39.39
CA LYS B 139 -32.57 -25.28 -39.04
C LYS B 139 -32.00 -24.65 -37.79
N LEU B 140 -31.78 -25.45 -36.77
CA LEU B 140 -31.22 -24.97 -35.53
C LEU B 140 -29.77 -25.46 -35.47
N LYS B 141 -28.85 -24.56 -35.80
CA LYS B 141 -27.43 -24.87 -35.81
C LYS B 141 -26.78 -24.52 -34.47
N PHE B 142 -26.20 -25.53 -33.83
CA PHE B 142 -25.51 -25.34 -32.56
C PHE B 142 -24.03 -25.66 -32.73
N GLY B 143 -23.19 -25.15 -31.83
CA GLY B 143 -21.77 -25.45 -31.93
C GLY B 143 -20.96 -24.68 -30.92
N SER B 144 -19.74 -25.13 -30.63
CA SER B 144 -18.93 -24.38 -29.68
C SER B 144 -18.78 -22.95 -30.20
N TRP B 145 -18.51 -22.03 -29.30
CA TRP B 145 -18.37 -20.64 -29.68
C TRP B 145 -16.91 -20.26 -29.72
N THR B 146 -16.04 -21.05 -29.07
CA THR B 146 -14.60 -20.75 -29.05
C THR B 146 -13.59 -21.91 -29.26
N HIS B 147 -13.94 -23.13 -28.85
CA HIS B 147 -13.06 -24.29 -28.99
C HIS B 147 -13.27 -25.03 -30.32
N HIS B 148 -12.16 -25.42 -30.97
CA HIS B 148 -12.23 -26.14 -32.24
C HIS B 148 -12.37 -27.66 -32.09
N SER B 149 -12.17 -28.41 -33.16
CA SER B 149 -12.32 -29.85 -33.11
C SER B 149 -11.40 -30.57 -32.15
N ARG B 150 -10.13 -30.16 -32.11
CA ARG B 150 -9.14 -30.78 -31.24
C ARG B 150 -9.37 -30.54 -29.75
N GLU B 151 -10.00 -29.41 -29.42
CA GLU B 151 -10.27 -29.08 -28.02
C GLU B 151 -11.59 -29.63 -27.54
N LEU B 152 -12.65 -29.41 -28.32
CA LEU B 152 -13.99 -29.85 -27.96
C LEU B 152 -14.65 -30.59 -29.12
N ASP B 153 -14.81 -31.90 -28.97
CA ASP B 153 -15.42 -32.72 -30.00
C ASP B 153 -16.93 -32.93 -29.78
N LEU B 154 -17.73 -32.38 -30.69
CA LEU B 154 -19.18 -32.53 -30.61
C LEU B 154 -19.65 -33.81 -31.28
N GLN B 155 -20.43 -34.61 -30.57
CA GLN B 155 -20.94 -35.85 -31.16
C GLN B 155 -22.42 -35.97 -30.83
N MET B 156 -23.24 -35.90 -31.87
CA MET B 156 -24.69 -35.99 -31.69
C MET B 156 -25.18 -37.39 -31.40
N GLN B 157 -26.19 -37.51 -30.56
CA GLN B 157 -26.77 -38.80 -30.22
C GLN B 157 -28.26 -38.82 -30.56
N GLU B 158 -28.88 -39.98 -30.43
CA GLU B 158 -30.30 -40.18 -30.75
C GLU B 158 -31.24 -39.02 -30.44
N ALA B 159 -31.82 -38.44 -31.49
CA ALA B 159 -32.77 -37.33 -31.37
C ALA B 159 -34.13 -37.83 -30.91
N ASP B 160 -34.49 -37.52 -29.66
CA ASP B 160 -35.77 -37.94 -29.10
C ASP B 160 -36.86 -36.96 -29.56
N ILE B 161 -37.96 -37.51 -30.08
CA ILE B 161 -39.08 -36.71 -30.58
C ILE B 161 -40.41 -36.99 -29.84
N SER B 162 -40.41 -37.99 -28.98
CA SER B 162 -41.60 -38.37 -28.22
C SER B 162 -41.95 -37.33 -27.15
N GLY B 163 -41.17 -36.25 -27.11
CA GLY B 163 -41.40 -35.20 -26.12
C GLY B 163 -42.33 -34.10 -26.58
N TYR B 164 -42.58 -34.04 -27.89
CA TYR B 164 -43.46 -33.01 -28.48
C TYR B 164 -44.89 -33.00 -27.92
N ILE B 165 -45.44 -31.80 -27.74
CA ILE B 165 -46.79 -31.62 -27.22
C ILE B 165 -47.84 -32.16 -28.20
N PRO B 166 -48.72 -33.08 -27.74
CA PRO B 166 -49.80 -33.72 -28.51
C PRO B 166 -50.77 -32.74 -29.21
N TYR B 167 -51.22 -31.72 -28.48
CA TYR B 167 -52.12 -30.70 -29.03
C TYR B 167 -51.26 -29.72 -29.83
N SER B 168 -51.22 -28.45 -29.43
CA SER B 168 -50.40 -27.46 -30.13
C SER B 168 -50.96 -27.12 -31.50
N ARG B 169 -50.89 -25.85 -31.86
CA ARG B 169 -51.38 -25.40 -33.15
C ARG B 169 -50.60 -26.02 -34.31
N PHE B 170 -49.40 -26.52 -34.04
CA PHE B 170 -48.54 -27.13 -35.08
C PHE B 170 -48.26 -28.62 -34.86
N GLU B 171 -47.84 -29.29 -35.93
CA GLU B 171 -47.52 -30.72 -35.88
C GLU B 171 -46.20 -30.96 -36.58
N LEU B 172 -45.38 -31.84 -36.00
CA LEU B 172 -44.09 -32.15 -36.58
C LEU B 172 -44.16 -33.06 -37.79
N VAL B 173 -43.58 -32.61 -38.90
CA VAL B 173 -43.58 -33.41 -40.11
C VAL B 173 -42.26 -34.17 -40.17
N GLY B 174 -41.24 -33.66 -39.48
CA GLY B 174 -39.94 -34.32 -39.49
C GLY B 174 -38.79 -33.59 -38.80
N VAL B 175 -37.90 -34.37 -38.21
CA VAL B 175 -36.72 -33.84 -37.52
C VAL B 175 -35.51 -34.63 -38.01
N THR B 176 -34.50 -33.97 -38.57
CA THR B 176 -33.35 -34.69 -39.09
C THR B 176 -32.12 -34.81 -38.15
N GLN B 177 -31.39 -33.72 -37.92
CA GLN B 177 -30.20 -33.77 -37.06
C GLN B 177 -28.98 -34.44 -37.72
N LYS B 178 -27.94 -33.66 -37.99
CA LYS B 178 -26.71 -34.17 -38.60
C LYS B 178 -25.53 -33.25 -38.29
N ARG B 179 -24.46 -33.82 -37.76
CA ARG B 179 -23.27 -33.03 -37.40
C ARG B 179 -22.30 -32.89 -38.57
N SER B 180 -21.74 -31.70 -38.73
CA SER B 180 -20.79 -31.44 -39.81
C SER B 180 -19.56 -30.70 -39.30
N GLU B 181 -18.40 -31.02 -39.87
CA GLU B 181 -17.15 -30.37 -39.47
C GLU B 181 -16.74 -29.45 -40.61
N ARG B 182 -16.61 -28.16 -40.37
CA ARG B 182 -16.24 -27.30 -41.48
C ARG B 182 -14.92 -26.63 -41.18
N PHE B 183 -14.02 -26.65 -42.16
CA PHE B 183 -12.71 -26.07 -41.99
C PHE B 183 -12.58 -24.56 -41.83
N TYR B 184 -13.60 -23.78 -42.20
CA TYR B 184 -13.52 -22.32 -42.04
C TYR B 184 -12.21 -21.73 -42.57
N GLU B 185 -12.28 -20.69 -43.40
CA GLU B 185 -11.05 -20.08 -43.96
C GLU B 185 -10.06 -19.50 -42.92
N CYS B 186 -9.21 -20.38 -42.38
CA CYS B 186 -8.18 -20.06 -41.38
C CYS B 186 -7.90 -21.29 -40.54
N CYS B 187 -7.29 -21.02 -39.41
CA CYS B 187 -7.00 -21.98 -38.36
C CYS B 187 -7.01 -23.45 -38.77
N LYS B 188 -5.81 -24.04 -38.90
CA LYS B 188 -5.64 -25.44 -39.29
C LYS B 188 -6.70 -26.39 -38.68
N GLU B 189 -7.22 -25.99 -37.52
CA GLU B 189 -8.22 -26.76 -36.79
C GLU B 189 -9.65 -26.53 -37.29
N PRO B 190 -10.35 -27.63 -37.62
CA PRO B 190 -11.73 -27.57 -38.10
C PRO B 190 -12.65 -27.13 -36.96
N TYR B 191 -13.95 -27.06 -37.24
CA TYR B 191 -14.94 -26.64 -36.24
C TYR B 191 -16.25 -27.41 -36.46
N PRO B 192 -16.62 -28.29 -35.51
CA PRO B 192 -17.85 -29.11 -35.55
C PRO B 192 -19.12 -28.38 -35.14
N ASP B 193 -20.25 -28.94 -35.56
CA ASP B 193 -21.55 -28.35 -35.25
C ASP B 193 -22.71 -29.29 -35.57
N VAL B 194 -23.64 -29.43 -34.65
CA VAL B 194 -24.81 -30.29 -34.85
C VAL B 194 -25.98 -29.42 -35.31
N THR B 195 -26.67 -29.82 -36.38
CA THR B 195 -27.77 -29.03 -36.91
C THR B 195 -29.11 -29.76 -36.94
N PHE B 196 -30.04 -29.37 -36.09
CA PHE B 196 -31.35 -30.01 -36.05
C PHE B 196 -32.31 -29.37 -37.03
N THR B 197 -32.74 -30.13 -38.03
CA THR B 197 -33.66 -29.58 -39.03
C THR B 197 -35.10 -29.99 -38.72
N VAL B 198 -35.89 -29.03 -38.28
CA VAL B 198 -37.29 -29.27 -37.91
C VAL B 198 -38.25 -28.81 -38.99
N THR B 199 -39.22 -29.66 -39.32
CA THR B 199 -40.23 -29.35 -40.33
C THR B 199 -41.60 -29.45 -39.67
N PHE B 200 -42.40 -28.41 -39.81
CA PHE B 200 -43.73 -28.40 -39.19
C PHE B 200 -44.76 -27.67 -40.07
N ARG B 201 -46.05 -27.89 -39.78
CA ARG B 201 -47.12 -27.24 -40.52
C ARG B 201 -48.27 -26.97 -39.57
N LYS B 202 -49.03 -25.93 -39.85
CA LYS B 202 -50.17 -25.57 -39.02
C LYS B 202 -51.28 -26.62 -39.16
N LYS B 203 -51.88 -27.01 -38.04
CA LYS B 203 -52.96 -27.99 -38.07
C LYS B 203 -54.22 -27.36 -38.67
N GLY B 204 -54.87 -28.08 -39.57
CA GLY B 204 -56.07 -27.57 -40.20
C GLY B 204 -57.04 -28.68 -40.58
N GLN C 3 -2.14 -28.25 -15.84
CA GLN C 3 -1.67 -27.90 -17.21
C GLN C 3 -1.97 -26.44 -17.60
N ARG C 4 -3.10 -25.93 -17.11
CA ARG C 4 -3.51 -24.55 -17.35
C ARG C 4 -3.48 -23.70 -16.10
N LYS C 5 -2.25 -23.42 -15.67
CA LYS C 5 -2.00 -22.58 -14.51
C LYS C 5 -1.88 -21.22 -15.19
N LEU C 6 -2.02 -21.26 -16.52
CA LEU C 6 -1.94 -20.09 -17.36
C LEU C 6 -3.02 -19.12 -16.94
N TYR C 7 -4.23 -19.65 -16.69
CA TYR C 7 -5.34 -18.81 -16.28
C TYR C 7 -5.01 -18.14 -14.94
N LYS C 8 -4.60 -18.94 -13.96
CA LYS C 8 -4.26 -18.41 -12.64
C LYS C 8 -3.26 -17.26 -12.77
N GLU C 9 -2.34 -17.38 -13.72
CA GLU C 9 -1.32 -16.36 -13.94
C GLU C 9 -1.82 -15.15 -14.74
N LEU C 10 -2.61 -15.39 -15.78
CA LEU C 10 -3.14 -14.30 -16.60
C LEU C 10 -4.00 -13.33 -15.80
N VAL C 11 -4.71 -13.84 -14.80
CA VAL C 11 -5.58 -12.99 -13.98
C VAL C 11 -4.90 -12.41 -12.74
N LYS C 12 -3.86 -13.10 -12.26
CA LYS C 12 -3.12 -12.70 -11.06
C LYS C 12 -3.03 -11.20 -10.79
N ASN C 13 -2.35 -10.47 -11.66
CA ASN C 13 -2.22 -9.01 -11.50
C ASN C 13 -2.97 -8.29 -12.63
N TYR C 14 -4.29 -8.47 -12.63
CA TYR C 14 -5.13 -7.88 -13.64
C TYR C 14 -6.34 -7.17 -13.06
N ASN C 15 -6.56 -5.94 -13.54
CA ASN C 15 -7.69 -5.12 -13.13
C ASN C 15 -8.29 -4.71 -14.47
N PRO C 16 -9.36 -5.41 -14.90
CA PRO C 16 -10.08 -5.19 -16.15
C PRO C 16 -10.70 -3.80 -16.42
N ASP C 17 -10.60 -2.90 -15.44
CA ASP C 17 -11.12 -1.54 -15.60
C ASP C 17 -10.02 -0.62 -16.09
N VAL C 18 -8.85 -1.20 -16.36
CA VAL C 18 -7.72 -0.41 -16.81
C VAL C 18 -7.35 -0.73 -18.25
N ILE C 19 -7.43 0.28 -19.12
CA ILE C 19 -7.10 0.08 -20.52
C ILE C 19 -5.61 -0.25 -20.64
N PRO C 20 -5.26 -1.34 -21.35
CA PRO C 20 -3.89 -1.84 -21.56
C PRO C 20 -3.07 -1.04 -22.56
N THR C 21 -2.83 0.21 -22.20
CA THR C 21 -2.02 1.10 -23.01
C THR C 21 -0.64 1.00 -22.38
N GLN C 22 0.41 0.86 -23.19
CA GLN C 22 1.75 0.82 -22.63
C GLN C 22 2.40 2.17 -22.93
N ARG C 23 1.74 3.21 -22.41
CA ARG C 23 2.12 4.62 -22.53
C ARG C 23 2.60 5.14 -23.89
N ASP C 24 1.91 6.17 -24.37
CA ASP C 24 2.16 6.83 -25.67
C ASP C 24 1.90 5.91 -26.87
N ARG C 25 1.48 4.68 -26.56
CA ARG C 25 1.15 3.67 -27.55
C ARG C 25 -0.32 3.29 -27.30
N PRO C 26 -1.27 4.10 -27.82
CA PRO C 26 -2.73 3.94 -27.70
C PRO C 26 -3.20 2.55 -28.12
N VAL C 27 -4.00 1.89 -27.28
CA VAL C 27 -4.51 0.57 -27.61
C VAL C 27 -5.39 0.72 -28.85
N THR C 28 -4.96 0.08 -29.92
CA THR C 28 -5.73 0.15 -31.15
C THR C 28 -6.68 -1.05 -31.26
N VAL C 29 -7.97 -0.77 -31.40
CA VAL C 29 -8.99 -1.80 -31.51
C VAL C 29 -9.59 -1.82 -32.92
N TYR C 30 -9.53 -2.98 -33.57
CA TYR C 30 -10.07 -3.09 -34.92
C TYR C 30 -11.54 -3.47 -34.85
N PHE C 31 -12.38 -2.47 -35.17
CA PHE C 31 -13.84 -2.59 -35.14
C PHE C 31 -14.45 -2.94 -36.47
N SER C 32 -15.58 -3.63 -36.43
CA SER C 32 -16.26 -4.04 -37.65
C SER C 32 -17.63 -4.63 -37.36
N LEU C 33 -18.63 -4.19 -38.10
CA LEU C 33 -19.97 -4.68 -37.90
C LEU C 33 -20.47 -5.42 -39.14
N SER C 34 -21.27 -6.46 -38.92
CA SER C 34 -21.82 -7.27 -39.99
C SER C 34 -23.33 -7.43 -39.75
N LEU C 35 -24.14 -6.81 -40.61
CA LEU C 35 -25.60 -6.89 -40.48
C LEU C 35 -26.11 -8.31 -40.75
N LEU C 36 -26.93 -8.81 -39.83
CA LEU C 36 -27.50 -10.15 -39.93
C LEU C 36 -28.95 -10.12 -40.38
N GLN C 37 -29.72 -9.18 -39.88
CA GLN C 37 -31.13 -9.06 -40.24
C GLN C 37 -31.81 -7.87 -39.60
N ILE C 38 -32.77 -7.31 -40.33
CA ILE C 38 -33.54 -6.18 -39.85
C ILE C 38 -34.87 -6.78 -39.44
N MET C 39 -35.14 -6.74 -38.13
CA MET C 39 -36.34 -7.32 -37.55
C MET C 39 -37.63 -6.54 -37.79
N ASP C 40 -37.69 -5.32 -37.30
CA ASP C 40 -38.90 -4.54 -37.51
C ASP C 40 -38.56 -3.08 -37.77
N VAL C 41 -39.53 -2.32 -38.24
CA VAL C 41 -39.34 -0.91 -38.51
C VAL C 41 -40.59 -0.23 -37.98
N ASP C 42 -40.42 0.63 -36.99
CA ASP C 42 -41.55 1.35 -36.42
C ASP C 42 -41.64 2.71 -37.08
N GLU C 43 -42.46 2.78 -38.12
CA GLU C 43 -42.62 4.02 -38.86
C GLU C 43 -43.30 5.07 -37.99
N LYS C 44 -44.09 4.61 -37.02
CA LYS C 44 -44.81 5.50 -36.12
C LYS C 44 -43.87 6.25 -35.17
N ASN C 45 -42.89 5.55 -34.59
CA ASN C 45 -41.95 6.17 -33.65
C ASN C 45 -40.54 6.36 -34.21
N GLN C 46 -40.31 5.95 -35.45
CA GLN C 46 -39.01 6.10 -36.08
C GLN C 46 -37.87 5.33 -35.38
N VAL C 47 -37.91 3.99 -35.45
CA VAL C 47 -36.92 3.11 -34.84
C VAL C 47 -36.78 1.78 -35.60
N VAL C 48 -35.58 1.22 -35.63
CA VAL C 48 -35.37 -0.04 -36.31
C VAL C 48 -34.82 -1.05 -35.31
N ASP C 49 -35.25 -2.29 -35.45
CA ASP C 49 -34.79 -3.38 -34.60
C ASP C 49 -33.76 -4.10 -35.47
N VAL C 50 -32.51 -4.13 -35.02
CA VAL C 50 -31.45 -4.77 -35.81
C VAL C 50 -30.69 -5.84 -35.03
N VAL C 51 -30.24 -6.87 -35.76
CA VAL C 51 -29.44 -7.95 -35.16
C VAL C 51 -28.13 -7.97 -35.96
N PHE C 52 -27.02 -7.64 -35.32
CA PHE C 52 -25.74 -7.60 -35.99
C PHE C 52 -24.66 -8.45 -35.34
N TRP C 53 -23.53 -8.58 -36.03
CA TRP C 53 -22.40 -9.34 -35.56
C TRP C 53 -21.37 -8.25 -35.29
N LEU C 54 -20.78 -8.25 -34.11
CA LEU C 54 -19.76 -7.25 -33.81
C LEU C 54 -18.41 -7.93 -33.82
N GLN C 55 -17.47 -7.36 -34.55
CA GLN C 55 -16.14 -7.93 -34.60
C GLN C 55 -15.12 -6.96 -34.01
N MET C 56 -14.57 -7.31 -32.85
CA MET C 56 -13.58 -6.47 -32.17
C MET C 56 -12.33 -7.25 -31.86
N SER C 57 -11.19 -6.62 -32.10
CA SER C 57 -9.89 -7.25 -31.82
C SER C 57 -8.88 -6.18 -31.40
N TRP C 58 -8.10 -6.48 -30.37
CA TRP C 58 -7.09 -5.55 -29.88
C TRP C 58 -5.93 -6.33 -29.26
N THR C 59 -4.89 -5.61 -28.81
CA THR C 59 -3.75 -6.28 -28.23
C THR C 59 -3.55 -5.85 -26.79
N ASP C 60 -3.66 -6.82 -25.89
CA ASP C 60 -3.52 -6.59 -24.45
C ASP C 60 -2.13 -7.06 -24.05
N HIS C 61 -1.18 -6.13 -23.86
CA HIS C 61 0.17 -6.57 -23.51
C HIS C 61 0.25 -7.33 -22.20
N TYR C 62 -0.68 -7.07 -21.29
CA TYR C 62 -0.70 -7.76 -20.00
C TYR C 62 -1.03 -9.26 -20.16
N LEU C 63 -1.58 -9.65 -21.30
CA LEU C 63 -2.00 -11.04 -21.51
C LEU C 63 -1.17 -11.86 -22.49
N GLN C 64 0.16 -11.78 -22.40
CA GLN C 64 0.99 -12.58 -23.30
C GLN C 64 1.82 -13.57 -22.48
N TRP C 65 2.20 -14.67 -23.11
CA TRP C 65 2.98 -15.68 -22.41
C TRP C 65 3.96 -16.42 -23.32
N ASN C 66 4.98 -17.04 -22.73
CA ASN C 66 5.99 -17.79 -23.46
C ASN C 66 5.39 -19.11 -23.95
N VAL C 67 5.20 -19.22 -25.27
CA VAL C 67 4.61 -20.41 -25.89
C VAL C 67 5.23 -21.73 -25.39
N SER C 68 6.43 -21.64 -24.82
CA SER C 68 7.17 -22.80 -24.29
C SER C 68 6.93 -23.04 -22.80
N GLU C 69 7.05 -21.98 -22.00
CA GLU C 69 6.84 -22.08 -20.56
C GLU C 69 5.52 -22.79 -20.22
N TYR C 70 4.61 -22.82 -21.19
CA TYR C 70 3.33 -23.49 -21.02
C TYR C 70 3.24 -24.52 -22.12
N PRO C 71 3.03 -25.79 -21.74
CA PRO C 71 2.91 -26.94 -22.65
C PRO C 71 2.62 -26.59 -24.12
N GLY C 72 1.41 -26.92 -24.58
CA GLY C 72 1.01 -26.63 -25.96
C GLY C 72 -0.18 -25.67 -26.00
N VAL C 73 -0.22 -24.77 -25.01
CA VAL C 73 -1.31 -23.79 -24.88
C VAL C 73 -1.12 -22.59 -25.82
N LYS C 74 -1.72 -22.68 -27.01
CA LYS C 74 -1.65 -21.61 -28.00
C LYS C 74 -2.59 -20.41 -27.74
N GLN C 75 -3.88 -20.69 -27.55
CA GLN C 75 -4.90 -19.66 -27.29
C GLN C 75 -5.89 -20.13 -26.22
N VAL C 76 -6.36 -19.21 -25.37
CA VAL C 76 -7.31 -19.58 -24.34
C VAL C 76 -8.64 -18.83 -24.48
N SER C 77 -9.68 -19.43 -23.90
CA SER C 77 -11.04 -18.88 -23.95
C SER C 77 -11.41 -18.29 -22.59
N VAL C 78 -11.48 -16.96 -22.53
CA VAL C 78 -11.77 -16.24 -21.28
C VAL C 78 -13.06 -15.42 -21.29
N PRO C 79 -13.72 -15.30 -20.13
CA PRO C 79 -14.96 -14.53 -19.94
C PRO C 79 -14.66 -13.04 -19.97
N ILE C 80 -15.29 -12.31 -20.87
CA ILE C 80 -15.07 -10.86 -20.99
C ILE C 80 -15.10 -10.10 -19.64
N SER C 81 -15.71 -10.71 -18.64
CA SER C 81 -15.82 -10.09 -17.33
C SER C 81 -14.50 -10.21 -16.61
N SER C 82 -13.57 -10.94 -17.21
CA SER C 82 -12.25 -11.17 -16.61
C SER C 82 -11.17 -10.23 -17.12
N LEU C 83 -11.29 -9.75 -18.36
CA LEU C 83 -10.30 -8.84 -18.91
C LEU C 83 -10.89 -7.52 -19.35
N TRP C 84 -10.03 -6.62 -19.80
CA TRP C 84 -10.47 -5.32 -20.26
C TRP C 84 -11.02 -5.54 -21.63
N VAL C 85 -12.11 -4.83 -21.92
CA VAL C 85 -12.81 -4.91 -23.20
C VAL C 85 -13.30 -3.52 -23.60
N PRO C 86 -13.11 -3.13 -24.87
CA PRO C 86 -13.53 -1.82 -25.41
C PRO C 86 -14.91 -1.40 -24.97
N ASP C 87 -15.01 -0.21 -24.38
CA ASP C 87 -16.29 0.32 -23.91
C ASP C 87 -17.08 1.01 -25.04
N LEU C 88 -17.08 0.39 -26.21
CA LEU C 88 -17.80 0.93 -27.36
C LEU C 88 -19.30 0.99 -27.07
N ALA C 89 -19.92 2.09 -27.49
CA ALA C 89 -21.35 2.26 -27.27
C ALA C 89 -22.04 2.74 -28.52
N ALA C 90 -23.33 2.47 -28.63
CA ALA C 90 -24.04 2.92 -29.79
C ALA C 90 -24.66 4.27 -29.43
N TYR C 91 -24.11 5.33 -30.02
CA TYR C 91 -24.55 6.72 -29.80
C TYR C 91 -26.06 6.96 -29.92
N ASN C 92 -26.66 6.43 -30.99
CA ASN C 92 -28.08 6.65 -31.19
C ASN C 92 -28.96 5.44 -30.86
N ALA C 93 -28.63 4.71 -29.81
CA ALA C 93 -29.44 3.56 -29.42
C ALA C 93 -30.59 4.03 -28.52
N ILE C 94 -31.72 3.34 -28.59
CA ILE C 94 -32.86 3.68 -27.76
C ILE C 94 -33.28 2.49 -26.92
N SER C 95 -32.42 1.48 -26.87
CA SER C 95 -32.68 0.28 -26.07
C SER C 95 -31.32 -0.31 -25.67
N LYS C 96 -31.29 -0.95 -24.50
CA LYS C 96 -30.05 -1.54 -24.04
C LYS C 96 -29.70 -2.66 -25.00
N PRO C 97 -28.40 -2.85 -25.29
CA PRO C 97 -28.01 -3.92 -26.22
C PRO C 97 -28.23 -5.28 -25.58
N GLU C 98 -28.79 -6.21 -26.35
CA GLU C 98 -29.04 -7.56 -25.87
C GLU C 98 -28.08 -8.52 -26.59
N VAL C 99 -27.03 -8.92 -25.90
CA VAL C 99 -26.03 -9.82 -26.44
C VAL C 99 -26.59 -11.25 -26.45
N LEU C 100 -26.67 -11.83 -27.65
CA LEU C 100 -27.23 -13.16 -27.86
C LEU C 100 -26.29 -14.34 -27.64
N THR C 101 -25.04 -14.17 -28.02
CA THR C 101 -24.04 -15.21 -27.90
C THR C 101 -23.32 -15.24 -26.56
N PRO C 102 -22.50 -16.29 -26.31
CA PRO C 102 -21.73 -16.46 -25.07
C PRO C 102 -20.71 -15.33 -24.95
N GLN C 103 -20.65 -14.71 -23.77
CA GLN C 103 -19.71 -13.61 -23.55
C GLN C 103 -18.30 -14.08 -23.20
N LEU C 104 -17.65 -14.65 -24.22
CA LEU C 104 -16.30 -15.18 -24.14
C LEU C 104 -15.41 -14.55 -25.21
N ALA C 105 -14.13 -14.41 -24.91
CA ALA C 105 -13.17 -13.84 -25.86
C ALA C 105 -11.99 -14.78 -26.02
N LEU C 106 -11.29 -14.68 -27.16
CA LEU C 106 -10.14 -15.52 -27.43
C LEU C 106 -8.87 -14.71 -27.31
N VAL C 107 -7.83 -15.31 -26.73
CA VAL C 107 -6.56 -14.62 -26.55
C VAL C 107 -5.34 -15.39 -27.08
N ASN C 108 -4.48 -14.68 -27.80
CA ASN C 108 -3.24 -15.21 -28.39
C ASN C 108 -2.17 -15.43 -27.33
N SER C 109 -1.12 -16.17 -27.72
CA SER C 109 -0.02 -16.42 -26.82
C SER C 109 0.77 -15.11 -26.79
N SER C 110 0.57 -14.31 -27.83
CA SER C 110 1.23 -13.03 -27.99
C SER C 110 0.44 -11.91 -27.30
N GLY C 111 -0.85 -12.15 -27.06
CA GLY C 111 -1.67 -11.15 -26.41
C GLY C 111 -2.70 -10.45 -27.28
N HIS C 112 -3.21 -11.14 -28.29
CA HIS C 112 -4.21 -10.55 -29.17
C HIS C 112 -5.61 -11.07 -28.85
N VAL C 113 -6.46 -10.18 -28.34
CA VAL C 113 -7.82 -10.55 -27.98
C VAL C 113 -8.81 -10.41 -29.15
N GLN C 114 -9.84 -11.27 -29.14
CA GLN C 114 -10.84 -11.28 -30.19
C GLN C 114 -12.24 -11.52 -29.56
N TYR C 115 -13.16 -10.57 -29.76
CA TYR C 115 -14.49 -10.68 -29.20
C TYR C 115 -15.49 -10.51 -30.33
N LEU C 116 -16.35 -11.51 -30.54
CA LEU C 116 -17.35 -11.48 -31.62
C LEU C 116 -18.80 -11.67 -31.19
N PRO C 117 -19.34 -10.77 -30.35
CA PRO C 117 -20.73 -10.94 -29.91
C PRO C 117 -21.81 -10.66 -30.95
N SER C 118 -22.93 -11.39 -30.85
CA SER C 118 -24.07 -11.16 -31.75
C SER C 118 -25.07 -10.37 -30.90
N ILE C 119 -25.46 -9.21 -31.41
CA ILE C 119 -26.35 -8.33 -30.68
C ILE C 119 -27.66 -7.96 -31.38
N ARG C 120 -28.69 -7.72 -30.58
CA ARG C 120 -29.97 -7.30 -31.11
C ARG C 120 -30.16 -6.02 -30.35
N GLN C 121 -30.30 -4.91 -31.06
CA GLN C 121 -30.46 -3.60 -30.41
C GLN C 121 -31.33 -2.72 -31.29
N ARG C 122 -32.02 -1.77 -30.67
CA ARG C 122 -32.88 -0.88 -31.43
C ARG C 122 -32.28 0.50 -31.57
N PHE C 123 -32.41 1.09 -32.76
CA PHE C 123 -31.85 2.41 -33.00
C PHE C 123 -32.86 3.42 -33.48
N SER C 124 -32.62 4.69 -33.15
CA SER C 124 -33.47 5.78 -33.60
C SER C 124 -33.09 6.00 -35.07
N CYS C 125 -34.09 6.01 -35.95
CA CYS C 125 -33.81 6.18 -37.35
C CYS C 125 -35.00 6.63 -38.18
N ASP C 126 -34.72 7.34 -39.26
CA ASP C 126 -35.75 7.85 -40.17
C ASP C 126 -36.16 6.78 -41.20
N VAL C 127 -37.18 5.99 -40.86
CA VAL C 127 -37.64 4.95 -41.76
C VAL C 127 -38.83 5.39 -42.61
N SER C 128 -38.87 6.67 -42.95
CA SER C 128 -39.97 7.20 -43.75
C SER C 128 -40.04 6.51 -45.12
N GLY C 129 -38.96 6.60 -45.87
CA GLY C 129 -38.95 6.01 -47.19
C GLY C 129 -38.48 4.56 -47.21
N VAL C 130 -39.15 3.70 -46.45
CA VAL C 130 -38.78 2.28 -46.42
C VAL C 130 -39.60 1.51 -47.45
N ASP C 131 -40.60 2.18 -48.01
CA ASP C 131 -41.46 1.59 -49.03
C ASP C 131 -41.08 2.12 -50.40
N THR C 132 -40.45 3.29 -50.43
CA THR C 132 -40.04 3.90 -51.69
C THR C 132 -38.88 3.10 -52.25
N GLU C 133 -38.69 3.17 -53.57
CA GLU C 133 -37.60 2.43 -54.19
C GLU C 133 -36.26 3.03 -53.79
N SER C 134 -36.28 4.28 -53.35
CA SER C 134 -35.06 4.95 -52.94
C SER C 134 -34.49 4.28 -51.69
N GLY C 135 -35.38 3.99 -50.75
CA GLY C 135 -34.99 3.31 -49.52
C GLY C 135 -34.66 4.15 -48.30
N ALA C 136 -35.01 3.63 -47.11
CA ALA C 136 -34.73 4.32 -45.86
C ALA C 136 -33.28 4.10 -45.48
N THR C 137 -32.66 5.11 -44.87
CA THR C 137 -31.26 5.02 -44.49
C THR C 137 -31.07 5.22 -43.00
N CYS C 138 -30.37 4.28 -42.35
CA CYS C 138 -30.08 4.34 -40.91
C CYS C 138 -28.61 4.40 -40.65
N LYS C 139 -28.23 5.22 -39.68
CA LYS C 139 -26.83 5.37 -39.32
C LYS C 139 -26.59 4.81 -37.93
N LEU C 140 -25.70 3.84 -37.83
CA LEU C 140 -25.38 3.25 -36.54
C LEU C 140 -23.99 3.76 -36.14
N LYS C 141 -23.98 4.77 -35.26
CA LYS C 141 -22.74 5.38 -34.82
C LYS C 141 -22.22 4.70 -33.55
N PHE C 142 -21.01 4.17 -33.63
CA PHE C 142 -20.39 3.51 -32.48
C PHE C 142 -19.15 4.27 -32.06
N GLY C 143 -18.70 4.07 -30.83
CA GLY C 143 -17.51 4.77 -30.38
C GLY C 143 -17.20 4.54 -28.93
N SER C 144 -15.93 4.66 -28.58
CA SER C 144 -15.54 4.49 -27.19
C SER C 144 -16.29 5.61 -26.48
N TRP C 145 -16.60 5.41 -25.20
CA TRP C 145 -17.39 6.37 -24.44
C TRP C 145 -16.64 7.20 -23.41
N THR C 146 -15.48 6.72 -22.98
CA THR C 146 -14.69 7.44 -21.98
C THR C 146 -13.24 7.66 -22.38
N HIS C 147 -12.73 6.86 -23.32
CA HIS C 147 -11.36 7.01 -23.78
C HIS C 147 -11.28 7.78 -25.11
N HIS C 148 -10.36 8.75 -25.20
CA HIS C 148 -10.19 9.55 -26.42
C HIS C 148 -9.25 8.90 -27.43
N SER C 149 -8.83 9.66 -28.43
CA SER C 149 -7.96 9.14 -29.49
C SER C 149 -6.62 8.60 -29.02
N ARG C 150 -5.98 9.30 -28.09
CA ARG C 150 -4.69 8.88 -27.57
C ARG C 150 -4.73 7.62 -26.72
N GLU C 151 -5.84 7.37 -26.06
CA GLU C 151 -5.99 6.20 -25.21
C GLU C 151 -6.49 4.97 -25.99
N LEU C 152 -7.57 5.16 -26.75
CA LEU C 152 -8.17 4.07 -27.53
C LEU C 152 -8.39 4.48 -28.98
N ASP C 153 -7.61 3.87 -29.88
CA ASP C 153 -7.70 4.18 -31.30
C ASP C 153 -8.59 3.20 -32.04
N LEU C 154 -9.72 3.69 -32.55
CA LEU C 154 -10.67 2.88 -33.31
C LEU C 154 -10.29 2.84 -34.77
N GLN C 155 -10.18 1.64 -35.32
CA GLN C 155 -9.83 1.49 -36.72
C GLN C 155 -10.78 0.49 -37.36
N MET C 156 -11.64 0.95 -38.26
CA MET C 156 -12.60 0.07 -38.92
C MET C 156 -11.96 -0.83 -39.96
N GLN C 157 -12.46 -2.06 -40.08
CA GLN C 157 -11.95 -2.99 -41.07
C GLN C 157 -13.08 -3.44 -41.99
N GLU C 158 -12.74 -4.20 -43.03
CA GLU C 158 -13.70 -4.68 -44.04
C GLU C 158 -15.09 -5.05 -43.54
N ALA C 159 -16.09 -4.32 -44.01
CA ALA C 159 -17.48 -4.57 -43.62
C ALA C 159 -18.04 -5.77 -44.39
N ASP C 160 -18.26 -6.88 -43.69
CA ASP C 160 -18.81 -8.09 -44.28
C ASP C 160 -20.33 -7.99 -44.39
N ILE C 161 -20.86 -8.26 -45.58
CA ILE C 161 -22.30 -8.17 -45.80
C ILE C 161 -22.92 -9.48 -46.25
N SER C 162 -22.09 -10.49 -46.43
CA SER C 162 -22.58 -11.80 -46.87
C SER C 162 -23.34 -12.53 -45.77
N GLY C 163 -23.45 -11.90 -44.60
CA GLY C 163 -24.13 -12.52 -43.49
C GLY C 163 -25.62 -12.27 -43.42
N TYR C 164 -26.10 -11.31 -44.20
CA TYR C 164 -27.51 -10.93 -44.23
C TYR C 164 -28.44 -12.11 -44.60
N ILE C 165 -29.62 -12.14 -43.97
CA ILE C 165 -30.60 -13.19 -44.20
C ILE C 165 -31.21 -13.07 -45.61
N PRO C 166 -31.14 -14.15 -46.42
CA PRO C 166 -31.66 -14.24 -47.79
C PRO C 166 -33.12 -13.84 -47.96
N TYR C 167 -33.98 -14.36 -47.08
CA TYR C 167 -35.40 -14.03 -47.11
C TYR C 167 -35.58 -12.67 -46.47
N SER C 168 -36.33 -12.61 -45.37
CA SER C 168 -36.51 -11.33 -44.69
C SER C 168 -37.41 -10.39 -45.48
N ARG C 169 -38.27 -9.67 -44.78
CA ARG C 169 -39.19 -8.73 -45.39
C ARG C 169 -38.45 -7.57 -46.07
N PHE C 170 -37.19 -7.35 -45.68
CA PHE C 170 -36.38 -6.25 -46.24
C PHE C 170 -35.15 -6.73 -47.01
N GLU C 171 -34.61 -5.85 -47.84
CA GLU C 171 -33.45 -6.16 -48.65
C GLU C 171 -32.44 -5.01 -48.57
N LEU C 172 -31.16 -5.34 -48.45
CA LEU C 172 -30.13 -4.33 -48.33
C LEU C 172 -29.80 -3.63 -49.63
N VAL C 173 -29.93 -2.31 -49.65
CA VAL C 173 -29.61 -1.53 -50.84
C VAL C 173 -28.18 -1.02 -50.77
N GLY C 174 -27.64 -0.90 -49.56
CA GLY C 174 -26.27 -0.45 -49.40
C GLY C 174 -25.77 -0.27 -47.99
N VAL C 175 -24.49 -0.56 -47.77
CA VAL C 175 -23.86 -0.42 -46.46
C VAL C 175 -22.57 0.33 -46.66
N THR C 176 -22.39 1.48 -46.00
CA THR C 176 -21.15 2.25 -46.20
C THR C 176 -20.01 2.05 -45.20
N GLN C 177 -20.15 2.56 -43.98
CA GLN C 177 -19.10 2.42 -42.98
C GLN C 177 -17.91 3.36 -43.21
N LYS C 178 -17.73 4.31 -42.29
CA LYS C 178 -16.62 5.27 -42.39
C LYS C 178 -16.30 5.87 -41.01
N ARG C 179 -15.03 5.77 -40.60
CA ARG C 179 -14.64 6.31 -39.29
C ARG C 179 -14.25 7.79 -39.36
N SER C 180 -14.67 8.55 -38.36
CA SER C 180 -14.39 9.99 -38.27
C SER C 180 -13.88 10.39 -36.87
N GLU C 181 -12.92 11.31 -36.82
CA GLU C 181 -12.39 11.78 -35.54
C GLU C 181 -13.07 13.14 -35.33
N ARG C 182 -13.99 13.17 -34.35
CA ARG C 182 -14.84 14.34 -34.02
C ARG C 182 -14.58 15.03 -32.65
N PHE C 183 -15.36 16.09 -32.38
CA PHE C 183 -15.25 16.91 -31.15
C PHE C 183 -16.56 17.15 -30.36
N TYR C 184 -16.44 17.20 -29.03
CA TYR C 184 -17.59 17.37 -28.13
C TYR C 184 -17.52 18.48 -27.07
N GLU C 185 -18.71 18.91 -26.63
CA GLU C 185 -18.94 19.97 -25.61
C GLU C 185 -19.02 19.33 -24.23
N CYS C 186 -17.90 18.78 -23.77
CA CYS C 186 -17.81 18.09 -22.47
C CYS C 186 -16.35 18.02 -22.14
N CYS C 187 -15.58 18.03 -23.21
CA CYS C 187 -14.17 17.81 -23.09
C CYS C 187 -13.31 18.44 -24.21
N LYS C 188 -12.00 18.42 -24.00
CA LYS C 188 -11.05 18.96 -24.95
C LYS C 188 -10.19 17.79 -25.48
N GLU C 189 -10.76 17.00 -26.39
CA GLU C 189 -10.03 15.85 -26.94
C GLU C 189 -10.80 15.17 -28.10
N PRO C 190 -10.07 14.57 -29.09
CA PRO C 190 -10.77 13.92 -30.21
C PRO C 190 -11.34 12.53 -29.83
N TYR C 191 -12.56 12.24 -30.29
CA TYR C 191 -13.21 10.96 -30.02
C TYR C 191 -13.55 10.26 -31.33
N PRO C 192 -12.78 9.24 -31.71
CA PRO C 192 -13.03 8.52 -32.96
C PRO C 192 -14.33 7.68 -32.92
N ASP C 193 -14.88 7.39 -34.10
CA ASP C 193 -16.12 6.63 -34.15
C ASP C 193 -16.41 6.11 -35.53
N VAL C 194 -16.78 4.83 -35.61
CA VAL C 194 -17.11 4.21 -36.90
C VAL C 194 -18.62 4.24 -37.11
N THR C 195 -19.08 4.70 -38.27
CA THR C 195 -20.51 4.79 -38.52
C THR C 195 -21.00 3.97 -39.72
N PHE C 196 -21.76 2.92 -39.46
CA PHE C 196 -22.27 2.06 -40.53
C PHE C 196 -23.59 2.58 -41.04
N THR C 197 -23.60 2.99 -42.30
CA THR C 197 -24.84 3.50 -42.90
C THR C 197 -25.51 2.41 -43.74
N VAL C 198 -26.64 1.93 -43.25
CA VAL C 198 -27.40 0.88 -43.90
C VAL C 198 -28.64 1.41 -44.60
N THR C 199 -28.84 1.00 -45.85
CA THR C 199 -29.99 1.41 -46.63
C THR C 199 -30.77 0.17 -47.05
N PHE C 200 -32.08 0.17 -46.78
CA PHE C 200 -32.91 -0.98 -47.11
C PHE C 200 -34.30 -0.57 -47.54
N ARG C 201 -35.01 -1.51 -48.19
CA ARG C 201 -36.37 -1.25 -48.65
C ARG C 201 -37.17 -2.54 -48.56
N LYS C 202 -38.48 -2.39 -48.35
CA LYS C 202 -39.36 -3.55 -48.22
C LYS C 202 -39.48 -4.26 -49.58
N LYS C 203 -39.41 -5.59 -49.56
CA LYS C 203 -39.54 -6.35 -50.79
C LYS C 203 -40.98 -6.31 -51.27
N GLY C 204 -41.16 -6.07 -52.56
CA GLY C 204 -42.49 -6.02 -53.13
C GLY C 204 -42.54 -6.47 -54.57
N GLN D 3 1.97 0.96 -14.53
CA GLN D 3 1.78 2.41 -14.81
C GLN D 3 0.56 3.02 -14.09
N ARG D 4 -0.46 2.18 -13.85
CA ARG D 4 -1.68 2.60 -13.18
C ARG D 4 -1.97 1.91 -11.86
N LYS D 5 -1.18 2.26 -10.87
CA LYS D 5 -1.33 1.74 -9.53
C LYS D 5 -2.27 2.77 -8.95
N LEU D 6 -2.59 3.76 -9.80
CA LEU D 6 -3.49 4.84 -9.44
C LEU D 6 -4.84 4.26 -9.03
N TYR D 7 -5.31 3.29 -9.80
CA TYR D 7 -6.59 2.65 -9.51
C TYR D 7 -6.53 1.97 -8.15
N LYS D 8 -5.51 1.14 -7.95
CA LYS D 8 -5.34 0.43 -6.67
C LYS D 8 -5.39 1.41 -5.50
N GLU D 9 -4.85 2.61 -5.71
CA GLU D 9 -4.83 3.63 -4.67
C GLU D 9 -6.15 4.41 -4.53
N LEU D 10 -6.76 4.76 -5.66
CA LEU D 10 -8.02 5.50 -5.62
C LEU D 10 -9.13 4.76 -4.91
N VAL D 11 -9.11 3.42 -5.02
CA VAL D 11 -10.13 2.58 -4.38
C VAL D 11 -9.78 2.11 -2.96
N LYS D 12 -8.49 2.04 -2.67
CA LYS D 12 -7.97 1.58 -1.37
C LYS D 12 -8.87 1.89 -0.16
N ASN D 13 -9.01 3.18 0.17
CA ASN D 13 -9.85 3.59 1.29
C ASN D 13 -11.09 4.34 0.79
N TYR D 14 -11.92 3.61 0.07
CA TYR D 14 -13.12 4.19 -0.50
C TYR D 14 -14.37 3.33 -0.26
N ASN D 15 -15.42 3.98 0.21
CA ASN D 15 -16.71 3.36 0.48
C ASN D 15 -17.68 4.25 -0.27
N PRO D 16 -18.08 3.83 -1.49
CA PRO D 16 -18.99 4.53 -2.40
C PRO D 16 -20.39 4.91 -1.89
N ASP D 17 -20.73 4.48 -0.69
CA ASP D 17 -22.03 4.77 -0.09
C ASP D 17 -21.93 6.03 0.78
N VAL D 18 -20.75 6.64 0.77
CA VAL D 18 -20.50 7.83 1.56
C VAL D 18 -20.31 9.07 0.70
N ILE D 19 -21.21 10.03 0.85
CA ILE D 19 -21.13 11.26 0.08
C ILE D 19 -19.87 11.99 0.52
N PRO D 20 -19.01 12.37 -0.45
CA PRO D 20 -17.76 13.07 -0.16
C PRO D 20 -17.93 14.56 0.16
N THR D 21 -18.39 14.84 1.39
CA THR D 21 -18.56 16.20 1.86
C THR D 21 -17.48 16.40 2.91
N GLN D 22 -16.64 17.41 2.72
CA GLN D 22 -15.58 17.73 3.66
C GLN D 22 -16.12 18.77 4.64
N ARG D 23 -17.20 18.36 5.32
CA ARG D 23 -17.93 19.14 6.33
C ARG D 23 -18.09 20.66 6.11
N ASP D 24 -19.32 21.12 6.29
CA ASP D 24 -19.71 22.51 6.09
C ASP D 24 -19.42 22.84 4.66
N ARG D 25 -19.20 21.79 3.89
CA ARG D 25 -18.89 21.90 2.47
C ARG D 25 -19.78 20.90 1.72
N PRO D 26 -21.01 21.32 1.37
CA PRO D 26 -21.95 20.46 0.66
C PRO D 26 -21.45 20.11 -0.74
N VAL D 27 -21.41 18.82 -1.08
CA VAL D 27 -20.96 18.41 -2.41
C VAL D 27 -21.93 19.00 -3.42
N THR D 28 -21.42 19.88 -4.26
CA THR D 28 -22.27 20.50 -5.27
C THR D 28 -22.17 19.71 -6.58
N VAL D 29 -23.33 19.27 -7.09
CA VAL D 29 -23.38 18.51 -8.33
C VAL D 29 -24.09 19.34 -9.39
N TYR D 30 -23.43 19.50 -10.54
CA TYR D 30 -24.00 20.27 -11.64
C TYR D 30 -24.82 19.34 -12.53
N PHE D 31 -26.13 19.49 -12.42
CA PHE D 31 -27.11 18.68 -13.13
C PHE D 31 -27.58 19.33 -14.44
N SER D 32 -27.93 18.51 -15.41
CA SER D 32 -28.41 19.02 -16.68
C SER D 32 -28.96 17.89 -17.55
N LEU D 33 -30.13 18.14 -18.14
CA LEU D 33 -30.77 17.15 -18.99
C LEU D 33 -30.88 17.64 -20.43
N SER D 34 -30.71 16.72 -21.38
CA SER D 34 -30.78 17.02 -22.80
C SER D 34 -31.71 16.02 -23.48
N LEU D 35 -32.88 16.49 -23.93
CA LEU D 35 -33.85 15.61 -24.58
C LEU D 35 -33.34 15.11 -25.94
N LEU D 36 -33.41 13.80 -26.14
CA LEU D 36 -32.96 13.15 -27.38
C LEU D 36 -34.11 12.77 -28.30
N GLN D 37 -35.20 12.28 -27.73
CA GLN D 37 -36.38 11.89 -28.50
C GLN D 37 -37.55 11.44 -27.65
N ILE D 38 -38.75 11.72 -28.12
CA ILE D 38 -39.96 11.31 -27.42
C ILE D 38 -40.45 10.11 -28.21
N MET D 39 -40.41 8.95 -27.57
CA MET D 39 -40.79 7.70 -28.20
C MET D 39 -42.28 7.51 -28.43
N ASP D 40 -43.05 7.47 -27.35
CA ASP D 40 -44.47 7.27 -27.48
C ASP D 40 -45.23 8.13 -26.48
N VAL D 41 -46.53 8.24 -26.70
CA VAL D 41 -47.40 9.00 -25.80
C VAL D 41 -48.66 8.17 -25.61
N ASP D 42 -48.88 7.73 -24.39
CA ASP D 42 -50.06 6.93 -24.10
C ASP D 42 -51.14 7.87 -23.60
N GLU D 43 -51.99 8.30 -24.53
CA GLU D 43 -53.08 9.21 -24.18
C GLU D 43 -54.08 8.50 -23.27
N LYS D 44 -54.19 7.19 -23.43
CA LYS D 44 -55.12 6.38 -22.63
C LYS D 44 -54.74 6.34 -21.14
N ASN D 45 -53.45 6.14 -20.84
CA ASN D 45 -52.99 6.07 -19.45
C ASN D 45 -52.20 7.28 -18.96
N GLN D 46 -52.01 8.26 -19.85
CA GLN D 46 -51.28 9.48 -19.51
C GLN D 46 -49.82 9.24 -19.11
N VAL D 47 -49.00 8.85 -20.09
CA VAL D 47 -47.58 8.58 -19.88
C VAL D 47 -46.77 8.85 -21.14
N VAL D 48 -45.52 9.31 -20.98
CA VAL D 48 -44.66 9.55 -22.13
C VAL D 48 -43.39 8.73 -22.00
N ASP D 49 -42.91 8.21 -23.12
CA ASP D 49 -41.69 7.41 -23.13
C ASP D 49 -40.62 8.37 -23.62
N VAL D 50 -39.62 8.64 -22.80
CA VAL D 50 -38.59 9.59 -23.18
C VAL D 50 -37.19 9.02 -23.13
N VAL D 51 -36.32 9.50 -24.02
CA VAL D 51 -34.93 9.07 -24.03
C VAL D 51 -34.13 10.37 -23.89
N PHE D 52 -33.44 10.55 -22.77
CA PHE D 52 -32.65 11.75 -22.56
C PHE D 52 -31.17 11.49 -22.31
N TRP D 53 -30.46 12.56 -21.99
CA TRP D 53 -29.01 12.50 -21.79
C TRP D 53 -28.63 13.30 -20.54
N LEU D 54 -28.49 12.59 -19.41
CA LEU D 54 -28.12 13.22 -18.15
C LEU D 54 -26.66 13.60 -18.06
N GLN D 55 -26.45 14.85 -17.71
CA GLN D 55 -25.11 15.38 -17.54
C GLN D 55 -24.93 15.75 -16.07
N MET D 56 -24.10 14.97 -15.39
CA MET D 56 -23.81 15.19 -13.98
C MET D 56 -22.32 15.34 -13.75
N SER D 57 -21.95 16.32 -12.94
CA SER D 57 -20.55 16.56 -12.59
C SER D 57 -20.46 17.08 -11.15
N TRP D 58 -19.48 16.54 -10.41
CA TRP D 58 -19.27 16.95 -9.02
C TRP D 58 -17.79 16.79 -8.67
N THR D 59 -17.41 17.20 -7.47
CA THR D 59 -16.01 17.09 -7.05
C THR D 59 -15.87 16.14 -5.86
N ASP D 60 -15.14 15.07 -6.07
CA ASP D 60 -14.91 14.08 -5.04
C ASP D 60 -13.51 14.32 -4.48
N HIS D 61 -13.39 14.93 -3.30
CA HIS D 61 -12.06 15.19 -2.76
C HIS D 61 -11.25 13.92 -2.49
N TYR D 62 -11.93 12.81 -2.24
CA TYR D 62 -11.24 11.56 -1.99
C TYR D 62 -10.53 11.03 -3.23
N LEU D 63 -10.90 11.57 -4.40
CA LEU D 63 -10.32 11.09 -5.65
C LEU D 63 -9.36 12.03 -6.40
N GLN D 64 -8.43 12.64 -5.67
CA GLN D 64 -7.46 13.52 -6.33
C GLN D 64 -6.05 12.96 -6.15
N TRP D 65 -5.15 13.30 -7.07
CA TRP D 65 -3.79 12.81 -6.99
C TRP D 65 -2.77 13.79 -7.57
N ASN D 66 -1.51 13.63 -7.19
CA ASN D 66 -0.42 14.48 -7.65
C ASN D 66 -0.09 14.15 -9.10
N VAL D 67 -0.41 15.08 -10.00
CA VAL D 67 -0.17 14.90 -11.43
C VAL D 67 1.24 14.37 -11.74
N SER D 68 2.17 14.58 -10.80
CA SER D 68 3.57 14.15 -10.96
C SER D 68 3.85 12.77 -10.39
N GLU D 69 3.37 12.51 -9.17
CA GLU D 69 3.58 11.22 -8.51
C GLU D 69 3.17 10.06 -9.41
N TYR D 70 2.34 10.38 -10.39
CA TYR D 70 1.88 9.38 -11.35
C TYR D 70 2.29 9.88 -12.72
N PRO D 71 3.06 9.06 -13.46
CA PRO D 71 3.56 9.35 -14.81
C PRO D 71 2.83 10.49 -15.55
N GLY D 72 2.06 10.15 -16.58
CA GLY D 72 1.31 11.15 -17.34
C GLY D 72 -0.19 10.87 -17.29
N VAL D 73 -0.64 10.34 -16.15
CA VAL D 73 -2.05 10.00 -15.93
C VAL D 73 -2.91 11.22 -15.57
N LYS D 74 -3.51 11.84 -16.58
CA LYS D 74 -4.35 13.03 -16.39
C LYS D 74 -5.76 12.74 -15.86
N GLN D 75 -6.49 11.85 -16.53
CA GLN D 75 -7.86 11.45 -16.14
C GLN D 75 -8.07 9.94 -16.31
N VAL D 76 -8.83 9.33 -15.40
CA VAL D 76 -9.07 7.90 -15.53
C VAL D 76 -10.55 7.58 -15.74
N SER D 77 -10.80 6.39 -16.29
CA SER D 77 -12.15 5.89 -16.57
C SER D 77 -12.56 4.81 -15.57
N VAL D 78 -13.45 5.17 -14.65
CA VAL D 78 -13.91 4.27 -13.59
C VAL D 78 -15.39 3.87 -13.64
N PRO D 79 -15.71 2.64 -13.21
CA PRO D 79 -17.08 2.11 -13.18
C PRO D 79 -17.86 2.78 -12.02
N ILE D 80 -19.00 3.40 -12.32
CA ILE D 80 -19.80 4.08 -11.30
C ILE D 80 -20.06 3.24 -10.05
N SER D 81 -19.90 1.93 -10.18
CA SER D 81 -20.12 1.03 -9.08
C SER D 81 -18.95 1.09 -8.11
N SER D 82 -17.90 1.78 -8.53
CA SER D 82 -16.69 1.92 -7.73
C SER D 82 -16.59 3.19 -6.88
N LEU D 83 -17.28 4.24 -7.30
CA LEU D 83 -17.26 5.47 -6.53
C LEU D 83 -18.66 5.96 -6.16
N TRP D 84 -18.70 7.05 -5.40
CA TRP D 84 -19.97 7.62 -4.99
C TRP D 84 -20.50 8.37 -6.18
N VAL D 85 -21.81 8.25 -6.37
CA VAL D 85 -22.52 8.90 -7.46
C VAL D 85 -23.87 9.41 -6.97
N PRO D 86 -24.23 10.65 -7.32
CA PRO D 86 -25.49 11.29 -6.93
C PRO D 86 -26.70 10.38 -7.06
N ASP D 87 -27.44 10.24 -5.98
CA ASP D 87 -28.64 9.40 -5.95
C ASP D 87 -29.88 10.15 -6.50
N LEU D 88 -29.70 10.88 -7.59
CA LEU D 88 -30.80 11.60 -8.19
C LEU D 88 -31.86 10.65 -8.68
N ALA D 89 -33.12 11.01 -8.46
CA ALA D 89 -34.19 10.15 -8.89
C ALA D 89 -35.26 10.93 -9.61
N ALA D 90 -35.97 10.23 -10.47
CA ALA D 90 -37.07 10.81 -11.21
C ALA D 90 -38.30 10.63 -10.31
N TYR D 91 -38.79 11.74 -9.75
CA TYR D 91 -39.95 11.73 -8.87
C TYR D 91 -41.20 11.14 -9.51
N ASN D 92 -41.63 11.73 -10.62
CA ASN D 92 -42.83 11.27 -11.30
C ASN D 92 -42.58 10.20 -12.36
N ALA D 93 -41.67 9.27 -12.07
CA ALA D 93 -41.39 8.18 -13.00
C ALA D 93 -42.36 7.03 -12.69
N ILE D 94 -42.73 6.27 -13.71
CA ILE D 94 -43.63 5.13 -13.55
C ILE D 94 -42.97 3.87 -14.09
N SER D 95 -41.68 3.95 -14.37
CA SER D 95 -40.91 2.81 -14.85
C SER D 95 -39.46 2.97 -14.41
N LYS D 96 -38.80 1.87 -14.12
CA LYS D 96 -37.41 1.94 -13.69
C LYS D 96 -36.61 2.53 -14.84
N PRO D 97 -35.60 3.35 -14.50
CA PRO D 97 -34.80 3.94 -15.58
C PRO D 97 -33.93 2.88 -16.25
N GLU D 98 -33.88 2.91 -17.58
CA GLU D 98 -33.08 1.97 -18.32
C GLU D 98 -31.89 2.71 -18.92
N VAL D 99 -30.73 2.53 -18.31
CA VAL D 99 -29.52 3.18 -18.79
C VAL D 99 -28.99 2.45 -20.04
N LEU D 100 -28.88 3.19 -21.15
CA LEU D 100 -28.45 2.65 -22.44
C LEU D 100 -26.95 2.59 -22.66
N THR D 101 -26.23 3.59 -22.16
CA THR D 101 -24.79 3.69 -22.33
C THR D 101 -23.98 2.97 -21.26
N PRO D 102 -22.66 2.79 -21.47
CA PRO D 102 -21.75 2.12 -20.53
C PRO D 102 -21.73 2.89 -19.22
N GLN D 103 -21.82 2.18 -18.09
CA GLN D 103 -21.84 2.85 -16.80
C GLN D 103 -20.45 3.15 -16.26
N LEU D 104 -19.81 4.13 -16.90
CA LEU D 104 -18.47 4.57 -16.57
C LEU D 104 -18.46 6.08 -16.37
N ALA D 105 -17.57 6.56 -15.51
CA ALA D 105 -17.42 7.99 -15.23
C ALA D 105 -15.96 8.42 -15.41
N LEU D 106 -15.75 9.71 -15.67
CA LEU D 106 -14.42 10.25 -15.85
C LEU D 106 -14.01 11.08 -14.63
N VAL D 107 -12.75 10.95 -14.23
CA VAL D 107 -12.24 11.67 -13.07
C VAL D 107 -10.94 12.45 -13.34
N ASN D 108 -10.92 13.70 -12.86
CA ASN D 108 -9.78 14.60 -12.99
C ASN D 108 -8.64 14.21 -12.05
N SER D 109 -7.47 14.82 -12.27
CA SER D 109 -6.33 14.56 -11.40
C SER D 109 -6.61 15.36 -10.14
N SER D 110 -7.49 16.37 -10.28
CA SER D 110 -7.90 17.25 -9.19
C SER D 110 -9.09 16.67 -8.40
N GLY D 111 -9.81 15.74 -9.02
CA GLY D 111 -10.95 15.12 -8.34
C GLY D 111 -12.33 15.53 -8.85
N HIS D 112 -12.42 15.86 -10.13
CA HIS D 112 -13.69 16.26 -10.71
C HIS D 112 -14.30 15.10 -11.52
N VAL D 113 -15.42 14.56 -11.03
CA VAL D 113 -16.10 13.44 -11.71
C VAL D 113 -17.13 13.94 -12.73
N GLN D 114 -17.30 13.14 -13.78
CA GLN D 114 -18.23 13.45 -14.86
C GLN D 114 -18.96 12.16 -15.30
N TYR D 115 -20.30 12.17 -15.20
CA TYR D 115 -21.11 11.01 -15.57
C TYR D 115 -22.17 11.45 -16.58
N LEU D 116 -22.14 10.87 -17.78
CA LEU D 116 -23.09 11.21 -18.83
C LEU D 116 -23.93 10.06 -19.40
N PRO D 117 -24.76 9.42 -18.56
CA PRO D 117 -25.57 8.31 -19.06
C PRO D 117 -26.75 8.66 -19.97
N SER D 118 -27.06 7.77 -20.91
CA SER D 118 -28.21 7.98 -21.79
C SER D 118 -29.30 7.09 -21.22
N ILE D 119 -30.45 7.68 -20.94
CA ILE D 119 -31.54 6.93 -20.35
C ILE D 119 -32.88 6.95 -21.09
N ARG D 120 -33.62 5.86 -20.96
CA ARG D 120 -34.94 5.76 -21.55
C ARG D 120 -35.76 5.48 -20.34
N GLN D 121 -36.72 6.35 -20.06
CA GLN D 121 -37.58 6.19 -18.90
C GLN D 121 -38.98 6.74 -19.20
N ARG D 122 -39.99 6.18 -18.53
CA ARG D 122 -41.35 6.61 -18.75
C ARG D 122 -41.86 7.46 -17.59
N PHE D 123 -42.56 8.54 -17.91
CA PHE D 123 -43.09 9.45 -16.90
C PHE D 123 -44.59 9.65 -16.99
N SER D 124 -45.19 9.93 -15.84
CA SER D 124 -46.62 10.19 -15.78
C SER D 124 -46.75 11.61 -16.26
N CYS D 125 -47.65 11.81 -17.21
CA CYS D 125 -47.84 13.15 -17.74
C CYS D 125 -49.17 13.36 -18.47
N ASP D 126 -49.64 14.60 -18.46
CA ASP D 126 -50.89 14.98 -19.11
C ASP D 126 -50.70 15.25 -20.61
N VAL D 127 -50.83 14.21 -21.43
CA VAL D 127 -50.66 14.36 -22.88
C VAL D 127 -51.97 14.56 -23.60
N SER D 128 -52.92 15.21 -22.95
CA SER D 128 -54.23 15.46 -23.55
C SER D 128 -54.11 16.29 -24.83
N GLY D 129 -53.50 17.47 -24.70
CA GLY D 129 -53.35 18.35 -25.86
C GLY D 129 -52.06 18.15 -26.63
N VAL D 130 -51.82 16.94 -27.10
CA VAL D 130 -50.61 16.64 -27.86
C VAL D 130 -50.89 16.82 -29.35
N ASP D 131 -52.17 16.97 -29.68
CA ASP D 131 -52.59 17.15 -31.06
C ASP D 131 -52.93 18.62 -31.29
N THR D 132 -53.28 19.33 -30.22
CA THR D 132 -53.62 20.75 -30.31
C THR D 132 -52.37 21.54 -30.66
N GLU D 133 -52.53 22.70 -31.26
CA GLU D 133 -51.38 23.51 -31.63
C GLU D 133 -50.71 24.05 -30.37
N SER D 134 -51.48 24.12 -29.29
CA SER D 134 -50.96 24.62 -28.01
C SER D 134 -49.86 23.68 -27.50
N GLY D 135 -50.11 22.38 -27.59
CA GLY D 135 -49.15 21.37 -27.18
C GLY D 135 -49.21 20.85 -25.76
N ALA D 136 -48.89 19.57 -25.60
CA ALA D 136 -48.88 18.92 -24.29
C ALA D 136 -47.62 19.30 -23.52
N THR D 137 -47.75 19.43 -22.21
CA THR D 137 -46.59 19.80 -21.40
C THR D 137 -46.31 18.76 -20.30
N CYS D 138 -45.06 18.29 -20.26
CA CYS D 138 -44.61 17.30 -19.27
C CYS D 138 -43.53 17.85 -18.39
N LYS D 139 -43.60 17.53 -17.11
CA LYS D 139 -42.62 18.00 -16.17
C LYS D 139 -41.80 16.83 -15.66
N LEU D 140 -40.49 16.92 -15.81
CA LEU D 140 -39.62 15.85 -15.35
C LEU D 140 -38.88 16.38 -14.13
N LYS D 141 -39.37 16.01 -12.96
CA LYS D 141 -38.80 16.45 -11.70
C LYS D 141 -37.71 15.47 -11.19
N PHE D 142 -36.50 15.98 -11.02
CA PHE D 142 -35.38 15.18 -10.54
C PHE D 142 -34.91 15.73 -9.20
N GLY D 143 -34.20 14.91 -8.42
CA GLY D 143 -33.70 15.38 -7.15
C GLY D 143 -33.07 14.29 -6.31
N SER D 144 -32.20 14.66 -5.38
CA SER D 144 -31.59 13.66 -4.52
C SER D 144 -32.70 12.95 -3.78
N TRP D 145 -32.43 11.71 -3.37
CA TRP D 145 -33.42 10.89 -2.68
C TRP D 145 -33.28 10.85 -1.14
N THR D 146 -32.06 11.04 -0.65
CA THR D 146 -31.84 10.99 0.79
C THR D 146 -31.12 12.23 1.33
N HIS D 147 -30.22 12.81 0.51
CA HIS D 147 -29.45 13.97 0.96
C HIS D 147 -30.17 15.30 0.76
N HIS D 148 -30.15 16.14 1.79
CA HIS D 148 -30.80 17.45 1.73
C HIS D 148 -29.89 18.54 1.14
N SER D 149 -30.28 19.80 1.28
CA SER D 149 -29.50 20.91 0.74
C SER D 149 -28.07 21.02 1.26
N ARG D 150 -27.89 20.86 2.57
CA ARG D 150 -26.57 20.96 3.17
C ARG D 150 -25.61 19.85 2.77
N GLU D 151 -26.13 18.67 2.47
CA GLU D 151 -25.28 17.55 2.09
C GLU D 151 -24.98 17.50 0.61
N LEU D 152 -26.03 17.65 -0.20
CA LEU D 152 -25.89 17.61 -1.66
C LEU D 152 -26.62 18.79 -2.30
N ASP D 153 -25.83 19.72 -2.87
CA ASP D 153 -26.38 20.90 -3.53
C ASP D 153 -26.52 20.74 -5.03
N LEU D 154 -27.77 20.75 -5.50
CA LEU D 154 -28.07 20.59 -6.92
C LEU D 154 -28.07 21.95 -7.60
N GLN D 155 -27.31 22.07 -8.68
CA GLN D 155 -27.24 23.31 -9.43
C GLN D 155 -27.37 23.01 -10.91
N MET D 156 -28.46 23.45 -11.51
CA MET D 156 -28.70 23.20 -12.92
C MET D 156 -27.86 24.10 -13.83
N GLN D 157 -27.42 23.53 -14.95
CA GLN D 157 -26.64 24.29 -15.92
C GLN D 157 -27.37 24.30 -17.28
N GLU D 158 -26.80 25.03 -18.23
CA GLU D 158 -27.38 25.20 -19.55
C GLU D 158 -28.05 23.93 -20.07
N ALA D 159 -29.33 24.06 -20.41
CA ALA D 159 -30.09 22.96 -21.00
C ALA D 159 -29.85 22.90 -22.52
N ASP D 160 -29.12 21.89 -22.97
CA ASP D 160 -28.83 21.72 -24.39
C ASP D 160 -30.03 21.06 -25.08
N ILE D 161 -30.47 21.64 -26.20
CA ILE D 161 -31.63 21.13 -26.93
C ILE D 161 -31.29 20.75 -28.36
N SER D 162 -30.05 21.00 -28.76
CA SER D 162 -29.61 20.68 -30.11
C SER D 162 -29.43 19.17 -30.32
N GLY D 163 -29.77 18.39 -29.29
CA GLY D 163 -29.64 16.95 -29.40
C GLY D 163 -30.89 16.23 -29.90
N TYR D 164 -32.04 16.92 -29.89
CA TYR D 164 -33.32 16.35 -30.34
C TYR D 164 -33.30 15.81 -31.77
N ILE D 165 -33.98 14.69 -31.98
CA ILE D 165 -34.05 14.05 -33.30
C ILE D 165 -34.84 14.91 -34.31
N PRO D 166 -34.23 15.24 -35.45
CA PRO D 166 -34.82 16.05 -36.53
C PRO D 166 -36.18 15.57 -37.04
N TYR D 167 -36.29 14.27 -37.31
CA TYR D 167 -37.55 13.67 -37.77
C TYR D 167 -38.46 13.51 -36.55
N SER D 168 -38.82 12.27 -36.21
CA SER D 168 -39.67 12.05 -35.04
C SER D 168 -41.10 12.51 -35.27
N ARG D 169 -42.04 11.73 -34.78
CA ARG D 169 -43.44 12.05 -34.93
C ARG D 169 -43.79 13.35 -34.18
N PHE D 170 -42.95 13.75 -33.22
CA PHE D 170 -43.19 14.95 -32.41
C PHE D 170 -42.14 16.02 -32.61
N GLU D 171 -42.50 17.26 -32.24
CA GLU D 171 -41.58 18.40 -32.37
C GLU D 171 -41.60 19.19 -31.06
N LEU D 172 -40.43 19.67 -30.64
CA LEU D 172 -40.32 20.44 -29.39
C LEU D 172 -40.81 21.86 -29.52
N VAL D 173 -41.78 22.23 -28.70
CA VAL D 173 -42.29 23.60 -28.71
C VAL D 173 -41.55 24.44 -27.66
N GLY D 174 -41.02 23.77 -26.62
CA GLY D 174 -40.29 24.48 -25.58
C GLY D 174 -39.80 23.63 -24.43
N VAL D 175 -38.65 24.00 -23.89
CA VAL D 175 -38.04 23.32 -22.74
C VAL D 175 -37.62 24.40 -21.75
N THR D 176 -38.12 24.35 -20.52
CA THR D 176 -37.78 25.40 -19.54
C THR D 176 -36.62 25.10 -18.58
N GLN D 177 -36.82 24.21 -17.61
CA GLN D 177 -35.76 23.88 -16.65
C GLN D 177 -35.57 24.98 -15.58
N LYS D 178 -35.90 24.66 -14.34
CA LYS D 178 -35.75 25.61 -13.22
C LYS D 178 -35.65 24.88 -11.87
N ARG D 179 -34.58 25.13 -11.12
CA ARG D 179 -34.38 24.47 -9.82
C ARG D 179 -35.08 25.19 -8.68
N SER D 180 -35.69 24.42 -7.79
CA SER D 180 -36.40 24.98 -6.65
C SER D 180 -36.03 24.24 -5.36
N GLU D 181 -35.93 24.99 -4.26
CA GLU D 181 -35.61 24.40 -2.95
C GLU D 181 -36.93 24.30 -2.18
N ARG D 182 -37.39 23.05 -2.02
CA ARG D 182 -38.67 22.68 -1.40
C ARG D 182 -38.65 22.23 0.06
N PHE D 183 -38.86 23.16 1.00
CA PHE D 183 -38.89 22.87 2.45
C PHE D 183 -39.95 21.83 2.83
N TYR D 184 -39.56 20.56 2.96
CA TYR D 184 -40.50 19.51 3.34
C TYR D 184 -40.81 19.56 4.84
N GLU D 185 -41.40 18.46 5.34
CA GLU D 185 -41.78 18.32 6.75
C GLU D 185 -40.57 18.03 7.64
N CYS D 186 -40.47 18.76 8.76
CA CYS D 186 -39.37 18.63 9.72
C CYS D 186 -38.08 19.19 9.17
N CYS D 187 -37.03 18.94 9.93
CA CYS D 187 -35.68 19.24 9.54
C CYS D 187 -35.48 20.50 8.70
N LYS D 188 -35.15 21.60 9.36
CA LYS D 188 -34.93 22.91 8.72
C LYS D 188 -34.22 22.90 7.36
N GLU D 189 -33.43 21.87 7.09
CA GLU D 189 -32.72 21.76 5.79
C GLU D 189 -33.72 21.25 4.75
N PRO D 190 -33.99 22.06 3.71
CA PRO D 190 -34.92 21.67 2.64
C PRO D 190 -34.33 20.69 1.63
N TYR D 191 -35.12 20.36 0.62
CA TYR D 191 -34.67 19.44 -0.41
C TYR D 191 -34.72 20.12 -1.76
N PRO D 192 -33.58 20.22 -2.43
CA PRO D 192 -33.45 20.84 -3.74
C PRO D 192 -33.85 19.86 -4.83
N ASP D 193 -34.65 20.34 -5.78
CA ASP D 193 -35.09 19.52 -6.92
C ASP D 193 -35.18 20.32 -8.21
N VAL D 194 -34.58 19.80 -9.27
CA VAL D 194 -34.62 20.47 -10.57
C VAL D 194 -35.79 19.90 -11.38
N THR D 195 -36.60 20.76 -11.98
CA THR D 195 -37.75 20.29 -12.75
C THR D 195 -37.76 20.74 -14.22
N PHE D 196 -37.54 19.80 -15.13
CA PHE D 196 -37.54 20.12 -16.56
C PHE D 196 -38.92 20.05 -17.14
N THR D 197 -39.43 21.20 -17.59
CA THR D 197 -40.75 21.24 -18.20
C THR D 197 -40.64 21.23 -19.72
N VAL D 198 -41.05 20.11 -20.32
CA VAL D 198 -40.99 19.92 -21.75
C VAL D 198 -42.36 20.05 -22.39
N THR D 199 -42.43 20.83 -23.46
CA THR D 199 -43.69 21.04 -24.21
C THR D 199 -43.47 20.57 -25.65
N PHE D 200 -44.37 19.72 -26.13
CA PHE D 200 -44.25 19.18 -27.49
C PHE D 200 -45.63 19.00 -28.16
N ARG D 201 -45.63 18.84 -29.49
CA ARG D 201 -46.88 18.65 -30.22
C ARG D 201 -46.59 17.75 -31.40
N LYS D 202 -47.58 16.98 -31.82
CA LYS D 202 -47.42 16.07 -32.95
C LYS D 202 -47.23 16.87 -34.25
N LYS D 203 -46.29 16.46 -35.09
CA LYS D 203 -46.07 17.15 -36.35
C LYS D 203 -47.22 16.84 -37.30
N GLY D 204 -47.72 17.87 -37.99
CA GLY D 204 -48.82 17.68 -38.92
C GLY D 204 -48.79 18.66 -40.06
N GLN E 3 -13.02 10.67 8.70
CA GLN E 3 -14.32 11.40 8.72
C GLN E 3 -15.50 10.44 8.95
N ARG E 4 -15.61 9.48 8.03
CA ARG E 4 -16.66 8.48 8.11
C ARG E 4 -16.16 7.05 8.24
N LYS E 5 -15.60 6.77 9.42
CA LYS E 5 -15.11 5.45 9.74
C LYS E 5 -16.36 4.86 10.36
N LEU E 6 -17.38 5.72 10.43
CA LEU E 6 -18.68 5.36 10.99
C LEU E 6 -19.25 4.19 10.20
N TYR E 7 -19.14 4.25 8.87
CA TYR E 7 -19.63 3.17 8.03
C TYR E 7 -18.89 1.88 8.34
N LYS E 8 -17.56 1.94 8.33
CA LYS E 8 -16.75 0.77 8.62
C LYS E 8 -17.19 0.12 9.93
N GLU E 9 -17.58 0.95 10.89
CA GLU E 9 -18.01 0.46 12.21
C GLU E 9 -19.46 -0.03 12.24
N LEU E 10 -20.36 0.69 11.59
CA LEU E 10 -21.76 0.30 11.56
C LEU E 10 -21.97 -1.08 10.94
N VAL E 11 -21.15 -1.42 9.96
CA VAL E 11 -21.26 -2.71 9.28
C VAL E 11 -20.44 -3.83 9.92
N LYS E 12 -19.37 -3.46 10.62
CA LYS E 12 -18.45 -4.40 11.27
C LYS E 12 -19.08 -5.71 11.76
N ASN E 13 -19.95 -5.63 12.77
CA ASN E 13 -20.61 -6.81 13.30
C ASN E 13 -22.09 -6.77 13.01
N TYR E 14 -22.41 -6.83 11.72
CA TYR E 14 -23.78 -6.77 11.28
C TYR E 14 -24.12 -7.87 10.26
N ASN E 15 -25.26 -8.52 10.50
CA ASN E 15 -25.76 -9.57 9.64
C ASN E 15 -27.20 -9.12 9.41
N PRO E 16 -27.45 -8.50 8.26
CA PRO E 16 -28.76 -7.98 7.84
C PRO E 16 -29.93 -8.97 7.75
N ASP E 17 -29.66 -10.25 7.98
CA ASP E 17 -30.71 -11.27 7.94
C ASP E 17 -31.27 -11.51 9.34
N VAL E 18 -30.80 -10.71 10.29
CA VAL E 18 -31.22 -10.83 11.67
C VAL E 18 -32.03 -9.63 12.14
N ILE E 19 -33.28 -9.86 12.49
CA ILE E 19 -34.15 -8.79 12.96
C ILE E 19 -33.56 -8.31 14.30
N PRO E 20 -33.34 -6.98 14.44
CA PRO E 20 -32.78 -6.31 15.63
C PRO E 20 -33.62 -6.36 16.90
N THR E 21 -34.04 -7.55 17.31
CA THR E 21 -34.85 -7.69 18.51
C THR E 21 -33.98 -7.91 19.73
N GLN E 22 -34.20 -7.09 20.76
CA GLN E 22 -33.43 -7.22 22.00
C GLN E 22 -34.31 -7.93 23.04
N ARG E 23 -34.74 -9.13 22.66
CA ARG E 23 -35.59 -10.02 23.46
C ARG E 23 -36.72 -9.35 24.25
N ASP E 24 -37.94 -9.81 23.98
CA ASP E 24 -39.15 -9.30 24.59
C ASP E 24 -39.25 -7.82 24.28
N ARG E 25 -38.71 -7.47 23.14
CA ARG E 25 -38.72 -6.12 22.65
C ARG E 25 -38.93 -6.27 21.14
N PRO E 26 -40.20 -6.40 20.72
CA PRO E 26 -40.48 -6.55 19.29
C PRO E 26 -40.14 -5.29 18.49
N VAL E 27 -39.36 -5.44 17.43
CA VAL E 27 -39.01 -4.30 16.60
C VAL E 27 -40.30 -3.76 16.03
N THR E 28 -40.63 -2.52 16.37
CA THR E 28 -41.85 -1.93 15.86
C THR E 28 -41.55 -1.12 14.60
N VAL E 29 -42.24 -1.44 13.49
CA VAL E 29 -42.06 -0.73 12.23
C VAL E 29 -43.32 0.08 11.88
N TYR E 30 -43.15 1.37 11.67
CA TYR E 30 -44.27 2.24 11.34
C TYR E 30 -44.47 2.23 9.83
N PHE E 31 -45.52 1.54 9.40
CA PHE E 31 -45.87 1.39 7.99
C PHE E 31 -46.89 2.41 7.51
N SER E 32 -46.81 2.75 6.23
CA SER E 32 -47.74 3.71 5.63
C SER E 32 -47.59 3.76 4.13
N LEU E 33 -48.73 3.76 3.43
CA LEU E 33 -48.72 3.80 1.98
C LEU E 33 -49.38 5.07 1.46
N SER E 34 -48.86 5.60 0.36
CA SER E 34 -49.39 6.81 -0.24
C SER E 34 -49.60 6.57 -1.75
N LEU E 35 -50.85 6.52 -2.18
CA LEU E 35 -51.15 6.27 -3.59
C LEU E 35 -50.72 7.43 -4.45
N LEU E 36 -50.00 7.11 -5.53
CA LEU E 36 -49.49 8.11 -6.47
C LEU E 36 -50.30 8.15 -7.78
N GLN E 37 -50.70 6.98 -8.27
CA GLN E 37 -51.47 6.91 -9.51
C GLN E 37 -51.89 5.49 -9.86
N ILE E 38 -53.06 5.40 -10.47
CA ILE E 38 -53.56 4.10 -10.90
C ILE E 38 -53.30 4.11 -12.40
N MET E 39 -52.43 3.21 -12.84
CA MET E 39 -52.04 3.10 -14.23
C MET E 39 -53.07 2.48 -15.16
N ASP E 40 -53.41 1.22 -14.91
CA ASP E 40 -54.38 0.55 -15.77
C ASP E 40 -55.30 -0.34 -14.92
N VAL E 41 -56.39 -0.77 -15.54
CA VAL E 41 -57.35 -1.65 -14.89
C VAL E 41 -57.73 -2.69 -15.92
N ASP E 42 -57.39 -3.94 -15.65
CA ASP E 42 -57.70 -5.01 -16.58
C ASP E 42 -59.00 -5.64 -16.14
N GLU E 43 -60.10 -5.16 -16.71
CA GLU E 43 -61.42 -5.68 -16.37
C GLU E 43 -61.56 -7.13 -16.82
N LYS E 44 -60.81 -7.50 -17.84
CA LYS E 44 -60.85 -8.86 -18.38
C LYS E 44 -60.27 -9.89 -17.40
N ASN E 45 -59.12 -9.57 -16.81
CA ASN E 45 -58.46 -10.47 -15.87
C ASN E 45 -58.53 -10.06 -14.39
N GLN E 46 -59.17 -8.93 -14.13
CA GLN E 46 -59.34 -8.44 -12.76
C GLN E 46 -58.02 -8.13 -12.04
N VAL E 47 -57.33 -7.08 -12.50
CA VAL E 47 -56.06 -6.64 -11.91
C VAL E 47 -55.87 -5.13 -12.06
N VAL E 48 -55.18 -4.50 -11.11
CA VAL E 48 -54.92 -3.07 -11.21
C VAL E 48 -53.44 -2.84 -11.17
N ASP E 49 -52.97 -1.86 -11.95
CA ASP E 49 -51.55 -1.52 -11.99
C ASP E 49 -51.45 -0.26 -11.13
N VAL E 50 -50.72 -0.35 -10.02
CA VAL E 50 -50.63 0.80 -9.12
C VAL E 50 -49.20 1.27 -8.88
N VAL E 51 -49.04 2.55 -8.63
CA VAL E 51 -47.71 3.11 -8.32
C VAL E 51 -47.92 3.80 -7.00
N PHE E 52 -47.24 3.33 -5.96
CA PHE E 52 -47.38 3.90 -4.63
C PHE E 52 -46.06 4.26 -3.95
N TRP E 53 -46.18 5.03 -2.88
CA TRP E 53 -45.05 5.52 -2.10
C TRP E 53 -45.11 4.84 -0.74
N LEU E 54 -44.18 3.94 -0.46
CA LEU E 54 -44.18 3.27 0.83
C LEU E 54 -43.33 4.03 1.83
N GLN E 55 -43.84 4.10 3.03
CA GLN E 55 -43.13 4.79 4.09
C GLN E 55 -42.93 3.84 5.25
N MET E 56 -41.67 3.44 5.48
CA MET E 56 -41.34 2.54 6.56
C MET E 56 -40.28 3.13 7.47
N SER E 57 -40.45 2.98 8.77
CA SER E 57 -39.49 3.47 9.74
C SER E 57 -39.47 2.54 10.95
N TRP E 58 -38.27 2.24 11.44
CA TRP E 58 -38.10 1.36 12.59
C TRP E 58 -36.83 1.75 13.34
N THR E 59 -36.57 1.10 14.48
CA THR E 59 -35.40 1.42 15.27
C THR E 59 -34.46 0.21 15.37
N ASP E 60 -33.27 0.37 14.82
CA ASP E 60 -32.25 -0.68 14.80
C ASP E 60 -31.26 -0.37 15.89
N HIS E 61 -31.34 -1.05 17.04
CA HIS E 61 -30.41 -0.73 18.12
C HIS E 61 -28.94 -0.96 17.76
N TYR E 62 -28.69 -1.88 16.82
CA TYR E 62 -27.33 -2.16 16.38
C TYR E 62 -26.71 -0.98 15.64
N LEU E 63 -27.54 -0.04 15.17
CA LEU E 63 -27.03 1.08 14.39
C LEU E 63 -27.04 2.46 15.06
N GLN E 64 -26.61 2.55 16.31
CA GLN E 64 -26.58 3.85 16.97
C GLN E 64 -25.14 4.21 17.32
N TRP E 65 -24.86 5.50 17.43
CA TRP E 65 -23.51 5.95 17.75
C TRP E 65 -23.49 7.24 18.57
N ASN E 66 -22.36 7.49 19.23
CA ASN E 66 -22.16 8.67 20.06
C ASN E 66 -21.97 9.89 19.16
N VAL E 67 -22.97 10.78 19.16
CA VAL E 67 -22.96 11.99 18.34
C VAL E 67 -21.64 12.78 18.44
N SER E 68 -20.88 12.52 19.50
CA SER E 68 -19.60 13.20 19.73
C SER E 68 -18.40 12.40 19.21
N GLU E 69 -18.35 11.10 19.52
CA GLU E 69 -17.25 10.24 19.08
C GLU E 69 -17.01 10.36 17.59
N TYR E 70 -18.02 10.84 16.86
CA TYR E 70 -17.92 11.05 15.43
C TYR E 70 -18.20 12.53 15.18
N PRO E 71 -17.24 13.22 14.54
CA PRO E 71 -17.32 14.65 14.20
C PRO E 71 -18.74 15.27 14.26
N GLY E 72 -19.28 15.63 13.10
CA GLY E 72 -20.61 16.21 13.04
C GLY E 72 -21.54 15.32 12.23
N VAL E 73 -21.32 14.01 12.30
CA VAL E 73 -22.13 13.02 11.57
C VAL E 73 -23.46 12.72 12.24
N LYS E 74 -24.50 13.45 11.82
CA LYS E 74 -25.85 13.28 12.38
C LYS E 74 -26.63 12.06 11.84
N GLN E 75 -26.73 11.95 10.51
CA GLN E 75 -27.43 10.84 9.84
C GLN E 75 -26.67 10.38 8.60
N VAL E 76 -26.68 9.07 8.34
CA VAL E 76 -25.99 8.56 7.16
C VAL E 76 -26.94 7.90 6.18
N SER E 77 -26.48 7.80 4.93
CA SER E 77 -27.25 7.20 3.84
C SER E 77 -26.66 5.84 3.47
N VAL E 78 -27.38 4.77 3.83
CA VAL E 78 -26.94 3.40 3.59
C VAL E 78 -27.81 2.58 2.65
N PRO E 79 -27.19 1.66 1.88
CA PRO E 79 -27.88 0.78 0.93
C PRO E 79 -28.65 -0.31 1.68
N ILE E 80 -29.96 -0.40 1.45
CA ILE E 80 -30.79 -1.40 2.12
C ILE E 80 -30.22 -2.82 2.12
N SER E 81 -29.28 -3.08 1.22
CA SER E 81 -28.65 -4.39 1.11
C SER E 81 -27.60 -4.56 2.20
N SER E 82 -27.36 -3.49 2.94
CA SER E 82 -26.36 -3.48 4.02
C SER E 82 -26.95 -3.69 5.41
N LEU E 83 -28.21 -3.31 5.63
CA LEU E 83 -28.83 -3.50 6.92
C LEU E 83 -30.12 -4.33 6.86
N TRP E 84 -30.69 -4.61 8.03
CA TRP E 84 -31.93 -5.36 8.07
C TRP E 84 -33.04 -4.42 7.68
N VAL E 85 -33.97 -4.93 6.89
CA VAL E 85 -35.12 -4.17 6.43
C VAL E 85 -36.37 -5.07 6.46
N PRO E 86 -37.50 -4.53 6.98
CA PRO E 86 -38.77 -5.26 7.09
C PRO E 86 -39.14 -6.07 5.85
N ASP E 87 -39.39 -7.36 6.02
CA ASP E 87 -39.74 -8.25 4.91
C ASP E 87 -41.22 -8.17 4.54
N LEU E 88 -41.77 -6.96 4.53
CA LEU E 88 -43.18 -6.77 4.18
C LEU E 88 -43.46 -7.23 2.75
N ALA E 89 -44.60 -7.87 2.56
CA ALA E 89 -44.99 -8.35 1.24
C ALA E 89 -46.45 -8.05 0.94
N ALA E 90 -46.82 -7.94 -0.32
CA ALA E 90 -48.22 -7.68 -0.64
C ALA E 90 -48.86 -9.05 -0.84
N TYR E 91 -49.71 -9.45 0.11
CA TYR E 91 -50.37 -10.75 0.08
C TYR E 91 -51.33 -10.97 -1.09
N ASN E 92 -51.62 -9.92 -1.85
CA ASN E 92 -52.53 -10.06 -2.98
C ASN E 92 -51.90 -9.57 -4.30
N ALA E 93 -50.58 -9.69 -4.40
CA ALA E 93 -49.88 -9.24 -5.60
C ALA E 93 -49.81 -10.34 -6.65
N ILE E 94 -49.81 -9.95 -7.92
CA ILE E 94 -49.73 -10.92 -9.02
C ILE E 94 -48.56 -10.58 -9.90
N SER E 95 -47.68 -9.72 -9.40
CA SER E 95 -46.47 -9.35 -10.13
C SER E 95 -45.41 -8.94 -9.13
N LYS E 96 -44.16 -9.21 -9.45
CA LYS E 96 -43.08 -8.85 -8.54
C LYS E 96 -43.08 -7.34 -8.41
N PRO E 97 -42.79 -6.81 -7.22
CA PRO E 97 -42.78 -5.35 -7.05
C PRO E 97 -41.60 -4.75 -7.78
N GLU E 98 -41.82 -3.64 -8.48
CA GLU E 98 -40.75 -2.95 -9.21
C GLU E 98 -40.45 -1.64 -8.48
N VAL E 99 -39.34 -1.62 -7.76
CA VAL E 99 -38.93 -0.44 -7.02
C VAL E 99 -38.31 0.58 -8.01
N LEU E 100 -38.92 1.76 -8.07
CA LEU E 100 -38.48 2.81 -8.98
C LEU E 100 -37.35 3.71 -8.51
N THR E 101 -37.35 3.99 -7.22
CA THR E 101 -36.37 4.88 -6.60
C THR E 101 -35.10 4.17 -6.13
N PRO E 102 -34.05 4.95 -5.78
CA PRO E 102 -32.77 4.40 -5.30
C PRO E 102 -32.99 3.62 -4.01
N GLN E 103 -32.40 2.43 -3.92
CA GLN E 103 -32.60 1.61 -2.72
C GLN E 103 -31.62 1.98 -1.60
N LEU E 104 -31.90 3.13 -1.00
CA LEU E 104 -31.12 3.69 0.08
C LEU E 104 -32.03 4.02 1.27
N ALA E 105 -31.49 3.92 2.48
CA ALA E 105 -32.24 4.23 3.69
C ALA E 105 -31.46 5.25 4.55
N LEU E 106 -32.18 5.99 5.40
CA LEU E 106 -31.55 6.98 6.27
C LEU E 106 -31.52 6.48 7.70
N VAL E 107 -30.41 6.71 8.39
CA VAL E 107 -30.26 6.28 9.78
C VAL E 107 -29.82 7.39 10.76
N ASN E 108 -30.51 7.44 11.89
CA ASN E 108 -30.27 8.42 12.96
C ASN E 108 -29.00 8.08 13.73
N SER E 109 -28.56 9.02 14.54
CA SER E 109 -27.38 8.80 15.37
C SER E 109 -27.86 7.91 16.52
N SER E 110 -29.17 7.94 16.75
CA SER E 110 -29.82 7.16 17.80
C SER E 110 -30.17 5.76 17.29
N GLY E 111 -30.25 5.59 15.98
CA GLY E 111 -30.57 4.30 15.42
C GLY E 111 -31.96 4.15 14.81
N HIS E 112 -32.50 5.25 14.28
CA HIS E 112 -33.82 5.20 13.66
C HIS E 112 -33.72 5.16 12.13
N VAL E 113 -34.10 4.04 11.52
CA VAL E 113 -34.04 3.90 10.07
C VAL E 113 -35.30 4.38 9.34
N GLN E 114 -35.12 4.87 8.12
CA GLN E 114 -36.23 5.38 7.34
C GLN E 114 -36.05 4.96 5.88
N TYR E 115 -37.01 4.21 5.34
CA TYR E 115 -36.96 3.75 3.95
C TYR E 115 -38.24 4.16 3.22
N LEU E 116 -38.09 4.92 2.13
CA LEU E 116 -39.24 5.42 1.37
C LEU E 116 -39.24 5.07 -0.12
N PRO E 117 -39.30 3.78 -0.47
CA PRO E 117 -39.29 3.41 -1.89
C PRO E 117 -40.58 3.67 -2.65
N SER E 118 -40.45 3.99 -3.94
CA SER E 118 -41.59 4.22 -4.80
C SER E 118 -41.71 2.94 -5.62
N ILE E 119 -42.87 2.31 -5.54
CA ILE E 119 -43.08 1.05 -6.22
C ILE E 119 -44.26 1.00 -7.21
N ARG E 120 -44.10 0.18 -8.24
CA ARG E 120 -45.16 -0.02 -9.22
C ARG E 120 -45.35 -1.51 -9.11
N GLN E 121 -46.57 -1.93 -8.77
CA GLN E 121 -46.88 -3.34 -8.62
C GLN E 121 -48.33 -3.60 -9.03
N ARG E 122 -48.62 -4.80 -9.49
CA ARG E 122 -49.97 -5.13 -9.91
C ARG E 122 -50.66 -6.02 -8.90
N PHE E 123 -51.93 -5.73 -8.62
CA PHE E 123 -52.70 -6.50 -7.66
C PHE E 123 -53.96 -7.11 -8.23
N SER E 124 -54.36 -8.24 -7.68
CA SER E 124 -55.57 -8.91 -8.11
C SER E 124 -56.68 -8.11 -7.46
N CYS E 125 -57.68 -7.72 -8.24
CA CYS E 125 -58.76 -6.94 -7.68
C CYS E 125 -60.02 -6.93 -8.53
N ASP E 126 -61.16 -6.74 -7.87
CA ASP E 126 -62.46 -6.70 -8.54
C ASP E 126 -62.80 -5.31 -9.10
N VAL E 127 -62.39 -5.07 -10.35
CA VAL E 127 -62.62 -3.78 -10.99
C VAL E 127 -63.88 -3.79 -11.84
N SER E 128 -64.89 -4.55 -11.43
CA SER E 128 -66.14 -4.62 -12.17
C SER E 128 -66.82 -3.26 -12.26
N GLY E 129 -67.09 -2.67 -11.09
CA GLY E 129 -67.75 -1.38 -11.06
C GLY E 129 -66.80 -0.20 -11.06
N VAL E 130 -65.95 -0.10 -12.07
CA VAL E 130 -65.00 1.00 -12.18
C VAL E 130 -65.61 2.12 -13.03
N ASP E 131 -66.72 1.81 -13.69
CA ASP E 131 -67.44 2.77 -14.52
C ASP E 131 -68.67 3.29 -13.79
N THR E 132 -69.16 2.50 -12.85
CA THR E 132 -70.33 2.89 -12.07
C THR E 132 -69.95 4.05 -11.15
N GLU E 133 -70.92 4.86 -10.75
CA GLU E 133 -70.64 5.99 -9.88
C GLU E 133 -70.25 5.48 -8.49
N SER E 134 -70.65 4.25 -8.18
CA SER E 134 -70.34 3.64 -6.90
C SER E 134 -68.83 3.45 -6.76
N GLY E 135 -68.22 2.96 -7.84
CA GLY E 135 -66.77 2.76 -7.87
C GLY E 135 -66.23 1.40 -7.46
N ALA E 136 -65.13 1.00 -8.11
CA ALA E 136 -64.47 -0.27 -7.82
C ALA E 136 -63.60 -0.10 -6.57
N THR E 137 -63.52 -1.17 -5.76
CA THR E 137 -62.74 -1.13 -4.54
C THR E 137 -61.68 -2.22 -4.50
N CYS E 138 -60.43 -1.80 -4.27
CA CYS E 138 -59.28 -2.72 -4.20
C CYS E 138 -58.66 -2.70 -2.84
N LYS E 139 -58.27 -3.88 -2.37
CA LYS E 139 -57.64 -3.99 -1.07
C LYS E 139 -56.19 -4.41 -1.23
N LEU E 140 -55.29 -3.58 -0.71
CA LEU E 140 -53.87 -3.88 -0.78
C LEU E 140 -53.41 -4.32 0.60
N LYS E 141 -53.34 -5.63 0.80
CA LYS E 141 -52.94 -6.20 2.07
C LYS E 141 -51.43 -6.41 2.16
N PHE E 142 -50.79 -5.79 3.15
CA PHE E 142 -49.35 -5.91 3.35
C PHE E 142 -49.08 -6.57 4.69
N GLY E 143 -47.89 -7.12 4.87
CA GLY E 143 -47.57 -7.75 6.14
C GLY E 143 -46.26 -8.48 6.13
N SER E 144 -45.65 -8.69 7.28
CA SER E 144 -44.39 -9.40 7.30
C SER E 144 -44.63 -10.73 6.62
N TRP E 145 -43.56 -11.41 6.23
CA TRP E 145 -43.68 -12.68 5.54
C TRP E 145 -43.24 -13.84 6.40
N THR E 146 -42.38 -13.56 7.39
CA THR E 146 -41.89 -14.62 8.27
C THR E 146 -41.95 -14.33 9.79
N HIS E 147 -41.88 -13.05 10.17
CA HIS E 147 -41.93 -12.70 11.59
C HIS E 147 -43.35 -12.44 12.10
N HIS E 148 -43.67 -12.94 13.28
CA HIS E 148 -44.99 -12.76 13.88
C HIS E 148 -45.10 -11.46 14.71
N SER E 149 -46.17 -11.34 15.50
CA SER E 149 -46.39 -10.14 16.30
C SER E 149 -45.31 -9.84 17.32
N ARG E 150 -44.81 -10.87 18.00
CA ARG E 150 -43.78 -10.69 19.01
C ARG E 150 -42.41 -10.28 18.45
N GLU E 151 -42.12 -10.68 17.21
CA GLU E 151 -40.86 -10.33 16.58
C GLU E 151 -40.90 -9.00 15.85
N LEU E 152 -41.93 -8.81 15.02
CA LEU E 152 -42.09 -7.59 14.24
C LEU E 152 -43.48 -7.02 14.38
N ASP E 153 -43.59 -5.88 15.06
CA ASP E 153 -44.88 -5.23 15.28
C ASP E 153 -45.16 -4.15 14.23
N LEU E 154 -46.20 -4.38 13.42
CA LEU E 154 -46.59 -3.44 12.39
C LEU E 154 -47.57 -2.41 12.95
N GLN E 155 -47.26 -1.13 12.77
CA GLN E 155 -48.16 -0.07 13.25
C GLN E 155 -48.35 0.96 12.16
N MET E 156 -49.57 1.04 11.62
CA MET E 156 -49.87 1.99 10.55
C MET E 156 -49.96 3.42 11.03
N GLN E 157 -49.50 4.36 10.19
CA GLN E 157 -49.57 5.77 10.53
C GLN E 157 -50.37 6.51 9.46
N GLU E 158 -50.64 7.79 9.71
CA GLU E 158 -51.42 8.64 8.82
C GLU E 158 -51.25 8.41 7.31
N ALA E 159 -52.34 7.99 6.67
CA ALA E 159 -52.34 7.73 5.23
C ALA E 159 -52.40 9.03 4.44
N ASP E 160 -51.31 9.38 3.78
CA ASP E 160 -51.23 10.61 2.97
C ASP E 160 -51.84 10.36 1.58
N ILE E 161 -52.76 11.24 1.17
CA ILE E 161 -53.45 11.08 -0.11
C ILE E 161 -53.23 12.27 -1.03
N SER E 162 -52.56 13.30 -0.52
CA SER E 162 -52.30 14.50 -1.31
C SER E 162 -51.26 14.23 -2.40
N GLY E 163 -50.80 12.98 -2.50
CA GLY E 163 -49.81 12.64 -3.50
C GLY E 163 -50.37 12.19 -4.84
N TYR E 164 -51.66 11.88 -4.87
CA TYR E 164 -52.33 11.41 -6.09
C TYR E 164 -52.25 12.39 -7.26
N ILE E 165 -52.11 11.83 -8.46
CA ILE E 165 -52.01 12.63 -9.68
C ILE E 165 -53.35 13.33 -10.00
N PRO E 166 -53.33 14.68 -10.14
CA PRO E 166 -54.48 15.54 -10.44
C PRO E 166 -55.27 15.10 -11.69
N TYR E 167 -54.57 14.83 -12.79
CA TYR E 167 -55.21 14.38 -14.02
C TYR E 167 -55.55 12.91 -13.86
N SER E 168 -54.99 12.05 -14.70
CA SER E 168 -55.24 10.62 -14.60
C SER E 168 -56.66 10.26 -15.03
N ARG E 169 -56.77 9.13 -15.70
CA ARG E 169 -58.06 8.65 -16.18
C ARG E 169 -59.00 8.33 -15.01
N PHE E 170 -58.44 8.11 -13.82
CA PHE E 170 -59.24 7.76 -12.64
C PHE E 170 -59.18 8.79 -11.53
N GLU E 171 -60.16 8.73 -10.62
CA GLU E 171 -60.20 9.66 -9.50
C GLU E 171 -60.46 8.85 -8.21
N LEU E 172 -59.82 9.26 -7.13
CA LEU E 172 -59.99 8.58 -5.84
C LEU E 172 -61.28 8.92 -5.11
N VAL E 173 -62.09 7.90 -4.83
CA VAL E 173 -63.34 8.12 -4.12
C VAL E 173 -63.09 7.94 -2.62
N GLY E 174 -62.06 7.17 -2.28
CA GLY E 174 -61.75 6.96 -0.87
C GLY E 174 -60.64 5.97 -0.58
N VAL E 175 -59.92 6.23 0.51
CA VAL E 175 -58.83 5.37 0.95
C VAL E 175 -59.03 5.14 2.44
N THR E 176 -59.11 3.87 2.87
CA THR E 176 -59.33 3.60 4.30
C THR E 176 -58.09 3.31 5.14
N GLN E 177 -57.49 2.12 4.99
CA GLN E 177 -56.31 1.75 5.78
C GLN E 177 -56.66 1.34 7.23
N LYS E 178 -56.45 0.08 7.57
CA LYS E 178 -56.73 -0.41 8.93
C LYS E 178 -55.92 -1.68 9.23
N ARG E 179 -55.14 -1.67 10.32
CA ARG E 179 -54.34 -2.84 10.67
C ARG E 179 -55.11 -3.86 11.50
N SER E 180 -54.91 -5.14 11.21
CA SER E 180 -55.58 -6.24 11.91
C SER E 180 -54.58 -7.33 12.32
N GLU E 181 -54.81 -7.93 13.50
CA GLU E 181 -53.94 -9.00 14.00
C GLU E 181 -54.74 -10.30 14.06
N ARG E 182 -54.15 -11.45 13.91
CA ARG E 182 -55.03 -12.59 13.98
C ARG E 182 -54.33 -13.73 14.65
N PHE E 183 -55.00 -14.86 14.68
CA PHE E 183 -54.48 -16.09 15.21
C PHE E 183 -54.86 -17.14 14.18
N TYR E 184 -54.10 -18.22 14.12
CA TYR E 184 -54.39 -19.27 13.15
C TYR E 184 -54.07 -20.64 13.74
N GLU E 185 -54.15 -21.68 12.92
CA GLU E 185 -53.86 -23.02 13.39
C GLU E 185 -52.35 -23.15 13.53
N CYS E 186 -51.84 -22.82 14.71
CA CYS E 186 -50.39 -22.91 15.01
C CYS E 186 -49.82 -21.79 15.83
N CYS E 187 -48.52 -21.94 16.01
CA CYS E 187 -47.65 -20.98 16.64
C CYS E 187 -48.02 -20.34 17.96
N LYS E 188 -49.31 -20.24 18.24
CA LYS E 188 -49.73 -19.59 19.47
C LYS E 188 -49.17 -18.18 19.27
N GLU E 189 -48.86 -17.91 18.00
CA GLU E 189 -48.30 -16.64 17.56
C GLU E 189 -49.22 -15.89 16.60
N PRO E 190 -49.57 -14.64 16.95
CA PRO E 190 -50.45 -13.72 16.23
C PRO E 190 -49.78 -13.04 15.03
N TYR E 191 -50.58 -12.58 14.07
CA TYR E 191 -50.01 -11.94 12.90
C TYR E 191 -50.64 -10.63 12.46
N PRO E 192 -49.84 -9.56 12.41
CA PRO E 192 -50.23 -8.21 12.03
C PRO E 192 -50.18 -7.92 10.52
N ASP E 193 -51.17 -7.18 10.03
CA ASP E 193 -51.22 -6.81 8.63
C ASP E 193 -52.02 -5.52 8.38
N VAL E 194 -51.44 -4.59 7.62
CA VAL E 194 -52.13 -3.34 7.30
C VAL E 194 -52.79 -3.49 5.94
N THR E 195 -54.07 -3.11 5.82
CA THR E 195 -54.80 -3.25 4.56
C THR E 195 -55.35 -1.93 4.03
N PHE E 196 -54.79 -1.43 2.93
CA PHE E 196 -55.24 -0.19 2.32
C PHE E 196 -56.37 -0.44 1.35
N THR E 197 -57.56 0.10 1.64
CA THR E 197 -58.69 -0.11 0.76
C THR E 197 -58.89 1.13 -0.08
N VAL E 198 -58.62 0.99 -1.38
CA VAL E 198 -58.74 2.08 -2.34
C VAL E 198 -59.99 1.95 -3.21
N THR E 199 -60.73 3.05 -3.34
CA THR E 199 -61.93 3.08 -4.15
C THR E 199 -61.75 4.15 -5.23
N PHE E 200 -62.00 3.78 -6.48
CA PHE E 200 -61.83 4.71 -7.59
C PHE E 200 -62.86 4.46 -8.69
N ARG E 201 -63.02 5.45 -9.58
CA ARG E 201 -63.97 5.33 -10.67
C ARG E 201 -63.41 6.08 -11.86
N LYS E 202 -63.80 5.64 -13.07
CA LYS E 202 -63.34 6.27 -14.30
C LYS E 202 -63.95 7.67 -14.45
N LYS E 203 -63.12 8.65 -14.82
CA LYS E 203 -63.62 10.01 -15.02
C LYS E 203 -64.48 10.05 -16.28
N GLY E 204 -65.63 10.70 -16.16
CA GLY E 204 -66.52 10.81 -17.31
C GLY E 204 -67.34 12.11 -17.29
N GLN F 3 10.91 38.11 15.18
CA GLN F 3 12.09 38.79 15.81
C GLN F 3 13.39 38.58 15.01
N ARG F 4 13.75 37.30 14.81
CA ARG F 4 14.96 36.91 14.10
C ARG F 4 14.75 36.22 12.78
N LYS F 5 14.35 37.03 11.80
CA LYS F 5 14.14 36.56 10.45
C LYS F 5 15.53 36.82 9.86
N LEU F 6 16.38 37.38 10.72
CA LEU F 6 17.76 37.70 10.36
C LEU F 6 18.48 36.44 9.92
N TYR F 7 18.26 35.35 10.66
CA TYR F 7 18.88 34.07 10.33
C TYR F 7 18.41 33.60 8.96
N LYS F 8 17.10 33.57 8.76
CA LYS F 8 16.53 33.16 7.47
C LYS F 8 17.15 33.93 6.31
N GLU F 9 17.46 35.21 6.55
CA GLU F 9 18.06 36.08 5.52
C GLU F 9 19.57 35.91 5.38
N LEU F 10 20.28 35.79 6.50
CA LEU F 10 21.73 35.61 6.45
C LEU F 10 22.14 34.35 5.71
N VAL F 11 21.32 33.30 5.78
CA VAL F 11 21.64 32.04 5.11
C VAL F 11 21.06 31.93 3.70
N LYS F 12 19.99 32.67 3.44
CA LYS F 12 19.30 32.65 2.14
C LYS F 12 20.19 32.39 0.91
N ASN F 13 21.08 33.33 0.60
CA ASN F 13 21.99 33.19 -0.53
C ASN F 13 23.42 33.03 -0.06
N TYR F 14 23.66 31.92 0.63
CA TYR F 14 24.96 31.62 1.19
C TYR F 14 25.43 30.19 0.89
N ASN F 15 26.67 30.08 0.44
CA ASN F 15 27.31 28.80 0.13
C ASN F 15 28.63 28.91 0.88
N PRO F 16 28.70 28.30 2.08
CA PRO F 16 29.87 28.29 2.98
C PRO F 16 31.19 27.74 2.45
N ASP F 17 31.18 27.23 1.21
CA ASP F 17 32.38 26.69 0.59
C ASP F 17 33.05 27.77 -0.26
N VAL F 18 32.50 28.97 -0.20
CA VAL F 18 33.03 30.09 -0.97
C VAL F 18 33.63 31.16 -0.07
N ILE F 19 34.92 31.39 -0.22
CA ILE F 19 35.60 32.40 0.58
C ILE F 19 35.02 33.77 0.17
N PRO F 20 34.64 34.63 1.14
CA PRO F 20 34.07 35.96 0.89
C PRO F 20 35.02 37.11 0.57
N THR F 21 35.69 37.02 -0.58
CA THR F 21 36.57 38.09 -1.01
C THR F 21 35.72 38.90 -1.96
N GLN F 22 35.88 40.23 -1.91
CA GLN F 22 35.16 41.12 -2.80
C GLN F 22 36.16 41.59 -3.88
N ARG F 23 36.77 40.59 -4.53
CA ARG F 23 37.75 40.74 -5.59
C ARG F 23 38.87 41.76 -5.34
N ASP F 24 40.11 41.31 -5.56
CA ASP F 24 41.34 42.10 -5.36
C ASP F 24 41.47 42.52 -3.90
N ARG F 25 40.54 42.01 -3.11
CA ARG F 25 40.48 42.29 -1.69
C ARG F 25 40.44 40.93 -0.97
N PRO F 26 41.63 40.45 -0.53
CA PRO F 26 41.84 39.19 0.17
C PRO F 26 41.24 39.18 1.57
N VAL F 27 40.43 38.17 1.88
CA VAL F 27 39.83 38.09 3.21
C VAL F 27 40.98 37.94 4.21
N THR F 28 41.10 38.92 5.09
CA THR F 28 42.15 38.87 6.08
C THR F 28 41.61 38.28 7.38
N VAL F 29 42.28 37.20 7.84
CA VAL F 29 41.88 36.50 9.07
C VAL F 29 42.94 36.71 10.14
N TYR F 30 42.52 37.20 11.30
CA TYR F 30 43.44 37.43 12.39
C TYR F 30 43.53 36.17 13.25
N PHE F 31 44.66 35.50 13.11
CA PHE F 31 44.95 34.24 13.80
C PHE F 31 45.73 34.44 15.11
N SER F 32 45.52 33.53 16.05
CA SER F 32 46.21 33.61 17.33
C SER F 32 45.98 32.37 18.16
N LEU F 33 47.04 31.83 18.73
CA LEU F 33 46.94 30.64 19.55
C LEU F 33 47.35 30.93 21.00
N SER F 34 46.67 30.27 21.93
CA SER F 34 46.92 30.42 23.35
C SER F 34 47.07 29.03 23.99
N LEU F 35 48.29 28.68 24.41
CA LEU F 35 48.52 27.38 25.02
C LEU F 35 47.81 27.25 26.37
N LEU F 36 47.07 26.16 26.55
CA LEU F 36 46.33 25.89 27.78
C LEU F 36 47.05 24.87 28.67
N GLN F 37 47.59 23.82 28.05
CA GLN F 37 48.30 22.78 28.79
C GLN F 37 48.94 21.73 27.89
N ILE F 38 50.07 21.20 28.36
CA ILE F 38 50.76 20.16 27.63
C ILE F 38 50.42 18.91 28.40
N MET F 39 49.70 18.00 27.74
CA MET F 39 49.24 16.75 28.33
C MET F 39 50.31 15.70 28.51
N ASP F 40 50.88 15.23 27.41
CA ASP F 40 51.89 14.21 27.50
C ASP F 40 53.01 14.46 26.50
N VAL F 41 54.12 13.76 26.68
CA VAL F 41 55.27 13.86 25.80
C VAL F 41 55.75 12.44 25.57
N ASP F 42 55.66 11.99 24.32
CA ASP F 42 56.10 10.65 23.99
C ASP F 42 57.52 10.74 23.48
N GLU F 43 58.49 10.55 24.38
CA GLU F 43 59.90 10.63 24.04
C GLU F 43 60.26 9.47 23.11
N LYS F 44 59.54 8.36 23.23
CA LYS F 44 59.78 7.18 22.41
C LYS F 44 59.45 7.43 20.93
N ASN F 45 58.30 8.06 20.65
CA ASN F 45 57.87 8.34 19.28
C ASN F 45 57.97 9.80 18.84
N GLN F 46 58.42 10.65 19.74
CA GLN F 46 58.59 12.07 19.45
C GLN F 46 57.28 12.78 19.07
N VAL F 47 56.40 12.93 20.05
CA VAL F 47 55.11 13.59 19.87
C VAL F 47 54.63 14.28 21.16
N VAL F 48 53.92 15.39 21.03
CA VAL F 48 53.40 16.07 22.21
C VAL F 48 51.88 16.18 22.07
N ASP F 49 51.20 16.04 23.20
CA ASP F 49 49.75 16.15 23.25
C ASP F 49 49.49 17.55 23.77
N VAL F 50 48.85 18.39 22.98
CA VAL F 50 48.61 19.75 23.40
C VAL F 50 47.15 20.15 23.37
N VAL F 51 46.76 21.03 24.29
CA VAL F 51 45.38 21.54 24.34
C VAL F 51 45.53 23.05 24.25
N PHE F 52 44.93 23.66 23.23
CA PHE F 52 45.02 25.10 23.06
C PHE F 52 43.70 25.80 22.79
N TRP F 53 43.81 27.11 22.59
CA TRP F 53 42.68 28.01 22.36
C TRP F 53 42.95 28.82 21.09
N LEU F 54 42.37 28.40 19.96
CA LEU F 54 42.57 29.11 18.69
C LEU F 54 41.60 30.27 18.53
N GLN F 55 42.15 31.46 18.36
CA GLN F 55 41.39 32.68 18.21
C GLN F 55 41.44 33.14 16.76
N MET F 56 40.30 33.06 16.08
CA MET F 56 40.21 33.46 14.68
C MET F 56 39.10 34.50 14.48
N SER F 57 39.40 35.52 13.67
CA SER F 57 38.43 36.56 13.36
C SER F 57 38.66 37.06 11.93
N TRP F 58 37.57 37.28 11.20
CA TRP F 58 37.65 37.75 9.81
C TRP F 58 36.38 38.52 9.49
N THR F 59 36.33 39.11 8.30
CA THR F 59 35.16 39.89 7.92
C THR F 59 34.47 39.27 6.72
N ASP F 60 33.22 38.87 6.92
CA ASP F 60 32.42 38.26 5.87
C ASP F 60 31.45 39.31 5.37
N HIS F 61 31.73 39.90 4.20
CA HIS F 61 30.83 40.94 3.71
C HIS F 61 29.41 40.43 3.43
N TYR F 62 29.28 39.14 3.14
CA TYR F 62 27.96 38.54 2.88
C TYR F 62 27.08 38.53 4.13
N LEU F 63 27.69 38.68 5.30
CA LEU F 63 26.94 38.62 6.56
C LEU F 63 26.76 39.94 7.34
N GLN F 64 26.41 41.02 6.66
CA GLN F 64 26.18 42.28 7.35
C GLN F 64 24.71 42.70 7.18
N TRP F 65 24.21 43.48 8.14
CA TRP F 65 22.82 43.92 8.08
C TRP F 65 22.63 45.31 8.70
N ASN F 66 21.51 45.95 8.34
CA ASN F 66 21.16 47.28 8.84
C ASN F 66 20.70 47.16 10.29
N VAL F 67 21.52 47.67 11.21
CA VAL F 67 21.24 47.63 12.64
C VAL F 67 19.81 48.07 12.98
N SER F 68 19.19 48.81 12.06
CA SER F 68 17.81 49.32 12.24
C SER F 68 16.74 48.40 11.64
N GLU F 69 16.95 47.97 10.39
CA GLU F 69 16.00 47.09 9.72
C GLU F 69 15.64 45.91 10.59
N TYR F 70 16.48 45.62 11.57
CA TYR F 70 16.25 44.52 12.50
C TYR F 70 16.23 45.10 13.90
N PRO F 71 15.13 44.89 14.63
CA PRO F 71 14.93 45.38 16.01
C PRO F 71 16.20 45.81 16.74
N GLY F 72 16.61 45.03 17.74
CA GLY F 72 17.81 45.33 18.50
C GLY F 72 18.84 44.22 18.40
N VAL F 73 18.87 43.57 17.24
CA VAL F 73 19.78 42.46 16.98
C VAL F 73 21.19 42.94 16.61
N LYS F 74 22.06 43.05 17.62
CA LYS F 74 23.45 43.48 17.44
C LYS F 74 24.39 42.40 16.88
N GLN F 75 24.43 41.23 17.52
CA GLN F 75 25.27 40.10 17.11
C GLN F 75 24.51 38.77 17.25
N VAL F 76 24.73 37.85 16.31
CA VAL F 76 24.06 36.55 16.39
C VAL F 76 25.05 35.40 16.56
N SER F 77 24.52 34.28 17.07
CA SER F 77 25.31 33.06 17.32
C SER F 77 24.96 31.99 16.30
N VAL F 78 25.89 31.76 15.36
CA VAL F 78 25.69 30.80 14.28
C VAL F 78 26.66 29.60 14.28
N PRO F 79 26.16 28.42 13.82
CA PRO F 79 26.94 27.17 13.75
C PRO F 79 27.94 27.26 12.58
N ILE F 80 29.24 27.08 12.87
CA ILE F 80 30.28 27.16 11.84
C ILE F 80 29.97 26.36 10.57
N SER F 81 29.06 25.41 10.67
CA SER F 81 28.67 24.59 9.55
C SER F 81 27.76 25.39 8.62
N SER F 82 27.34 26.56 9.09
CA SER F 82 26.45 27.41 8.32
C SER F 82 27.13 28.50 7.48
N LEU F 83 28.33 28.93 7.89
CA LEU F 83 29.05 29.94 7.13
C LEU F 83 30.44 29.48 6.73
N TRP F 84 31.15 30.36 6.01
CA TRP F 84 32.51 30.06 5.60
C TRP F 84 33.41 30.28 6.79
N VAL F 85 34.37 29.39 6.95
CA VAL F 85 35.32 29.44 8.05
C VAL F 85 36.71 29.05 7.52
N PRO F 86 37.76 29.80 7.91
CA PRO F 86 39.16 29.56 7.49
C PRO F 86 39.57 28.10 7.58
N ASP F 87 40.06 27.57 6.47
CA ASP F 87 40.49 26.18 6.39
C ASP F 87 41.92 25.98 6.93
N LEU F 88 42.21 26.63 8.06
CA LEU F 88 43.54 26.51 8.65
C LEU F 88 43.80 25.08 9.09
N ALA F 89 45.02 24.63 8.87
CA ALA F 89 45.38 23.28 9.25
C ALA F 89 46.73 23.25 9.93
N ALA F 90 46.95 22.23 10.73
CA ALA F 90 48.21 22.05 11.42
C ALA F 90 49.07 21.23 10.46
N TYR F 91 50.01 21.89 9.78
CA TYR F 91 50.87 21.23 8.80
C TYR F 91 51.62 20.02 9.37
N ASN F 92 51.96 20.07 10.65
CA ASN F 92 52.72 18.99 11.29
C ASN F 92 51.99 18.25 12.40
N ALA F 93 50.71 17.98 12.18
CA ALA F 93 49.92 17.24 13.15
C ALA F 93 49.99 15.76 12.79
N ILE F 94 49.84 14.90 13.80
CA ILE F 94 49.86 13.45 13.58
C ILE F 94 48.58 12.82 14.12
N SER F 95 47.60 13.67 14.41
CA SER F 95 46.29 13.22 14.89
C SER F 95 45.24 14.25 14.48
N LYS F 96 44.03 13.77 14.20
CA LYS F 96 42.98 14.67 13.78
C LYS F 96 42.70 15.60 14.95
N PRO F 97 42.39 16.88 14.66
CA PRO F 97 42.12 17.82 15.77
C PRO F 97 40.80 17.48 16.43
N GLU F 98 40.80 17.48 17.77
CA GLU F 98 39.58 17.19 18.52
C GLU F 98 39.10 18.50 19.15
N VAL F 99 38.07 19.09 18.56
CA VAL F 99 37.50 20.33 19.07
C VAL F 99 36.64 20.03 20.33
N LEU F 100 37.00 20.65 21.44
CA LEU F 100 36.34 20.44 22.74
C LEU F 100 35.09 21.29 23.01
N THR F 101 35.14 22.54 22.55
CA THR F 101 34.05 23.49 22.75
C THR F 101 32.98 23.43 21.67
N PRO F 102 31.82 24.08 21.92
CA PRO F 102 30.69 24.14 20.96
C PRO F 102 31.14 24.81 19.68
N GLN F 103 30.79 24.21 18.54
CA GLN F 103 31.19 24.77 17.25
C GLN F 103 30.24 25.87 16.76
N LEU F 104 30.33 27.01 17.42
CA LEU F 104 29.52 28.19 17.13
C LEU F 104 30.43 29.40 16.94
N ALA F 105 30.00 30.33 16.11
CA ALA F 105 30.76 31.57 15.86
C ALA F 105 29.86 32.79 16.10
N LEU F 106 30.48 33.94 16.39
CA LEU F 106 29.75 35.18 16.63
C LEU F 106 29.93 36.11 15.45
N VAL F 107 28.84 36.78 15.07
CA VAL F 107 28.87 37.70 13.93
C VAL F 107 28.30 39.09 14.24
N ASN F 108 29.05 40.11 13.80
CA ASN F 108 28.70 41.53 13.96
C ASN F 108 27.56 41.94 13.03
N SER F 109 27.02 43.13 13.29
CA SER F 109 25.95 43.66 12.45
C SER F 109 26.65 44.15 11.18
N SER F 110 27.96 44.41 11.33
CA SER F 110 28.81 44.89 10.24
C SER F 110 29.38 43.74 9.41
N GLY F 111 29.40 42.54 10.01
CA GLY F 111 29.91 41.38 9.30
C GLY F 111 31.25 40.85 9.78
N HIS F 112 31.53 41.01 11.08
CA HIS F 112 32.79 40.52 11.66
C HIS F 112 32.58 39.21 12.44
N VAL F 113 33.11 38.11 11.89
CA VAL F 113 32.99 36.79 12.53
C VAL F 113 34.11 36.51 13.53
N GLN F 114 33.77 35.76 14.57
CA GLN F 114 34.72 35.42 15.63
C GLN F 114 34.53 33.95 16.04
N TYR F 115 35.59 33.14 15.90
CA TYR F 115 35.53 31.72 16.24
C TYR F 115 36.66 31.39 17.21
N LEU F 116 36.29 30.91 18.39
CA LEU F 116 37.25 30.59 19.43
C LEU F 116 37.25 29.15 19.94
N PRO F 117 37.49 28.16 19.07
CA PRO F 117 37.47 26.77 19.53
C PRO F 117 38.65 26.31 20.42
N SER F 118 38.37 25.42 21.35
CA SER F 118 39.40 24.84 22.22
C SER F 118 39.72 23.50 21.62
N ILE F 119 40.99 23.27 21.31
CA ILE F 119 41.38 22.03 20.68
C ILE F 119 42.46 21.20 21.40
N ARG F 120 42.39 19.88 21.24
CA ARG F 120 43.39 18.99 21.80
C ARG F 120 43.85 18.30 20.55
N GLN F 121 45.14 18.42 20.25
CA GLN F 121 45.72 17.81 19.06
C GLN F 121 47.16 17.37 19.34
N ARG F 122 47.62 16.34 18.63
CA ARG F 122 48.97 15.84 18.82
C ARG F 122 49.88 16.22 17.68
N PHE F 123 51.09 16.66 18.01
CA PHE F 123 52.07 17.10 17.01
C PHE F 123 53.37 16.34 17.07
N SER F 124 54.02 16.25 15.92
CA SER F 124 55.31 15.60 15.80
C SER F 124 56.29 16.62 16.32
N CYS F 125 57.13 16.22 17.26
CA CYS F 125 58.09 17.14 17.83
C CYS F 125 59.26 16.48 18.54
N ASP F 126 60.39 17.19 18.53
CA ASP F 126 61.61 16.70 19.16
C ASP F 126 61.63 16.99 20.67
N VAL F 127 61.12 16.04 21.45
CA VAL F 127 61.08 16.22 22.90
C VAL F 127 62.26 15.56 23.60
N SER F 128 63.41 15.52 22.93
CA SER F 128 64.59 14.91 23.52
C SER F 128 65.00 15.61 24.81
N GLY F 129 65.24 16.91 24.73
CA GLY F 129 65.66 17.66 25.89
C GLY F 129 64.52 18.27 26.70
N VAL F 130 63.61 17.42 27.16
CA VAL F 130 62.48 17.90 27.94
C VAL F 130 62.82 17.81 29.42
N ASP F 131 63.94 17.16 29.72
CA ASP F 131 64.40 17.01 31.10
C ASP F 131 65.57 17.95 31.36
N THR F 132 66.26 18.35 30.30
CA THR F 132 67.38 19.26 30.42
C THR F 132 66.85 20.65 30.79
N GLU F 133 67.69 21.46 31.42
CA GLU F 133 67.27 22.79 31.82
C GLU F 133 67.07 23.68 30.59
N SER F 134 67.71 23.28 29.48
CA SER F 134 67.59 24.02 28.23
C SER F 134 66.15 23.97 27.73
N GLY F 135 65.57 22.77 27.79
CA GLY F 135 64.18 22.57 27.38
C GLY F 135 63.90 22.16 25.94
N ALA F 136 62.87 21.32 25.77
CA ALA F 136 62.49 20.84 24.45
C ALA F 136 61.69 21.94 23.73
N THR F 137 61.85 22.02 22.41
CA THR F 137 61.16 23.04 21.64
C THR F 137 60.30 22.43 20.54
N CYS F 138 59.02 22.82 20.50
CA CYS F 138 58.07 22.33 19.50
C CYS F 138 57.54 23.46 18.66
N LYS F 139 57.39 23.21 17.37
CA LYS F 139 56.88 24.23 16.47
C LYS F 139 55.50 23.80 15.95
N LEU F 140 54.50 24.65 16.16
CA LEU F 140 53.15 24.35 15.67
C LEU F 140 52.88 25.25 14.49
N LYS F 141 53.05 24.70 13.30
CA LYS F 141 52.86 25.45 12.06
C LYS F 141 51.42 25.34 11.55
N PHE F 142 50.75 26.48 11.43
CA PHE F 142 49.38 26.55 10.95
C PHE F 142 49.32 27.30 9.64
N GLY F 143 48.25 27.11 8.87
CA GLY F 143 48.14 27.83 7.61
C GLY F 143 46.99 27.37 6.76
N SER F 144 46.54 28.24 5.85
CA SER F 144 45.44 27.87 4.96
C SER F 144 45.91 26.65 4.18
N TRP F 145 44.97 25.76 3.89
CA TRP F 145 45.29 24.54 3.17
C TRP F 145 45.16 24.67 1.66
N THR F 146 44.22 25.49 1.19
CA THR F 146 44.05 25.63 -0.26
C THR F 146 44.15 27.07 -0.81
N HIS F 147 43.80 28.08 0.01
CA HIS F 147 43.86 29.48 -0.44
C HIS F 147 45.22 30.11 -0.23
N HIS F 148 45.72 30.81 -1.25
CA HIS F 148 47.03 31.48 -1.17
C HIS F 148 46.98 32.87 -0.52
N SER F 149 48.05 33.65 -0.65
CA SER F 149 48.12 34.99 -0.06
C SER F 149 47.05 35.97 -0.55
N ARG F 150 46.80 35.98 -1.87
CA ARG F 150 45.80 36.89 -2.44
C ARG F 150 44.35 36.58 -2.07
N GLU F 151 44.06 35.31 -1.78
CA GLU F 151 42.70 34.92 -1.40
C GLU F 151 42.45 35.01 0.12
N LEU F 152 43.37 34.47 0.90
CA LEU F 152 43.25 34.48 2.35
C LEU F 152 44.56 34.96 3.00
N ASP F 153 44.50 36.16 3.59
CA ASP F 153 45.65 36.75 4.24
C ASP F 153 45.68 36.49 5.74
N LEU F 154 46.67 35.71 6.18
CA LEU F 154 46.85 35.36 7.60
C LEU F 154 47.67 36.42 8.32
N GLN F 155 47.11 36.96 9.41
CA GLN F 155 47.82 37.96 10.19
C GLN F 155 47.76 37.59 11.66
N MET F 156 48.91 37.25 12.24
CA MET F 156 48.95 36.87 13.63
C MET F 156 48.82 38.07 14.57
N GLN F 157 48.14 37.85 15.70
CA GLN F 157 47.98 38.90 16.70
C GLN F 157 48.55 38.44 18.04
N GLU F 158 48.57 39.34 19.03
CA GLU F 158 49.13 39.08 20.36
C GLU F 158 48.92 37.68 20.93
N ALA F 159 50.02 36.95 21.13
CA ALA F 159 49.98 35.60 21.69
C ALA F 159 49.76 35.66 23.22
N ASP F 160 48.57 35.26 23.65
CA ASP F 160 48.24 35.25 25.08
C ASP F 160 48.81 33.98 25.73
N ILE F 161 49.53 34.14 26.84
CA ILE F 161 50.13 33.01 27.53
C ILE F 161 49.66 32.89 28.97
N SER F 162 48.83 33.82 29.41
CA SER F 162 48.29 33.81 30.77
C SER F 162 47.24 32.70 30.96
N GLY F 163 47.01 31.93 29.90
CA GLY F 163 46.03 30.85 29.98
C GLY F 163 46.57 29.51 30.43
N TYR F 164 47.90 29.38 30.43
CA TYR F 164 48.58 28.13 30.82
C TYR F 164 48.23 27.66 32.23
N ILE F 165 48.12 26.35 32.41
CA ILE F 165 47.80 25.75 33.70
C ILE F 165 48.97 25.92 34.70
N PRO F 166 48.69 26.53 35.87
CA PRO F 166 49.65 26.79 36.96
C PRO F 166 50.44 25.55 37.41
N TYR F 167 49.73 24.45 37.67
CA TYR F 167 50.36 23.21 38.09
C TYR F 167 50.98 22.55 36.84
N SER F 168 50.52 21.37 36.48
CA SER F 168 51.04 20.71 35.28
C SER F 168 52.48 20.21 35.50
N ARG F 169 52.75 19.02 35.00
CA ARG F 169 54.07 18.42 35.11
C ARG F 169 55.12 19.26 34.37
N PHE F 170 54.68 20.11 33.44
CA PHE F 170 55.59 20.93 32.65
C PHE F 170 55.42 22.43 32.90
N GLU F 171 56.44 23.20 32.55
CA GLU F 171 56.42 24.66 32.71
C GLU F 171 56.91 25.34 31.43
N LEU F 172 56.24 26.43 31.02
CA LEU F 172 56.62 27.14 29.81
C LEU F 172 57.87 27.98 29.93
N VAL F 173 58.87 27.69 29.09
CA VAL F 173 60.11 28.45 29.11
C VAL F 173 60.02 29.59 28.08
N GLY F 174 59.19 29.42 27.06
CA GLY F 174 59.05 30.46 26.05
C GLY F 174 58.14 30.14 24.89
N VAL F 175 57.42 31.15 24.40
CA VAL F 175 56.51 31.03 23.27
C VAL F 175 56.83 32.17 22.31
N THR F 176 57.19 31.86 21.07
CA THR F 176 57.54 32.91 20.11
C THR F 176 56.43 33.41 19.18
N GLN F 177 56.03 32.62 18.18
CA GLN F 177 54.99 33.04 17.23
C GLN F 177 55.49 34.05 16.19
N LYS F 178 55.54 33.63 14.93
CA LYS F 178 55.99 34.51 13.85
C LYS F 178 55.46 34.03 12.49
N ARG F 179 54.77 34.92 11.76
CA ARG F 179 54.21 34.55 10.45
C ARG F 179 55.21 34.73 9.30
N SER F 180 55.22 33.77 8.37
CA SER F 180 56.12 33.79 7.23
C SER F 180 55.37 33.47 5.93
N GLU F 181 55.74 34.14 4.85
CA GLU F 181 55.11 33.92 3.54
C GLU F 181 56.09 33.10 2.69
N ARG F 182 55.63 31.93 2.24
CA ARG F 182 56.44 30.99 1.44
C ARG F 182 56.04 30.80 -0.04
N PHE F 183 57.03 30.83 -0.93
CA PHE F 183 56.82 30.66 -2.37
C PHE F 183 57.07 29.22 -2.79
N TYR F 184 56.05 28.56 -3.36
CA TYR F 184 56.17 27.16 -3.78
C TYR F 184 56.59 26.90 -5.24
N GLU F 185 56.64 25.63 -5.62
CA GLU F 185 57.06 25.19 -6.96
C GLU F 185 56.22 25.72 -8.13
N CYS F 186 55.03 26.21 -7.82
CA CYS F 186 54.10 26.76 -8.81
C CYS F 186 53.64 28.11 -8.33
N CYS F 187 52.41 28.42 -8.70
CA CYS F 187 51.68 29.57 -8.21
C CYS F 187 52.46 30.86 -7.89
N LYS F 188 52.13 31.94 -8.60
CA LYS F 188 52.81 33.23 -8.37
C LYS F 188 52.56 33.75 -6.95
N GLU F 189 51.40 33.43 -6.38
CA GLU F 189 51.06 33.87 -5.03
C GLU F 189 51.55 32.84 -4.02
N PRO F 190 52.35 33.30 -3.04
CA PRO F 190 52.92 32.45 -1.98
C PRO F 190 51.89 32.02 -0.92
N TYR F 191 52.36 31.24 0.05
CA TYR F 191 51.50 30.73 1.12
C TYR F 191 51.92 31.15 2.54
N PRO F 192 51.06 31.92 3.22
CA PRO F 192 51.23 32.45 4.58
C PRO F 192 50.90 31.43 5.70
N ASP F 193 51.81 31.31 6.67
CA ASP F 193 51.63 30.37 7.79
C ASP F 193 52.22 30.90 9.10
N VAL F 194 51.47 30.83 10.19
CA VAL F 194 51.96 31.29 11.49
C VAL F 194 52.51 30.09 12.25
N THR F 195 53.70 30.22 12.83
CA THR F 195 54.33 29.11 13.55
C THR F 195 54.64 29.40 15.02
N PHE F 196 53.91 28.78 15.94
CA PHE F 196 54.14 28.99 17.37
C PHE F 196 55.19 28.06 17.89
N THR F 197 56.31 28.61 18.36
CA THR F 197 57.38 27.79 18.89
C THR F 197 57.33 27.79 20.42
N VAL F 198 56.96 26.63 20.98
CA VAL F 198 56.84 26.48 22.42
C VAL F 198 58.00 25.70 23.01
N THR F 199 58.57 26.22 24.08
CA THR F 199 59.70 25.58 24.78
C THR F 199 59.28 25.29 26.21
N PHE F 200 59.45 24.05 26.64
CA PHE F 200 59.07 23.65 27.99
C PHE F 200 60.03 22.61 28.61
N ARG F 201 59.94 22.45 29.93
CA ARG F 201 60.79 21.49 30.62
C ARG F 201 60.01 20.95 31.80
N LYS F 202 60.33 19.72 32.18
CA LYS F 202 59.66 19.07 33.29
C LYS F 202 60.06 19.75 34.61
N LYS F 203 59.08 19.99 35.48
CA LYS F 203 59.36 20.61 36.77
C LYS F 203 60.08 19.62 37.68
N GLY F 204 61.14 20.09 38.34
CA GLY F 204 61.90 19.24 39.23
C GLY F 204 62.54 19.99 40.40
N GLN G 3 29.72 37.12 -6.39
CA GLN G 3 30.70 37.02 -7.52
C GLN G 3 31.10 35.56 -7.84
N ARG G 4 30.32 34.62 -7.30
CA ARG G 4 30.55 33.20 -7.48
C ARG G 4 29.27 32.37 -7.63
N LYS G 5 28.66 32.50 -8.80
CA LYS G 5 27.46 31.75 -9.15
C LYS G 5 28.11 30.55 -9.82
N LEU G 6 29.44 30.62 -9.87
CA LEU G 6 30.25 29.55 -10.47
C LEU G 6 29.97 28.25 -9.72
N TYR G 7 29.92 28.32 -8.38
CA TYR G 7 29.66 27.14 -7.57
C TYR G 7 28.27 26.58 -7.90
N LYS G 8 27.26 27.44 -7.88
CA LYS G 8 25.90 27.00 -8.18
C LYS G 8 25.85 26.26 -9.53
N GLU G 9 26.68 26.70 -10.47
CA GLU G 9 26.73 26.10 -11.81
C GLU G 9 27.57 24.83 -11.88
N LEU G 10 28.73 24.84 -11.22
CA LEU G 10 29.60 23.66 -11.23
C LEU G 10 28.93 22.43 -10.64
N VAL G 11 28.07 22.62 -9.65
CA VAL G 11 27.37 21.51 -9.01
C VAL G 11 26.04 21.14 -9.66
N LYS G 12 25.40 22.13 -10.32
CA LYS G 12 24.09 21.96 -10.97
C LYS G 12 23.78 20.56 -11.52
N ASN G 13 24.53 20.13 -12.53
CA ASN G 13 24.34 18.80 -13.13
C ASN G 13 25.56 17.92 -12.85
N TYR G 14 25.76 17.64 -11.56
CA TYR G 14 26.89 16.84 -11.14
C TYR G 14 26.48 15.74 -10.18
N ASN G 15 26.97 14.53 -10.45
CA ASN G 15 26.74 13.35 -9.62
C ASN G 15 28.15 12.81 -9.40
N PRO G 16 28.75 13.13 -8.25
CA PRO G 16 30.10 12.73 -7.83
C PRO G 16 30.42 11.23 -7.80
N ASP G 17 29.43 10.38 -8.04
CA ASP G 17 29.64 8.92 -8.05
C ASP G 17 29.95 8.45 -9.47
N VAL G 18 30.06 9.40 -10.39
CA VAL G 18 30.33 9.07 -11.78
C VAL G 18 31.70 9.56 -12.20
N ILE G 19 32.54 8.62 -12.60
CA ILE G 19 33.87 8.95 -13.05
C ILE G 19 33.73 9.76 -14.34
N PRO G 20 34.35 10.95 -14.40
CA PRO G 20 34.31 11.84 -15.56
C PRO G 20 35.00 11.34 -16.82
N THR G 21 34.57 10.19 -17.34
CA THR G 21 35.19 9.71 -18.58
C THR G 21 34.34 10.15 -19.75
N GLN G 22 34.99 10.54 -20.85
CA GLN G 22 34.27 10.94 -22.05
C GLN G 22 34.51 9.87 -23.12
N ARG G 23 34.11 8.65 -22.78
CA ARG G 23 34.23 7.45 -23.62
C ARG G 23 35.50 7.30 -24.44
N ASP G 24 36.20 6.20 -24.19
CA ASP G 24 37.47 5.86 -24.83
C ASP G 24 38.57 6.83 -24.41
N ARG G 25 38.26 7.58 -23.36
CA ARG G 25 39.18 8.55 -22.81
C ARG G 25 39.18 8.26 -21.32
N PRO G 26 40.14 7.44 -20.87
CA PRO G 26 40.26 7.09 -19.45
C PRO G 26 40.76 8.26 -18.62
N VAL G 27 40.05 8.58 -17.53
CA VAL G 27 40.47 9.67 -16.67
C VAL G 27 41.82 9.30 -16.10
N THR G 28 42.85 10.08 -16.43
CA THR G 28 44.18 9.80 -15.92
C THR G 28 44.43 10.59 -14.63
N VAL G 29 44.79 9.89 -13.56
CA VAL G 29 45.07 10.53 -12.27
C VAL G 29 46.55 10.39 -11.94
N TYR G 30 47.19 11.52 -11.66
CA TYR G 30 48.60 11.49 -11.33
C TYR G 30 48.76 11.32 -9.83
N PHE G 31 49.18 10.11 -9.45
CA PHE G 31 49.36 9.73 -8.06
C PHE G 31 50.80 9.91 -7.55
N SER G 32 50.94 10.19 -6.26
CA SER G 32 52.26 10.38 -5.66
C SER G 32 52.17 10.45 -4.15
N LEU G 33 53.07 9.73 -3.49
CA LEU G 33 53.10 9.70 -2.03
C LEU G 33 54.40 10.29 -1.49
N SER G 34 54.30 10.99 -0.37
CA SER G 34 55.45 11.63 0.27
C SER G 34 55.46 11.25 1.76
N LEU G 35 56.41 10.41 2.16
CA LEU G 35 56.51 9.99 3.56
C LEU G 35 56.87 11.15 4.48
N LEU G 36 56.09 11.32 5.54
CA LEU G 36 56.30 12.39 6.52
C LEU G 36 56.95 11.89 7.82
N GLN G 37 56.58 10.70 8.25
CA GLN G 37 57.14 10.14 9.47
C GLN G 37 56.60 8.76 9.79
N ILE G 38 57.46 7.94 10.38
CA ILE G 38 57.08 6.59 10.78
C ILE G 38 56.87 6.71 12.28
N MET G 39 55.63 6.51 12.71
CA MET G 39 55.25 6.62 14.12
C MET G 39 55.68 5.48 15.01
N ASP G 40 55.22 4.28 14.72
CA ASP G 40 55.59 3.14 15.54
C ASP G 40 55.79 1.92 14.67
N VAL G 41 56.35 0.87 15.26
CA VAL G 41 56.56 -0.38 14.56
C VAL G 41 56.24 -1.46 15.55
N ASP G 42 55.20 -2.24 15.25
CA ASP G 42 54.79 -3.32 16.13
C ASP G 42 55.44 -4.59 15.64
N GLU G 43 56.60 -4.92 16.21
CA GLU G 43 57.32 -6.13 15.84
C GLU G 43 56.54 -7.36 16.24
N LYS G 44 55.73 -7.24 17.28
CA LYS G 44 54.93 -8.36 17.78
C LYS G 44 53.85 -8.80 16.78
N ASN G 45 53.13 -7.82 16.22
CA ASN G 45 52.05 -8.12 15.27
C ASN G 45 52.37 -7.79 13.82
N GLN G 46 53.56 -7.25 13.56
CA GLN G 46 54.00 -6.92 12.21
C GLN G 46 53.17 -5.84 11.52
N VAL G 47 53.27 -4.60 12.02
CA VAL G 47 52.53 -3.47 11.47
C VAL G 47 53.29 -2.17 11.65
N VAL G 48 53.12 -1.22 10.74
CA VAL G 48 53.78 0.08 10.88
C VAL G 48 52.74 1.18 10.85
N ASP G 49 52.96 2.21 11.66
CA ASP G 49 52.06 3.35 11.74
C ASP G 49 52.76 4.41 10.91
N VAL G 50 52.14 4.86 9.85
CA VAL G 50 52.76 5.83 8.97
C VAL G 50 51.91 7.07 8.76
N VAL G 51 52.56 8.21 8.54
CA VAL G 51 51.84 9.44 8.26
C VAL G 51 52.41 9.92 6.94
N PHE G 52 51.55 9.96 5.91
CA PHE G 52 51.99 10.38 4.59
C PHE G 52 51.18 11.52 3.92
N TRP G 53 51.87 12.21 3.02
CA TRP G 53 51.34 13.33 2.26
C TRP G 53 50.97 12.73 0.90
N LEU G 54 49.67 12.69 0.59
CA LEU G 54 49.19 12.11 -0.66
C LEU G 54 48.96 13.21 -1.70
N GLN G 55 49.43 12.98 -2.92
CA GLN G 55 49.27 13.96 -3.98
C GLN G 55 48.53 13.36 -5.19
N MET G 56 47.31 13.84 -5.41
CA MET G 56 46.47 13.36 -6.50
C MET G 56 46.00 14.52 -7.37
N SER G 57 46.03 14.32 -8.67
CA SER G 57 45.58 15.32 -9.63
C SER G 57 45.00 14.63 -10.86
N TRP G 58 43.86 15.14 -11.33
CA TRP G 58 43.21 14.58 -12.51
C TRP G 58 42.45 15.69 -13.22
N THR G 59 41.85 15.36 -14.36
CA THR G 59 41.10 16.35 -15.13
C THR G 59 39.61 15.97 -15.24
N ASP G 60 38.77 16.82 -14.66
CA ASP G 60 37.33 16.60 -14.66
C ASP G 60 36.74 17.49 -15.74
N HIS G 61 36.39 16.94 -16.90
CA HIS G 61 35.84 17.79 -17.95
C HIS G 61 34.52 18.49 -17.57
N TYR G 62 33.77 17.89 -16.64
CA TYR G 62 32.51 18.48 -16.19
C TYR G 62 32.73 19.77 -15.39
N LEU G 63 33.97 20.00 -14.93
CA LEU G 63 34.26 21.18 -14.12
C LEU G 63 35.12 22.27 -14.75
N GLN G 64 34.83 22.65 -15.99
CA GLN G 64 35.60 23.71 -16.63
C GLN G 64 34.68 24.89 -16.93
N TRP G 65 35.24 26.09 -17.01
CA TRP G 65 34.44 27.27 -17.29
C TRP G 65 35.21 28.33 -18.07
N ASN G 66 34.47 29.24 -18.71
CA ASN G 66 35.05 30.32 -19.51
C ASN G 66 35.64 31.38 -18.57
N VAL G 67 36.97 31.47 -18.56
CA VAL G 67 37.69 32.41 -17.70
C VAL G 67 37.10 33.83 -17.74
N SER G 68 36.38 34.14 -18.81
CA SER G 68 35.76 35.46 -19.00
C SER G 68 34.32 35.54 -18.49
N GLU G 69 33.50 34.55 -18.84
CA GLU G 69 32.11 34.53 -18.39
C GLU G 69 31.99 34.75 -16.89
N TYR G 70 33.08 34.48 -16.19
CA TYR G 70 33.12 34.67 -14.75
C TYR G 70 34.24 35.65 -14.46
N PRO G 71 33.90 36.77 -13.79
CA PRO G 71 34.84 37.84 -13.41
C PRO G 71 36.33 37.47 -13.46
N GLY G 72 36.97 37.38 -12.29
CA GLY G 72 38.37 37.02 -12.23
C GLY G 72 38.59 35.72 -11.47
N VAL G 73 37.61 34.81 -11.59
CA VAL G 73 37.64 33.52 -10.90
C VAL G 73 38.53 32.50 -11.61
N LYS G 74 39.79 32.42 -11.19
CA LYS G 74 40.76 31.47 -11.76
C LYS G 74 40.63 30.02 -11.28
N GLN G 75 40.65 29.82 -9.95
CA GLN G 75 40.53 28.50 -9.33
C GLN G 75 39.63 28.56 -8.08
N VAL G 76 38.84 27.52 -7.85
CA VAL G 76 37.98 27.52 -6.67
C VAL G 76 38.32 26.38 -5.73
N SER G 77 37.90 26.53 -4.48
CA SER G 77 38.14 25.56 -3.42
C SER G 77 36.83 24.82 -3.08
N VAL G 78 36.76 23.55 -3.49
CA VAL G 78 35.57 22.73 -3.28
C VAL G 78 35.78 21.51 -2.35
N PRO G 79 34.71 21.13 -1.59
CA PRO G 79 34.73 19.99 -0.67
C PRO G 79 34.67 18.69 -1.48
N ILE G 80 35.64 17.80 -1.27
CA ILE G 80 35.71 16.54 -1.99
C ILE G 80 34.38 15.76 -2.02
N SER G 81 33.49 16.08 -1.09
CA SER G 81 32.19 15.42 -1.00
C SER G 81 31.25 15.96 -2.08
N SER G 82 31.71 16.99 -2.78
CA SER G 82 30.93 17.63 -3.85
C SER G 82 31.26 17.15 -5.26
N LEU G 83 32.49 16.68 -5.49
CA LEU G 83 32.86 16.20 -6.82
C LEU G 83 33.38 14.76 -6.78
N TRP G 84 33.68 14.23 -7.96
CA TRP G 84 34.21 12.88 -8.04
C TRP G 84 35.67 12.96 -7.65
N VAL G 85 36.09 11.94 -6.90
CA VAL G 85 37.46 11.84 -6.43
C VAL G 85 37.91 10.35 -6.53
N PRO G 86 39.13 10.09 -7.04
CA PRO G 86 39.70 8.75 -7.20
C PRO G 86 39.49 7.85 -5.98
N ASP G 87 38.88 6.69 -6.18
CA ASP G 87 38.61 5.74 -5.09
C ASP G 87 39.83 4.90 -4.75
N LEU G 88 41.02 5.53 -4.71
CA LEU G 88 42.24 4.80 -4.39
C LEU G 88 42.19 4.21 -2.99
N ALA G 89 42.68 3.00 -2.86
CA ALA G 89 42.68 2.34 -1.57
C ALA G 89 44.03 1.72 -1.25
N ALA G 90 44.38 1.67 0.02
CA ALA G 90 45.62 1.06 0.38
C ALA G 90 45.28 -0.41 0.27
N TYR G 91 46.06 -1.19 -0.49
CA TYR G 91 45.77 -2.61 -0.65
C TYR G 91 46.33 -3.51 0.44
N ASN G 92 46.96 -2.95 1.46
CA ASN G 92 47.48 -3.79 2.53
C ASN G 92 47.35 -3.09 3.86
N ALA G 93 46.29 -2.30 3.97
CA ALA G 93 46.05 -1.56 5.19
C ALA G 93 45.33 -2.43 6.22
N ILE G 94 45.56 -2.16 7.50
CA ILE G 94 44.91 -2.90 8.58
C ILE G 94 44.18 -1.93 9.51
N SER G 95 43.98 -0.71 9.04
CA SER G 95 43.26 0.29 9.79
C SER G 95 42.67 1.29 8.81
N LYS G 96 41.52 1.83 9.15
CA LYS G 96 40.88 2.79 8.28
C LYS G 96 41.80 4.00 8.19
N PRO G 97 41.90 4.63 7.02
CA PRO G 97 42.77 5.81 6.88
C PRO G 97 42.20 7.00 7.63
N GLU G 98 43.05 7.70 8.37
CA GLU G 98 42.61 8.87 9.13
C GLU G 98 43.17 10.11 8.45
N VAL G 99 42.31 10.81 7.73
CA VAL G 99 42.72 12.04 7.04
C VAL G 99 42.85 13.19 8.07
N LEU G 100 44.05 13.76 8.15
CA LEU G 100 44.34 14.83 9.10
C LEU G 100 44.00 16.26 8.65
N THR G 101 44.20 16.53 7.37
CA THR G 101 43.96 17.84 6.80
C THR G 101 42.52 18.07 6.34
N PRO G 102 42.16 19.33 6.02
CA PRO G 102 40.81 19.68 5.53
C PRO G 102 40.50 18.96 4.22
N GLN G 103 39.31 18.39 4.12
CA GLN G 103 38.95 17.66 2.91
C GLN G 103 38.42 18.56 1.83
N LEU G 104 39.34 19.33 1.26
CA LEU G 104 39.05 20.29 0.19
C LEU G 104 39.97 20.05 -1.00
N ALA G 105 39.47 20.32 -2.21
CA ALA G 105 40.26 20.16 -3.44
C ALA G 105 40.27 21.46 -4.24
N LEU G 106 41.28 21.64 -5.08
CA LEU G 106 41.41 22.84 -5.91
C LEU G 106 41.10 22.51 -7.37
N VAL G 107 40.36 23.39 -8.02
CA VAL G 107 39.98 23.17 -9.43
C VAL G 107 40.31 24.35 -10.35
N ASN G 108 40.88 24.01 -11.51
CA ASN G 108 41.28 24.95 -12.57
C ASN G 108 40.08 25.49 -13.33
N SER G 109 40.31 26.55 -14.09
CA SER G 109 39.24 27.12 -14.90
C SER G 109 39.08 26.15 -16.08
N SER G 110 40.13 25.38 -16.32
CA SER G 110 40.17 24.40 -17.40
C SER G 110 39.61 23.05 -16.94
N GLY G 111 39.57 22.84 -15.63
CA GLY G 111 39.04 21.59 -15.11
C GLY G 111 40.06 20.62 -14.54
N HIS G 112 41.13 21.14 -13.98
CA HIS G 112 42.15 20.28 -13.39
C HIS G 112 42.05 20.27 -11.85
N VAL G 113 41.66 19.12 -11.28
CA VAL G 113 41.51 19.01 -9.83
C VAL G 113 42.81 18.59 -9.14
N GLN G 114 42.97 19.04 -7.90
CA GLN G 114 44.16 18.74 -7.11
C GLN G 114 43.76 18.47 -5.66
N TYR G 115 44.06 17.27 -5.17
CA TYR G 115 43.73 16.89 -3.78
C TYR G 115 45.00 16.42 -3.06
N LEU G 116 45.35 17.10 -1.96
CA LEU G 116 46.57 16.76 -1.21
C LEU G 116 46.35 16.43 0.28
N PRO G 117 45.61 15.37 0.59
CA PRO G 117 45.38 15.03 2.00
C PRO G 117 46.57 14.42 2.76
N SER G 118 46.65 14.73 4.05
CA SER G 118 47.70 14.19 4.92
C SER G 118 47.02 13.09 5.69
N ILE G 119 47.57 11.88 5.58
CA ILE G 119 46.96 10.72 6.21
C ILE G 119 47.85 9.95 7.17
N ARG G 120 47.22 9.37 8.19
CA ARG G 120 47.92 8.53 9.15
C ARG G 120 47.17 7.20 9.00
N GLN G 121 47.89 6.15 8.63
CA GLN G 121 47.27 4.86 8.42
C GLN G 121 48.24 3.76 8.82
N ARG G 122 47.73 2.62 9.22
CA ARG G 122 48.60 1.51 9.60
C ARG G 122 48.61 0.41 8.55
N PHE G 123 49.78 -0.13 8.27
CA PHE G 123 49.92 -1.17 7.27
C PHE G 123 50.55 -2.45 7.82
N SER G 124 50.20 -3.58 7.22
CA SER G 124 50.76 -4.86 7.60
C SER G 124 52.12 -4.89 6.94
N CYS G 125 53.15 -5.19 7.72
CA CYS G 125 54.49 -5.21 7.17
C CYS G 125 55.49 -6.00 8.00
N ASP G 126 56.51 -6.52 7.33
CA ASP G 126 57.56 -7.31 7.98
C ASP G 126 58.66 -6.41 8.57
N VAL G 127 58.49 -6.02 9.83
CA VAL G 127 59.46 -5.17 10.49
C VAL G 127 60.46 -5.96 11.31
N SER G 128 60.77 -7.18 10.87
CA SER G 128 61.72 -8.02 11.60
C SER G 128 63.08 -7.35 11.71
N GLY G 129 63.65 -7.01 10.55
CA GLY G 129 64.95 -6.38 10.53
C GLY G 129 64.92 -4.87 10.58
N VAL G 130 64.31 -4.32 11.64
CA VAL G 130 64.24 -2.87 11.78
C VAL G 130 65.40 -2.40 12.65
N ASP G 131 66.10 -3.34 13.27
CA ASP G 131 67.25 -3.04 14.11
C ASP G 131 68.54 -3.35 13.37
N THR G 132 68.46 -4.26 12.40
CA THR G 132 69.63 -4.63 11.61
C THR G 132 70.02 -3.45 10.73
N GLU G 133 71.28 -3.39 10.33
CA GLU G 133 71.75 -2.28 9.50
C GLU G 133 71.13 -2.39 8.11
N SER G 134 70.70 -3.60 7.75
CA SER G 134 70.09 -3.86 6.45
C SER G 134 68.78 -3.06 6.34
N GLY G 135 67.99 -3.12 7.41
CA GLY G 135 66.73 -2.40 7.46
C GLY G 135 65.46 -3.13 7.05
N ALA G 136 64.35 -2.81 7.73
CA ALA G 136 63.07 -3.42 7.41
C ALA G 136 62.47 -2.71 6.19
N THR G 137 61.77 -3.48 5.35
CA THR G 137 61.17 -2.95 4.13
C THR G 137 59.67 -3.15 4.10
N CYS G 138 58.93 -2.06 3.87
CA CYS G 138 57.48 -2.09 3.81
C CYS G 138 56.99 -1.66 2.46
N LYS G 139 55.96 -2.34 1.96
CA LYS G 139 55.40 -2.00 0.67
C LYS G 139 54.00 -1.46 0.85
N LEU G 140 53.78 -0.23 0.36
CA LEU G 140 52.46 0.39 0.46
C LEU G 140 51.84 0.38 -0.93
N LYS G 141 50.98 -0.62 -1.16
CA LYS G 141 50.33 -0.77 -2.46
C LYS G 141 48.99 -0.01 -2.54
N PHE G 142 48.89 0.91 -3.49
CA PHE G 142 47.68 1.69 -3.67
C PHE G 142 47.06 1.36 -5.01
N GLY G 143 45.77 1.65 -5.18
CA GLY G 143 45.14 1.38 -6.46
C GLY G 143 43.65 1.65 -6.42
N SER G 144 43.05 1.93 -7.57
CA SER G 144 41.61 2.16 -7.57
C SER G 144 41.00 0.92 -6.92
N TRP G 145 39.72 0.99 -6.58
CA TRP G 145 39.05 -0.12 -5.94
C TRP G 145 38.00 -0.77 -6.83
N THR G 146 37.43 0.00 -7.77
CA THR G 146 36.39 -0.49 -8.68
C THR G 146 36.56 -0.21 -10.20
N HIS G 147 37.41 0.77 -10.54
CA HIS G 147 37.65 1.09 -11.95
C HIS G 147 38.94 0.44 -12.45
N HIS G 148 38.89 -0.12 -13.67
CA HIS G 148 40.05 -0.76 -14.29
C HIS G 148 40.94 0.21 -15.07
N SER G 149 41.86 -0.31 -15.88
CA SER G 149 42.77 0.52 -16.67
C SER G 149 42.10 1.46 -17.66
N ARG G 150 41.08 0.97 -18.37
CA ARG G 150 40.36 1.80 -19.35
C ARG G 150 39.51 2.94 -18.76
N GLU G 151 39.05 2.77 -17.53
CA GLU G 151 38.24 3.80 -16.87
C GLU G 151 39.10 4.79 -16.09
N LEU G 152 40.01 4.27 -15.28
CA LEU G 152 40.89 5.10 -14.45
C LEU G 152 42.36 4.70 -14.59
N ASP G 153 43.15 5.56 -15.25
CA ASP G 153 44.56 5.31 -15.48
C ASP G 153 45.46 5.96 -14.42
N LEU G 154 46.11 5.12 -13.62
CA LEU G 154 47.02 5.58 -12.58
C LEU G 154 48.42 5.81 -13.12
N GLN G 155 48.96 7.01 -12.92
CA GLN G 155 50.31 7.33 -13.39
C GLN G 155 51.08 7.99 -12.26
N MET G 156 52.11 7.29 -11.75
CA MET G 156 52.91 7.83 -10.65
C MET G 156 53.87 8.92 -11.10
N GLN G 157 54.06 9.93 -10.24
CA GLN G 157 54.98 11.01 -10.54
C GLN G 157 56.07 11.09 -9.47
N GLU G 158 57.05 11.95 -9.70
CA GLU G 158 58.18 12.12 -8.79
C GLU G 158 57.90 12.00 -7.28
N ALA G 159 58.50 10.97 -6.66
CA ALA G 159 58.34 10.72 -5.23
C ALA G 159 59.21 11.68 -4.41
N ASP G 160 58.55 12.62 -3.72
CA ASP G 160 59.23 13.60 -2.88
C ASP G 160 59.55 12.98 -1.51
N ILE G 161 60.81 13.09 -1.09
CA ILE G 161 61.26 12.52 0.17
C ILE G 161 61.81 13.57 1.13
N SER G 162 61.92 14.81 0.66
CA SER G 162 62.43 15.90 1.48
C SER G 162 61.44 16.30 2.58
N GLY G 163 60.32 15.59 2.65
CA GLY G 163 59.32 15.90 3.67
C GLY G 163 59.52 15.15 4.98
N TYR G 164 60.34 14.11 4.97
CA TYR G 164 60.59 13.29 6.15
C TYR G 164 61.10 14.08 7.36
N ILE G 165 60.64 13.68 8.56
CA ILE G 165 61.05 14.33 9.81
C ILE G 165 62.55 14.05 10.12
N PRO G 166 63.36 15.14 10.30
CA PRO G 166 64.80 15.11 10.60
C PRO G 166 65.16 14.25 11.83
N TYR G 167 64.44 14.43 12.94
CA TYR G 167 64.68 13.64 14.14
C TYR G 167 64.05 12.26 13.93
N SER G 168 63.06 11.90 14.76
CA SER G 168 62.40 10.61 14.61
C SER G 168 63.31 9.44 15.00
N ARG G 169 62.71 8.45 15.66
CA ARG G 169 63.44 7.29 16.11
C ARG G 169 63.97 6.49 14.91
N PHE G 170 63.40 6.71 13.73
CA PHE G 170 63.81 5.97 12.52
C PHE G 170 64.40 6.86 11.43
N GLU G 171 65.13 6.25 10.50
CA GLU G 171 65.74 6.98 9.39
C GLU G 171 65.47 6.24 8.10
N LEU G 172 65.20 6.99 7.04
CA LEU G 172 64.92 6.40 5.73
C LEU G 172 66.15 5.90 4.99
N VAL G 173 66.17 4.61 4.67
CA VAL G 173 67.29 4.04 3.93
C VAL G 173 66.98 4.10 2.43
N GLY G 174 65.70 4.11 2.08
CA GLY G 174 65.33 4.17 0.68
C GLY G 174 63.85 4.06 0.37
N VAL G 175 63.43 4.75 -0.68
CA VAL G 175 62.03 4.76 -1.13
C VAL G 175 62.05 4.50 -2.64
N THR G 176 61.35 3.46 -3.09
CA THR G 176 61.37 3.17 -4.52
C THR G 176 60.21 3.71 -5.36
N GLN G 177 59.02 3.14 -5.21
CA GLN G 177 57.86 3.58 -6.00
C GLN G 177 57.88 3.10 -7.46
N LYS G 178 56.94 2.24 -7.84
CA LYS G 178 56.86 1.71 -9.20
C LYS G 178 55.45 1.21 -9.52
N ARG G 179 54.85 1.71 -10.60
CA ARG G 179 53.50 1.29 -10.99
C ARG G 179 53.48 0.04 -11.86
N SER G 180 52.56 -0.88 -11.57
CA SER G 180 52.41 -2.13 -12.32
C SER G 180 50.96 -2.38 -12.73
N GLU G 181 50.78 -2.95 -13.93
CA GLU G 181 49.44 -3.25 -14.44
C GLU G 181 49.29 -4.76 -14.60
N ARG G 182 48.09 -5.31 -14.60
CA ARG G 182 48.07 -6.74 -14.76
C ARG G 182 46.80 -7.25 -15.34
N PHE G 183 46.78 -8.55 -15.60
CA PHE G 183 45.59 -9.21 -16.11
C PHE G 183 45.30 -10.31 -15.13
N TYR G 184 44.11 -10.31 -14.56
CA TYR G 184 43.75 -11.33 -13.60
C TYR G 184 42.73 -12.26 -14.21
N GLU G 185 42.71 -13.50 -13.72
CA GLU G 185 41.77 -14.51 -14.21
C GLU G 185 40.37 -13.96 -13.98
N CYS G 186 39.78 -13.46 -15.06
CA CYS G 186 38.45 -12.85 -15.08
C CYS G 186 38.56 -11.51 -15.78
N CYS G 187 37.42 -10.84 -15.82
CA CYS G 187 37.35 -9.47 -16.29
C CYS G 187 37.91 -9.08 -17.67
N LYS G 188 38.98 -9.74 -18.11
CA LYS G 188 39.59 -9.39 -19.40
C LYS G 188 39.98 -7.93 -19.23
N GLU G 189 40.13 -7.55 -17.96
CA GLU G 189 40.48 -6.19 -17.60
C GLU G 189 41.81 -6.05 -16.89
N PRO G 190 42.59 -5.05 -17.28
CA PRO G 190 43.90 -4.81 -16.68
C PRO G 190 43.77 -3.83 -15.50
N TYR G 191 44.37 -4.18 -14.37
CA TYR G 191 44.29 -3.32 -13.20
C TYR G 191 45.64 -2.74 -12.74
N PRO G 192 45.80 -1.41 -12.85
CA PRO G 192 46.97 -0.60 -12.48
C PRO G 192 47.08 -0.31 -10.98
N ASP G 193 48.31 -0.25 -10.46
CA ASP G 193 48.56 0.02 -9.04
C ASP G 193 49.97 0.53 -8.76
N VAL G 194 50.08 1.58 -7.96
CA VAL G 194 51.39 2.14 -7.60
C VAL G 194 51.82 1.57 -6.25
N THR G 195 53.06 1.10 -6.16
CA THR G 195 53.55 0.51 -4.92
C THR G 195 54.79 1.20 -4.34
N PHE G 196 54.63 1.89 -3.21
CA PHE G 196 55.76 2.58 -2.57
C PHE G 196 56.51 1.67 -1.63
N THR G 197 57.76 1.37 -1.94
CA THR G 197 58.55 0.50 -1.09
C THR G 197 59.46 1.32 -0.20
N VAL G 198 59.16 1.33 1.09
CA VAL G 198 59.91 2.08 2.07
C VAL G 198 60.81 1.18 2.90
N THR G 199 62.05 1.59 3.06
CA THR G 199 63.04 0.86 3.85
C THR G 199 63.53 1.77 4.99
N PHE G 200 63.50 1.29 6.21
CA PHE G 200 63.92 2.10 7.35
C PHE G 200 64.59 1.24 8.44
N ARG G 201 65.31 1.90 9.34
CA ARG G 201 65.98 1.19 10.42
C ARG G 201 65.97 2.10 11.64
N LYS G 202 66.00 1.48 12.83
CA LYS G 202 66.00 2.22 14.08
C LYS G 202 67.34 2.93 14.26
N LYS G 203 67.30 4.20 14.69
CA LYS G 203 68.53 4.95 14.90
C LYS G 203 69.23 4.43 16.14
N GLY G 204 70.54 4.25 16.04
CA GLY G 204 71.32 3.76 17.18
C GLY G 204 72.74 4.28 17.16
N GLN H 3 25.61 10.58 -21.47
CA GLN H 3 26.77 9.73 -21.04
C GLN H 3 26.32 8.78 -19.90
N ARG H 4 26.25 9.32 -18.68
CA ARG H 4 25.82 8.54 -17.54
C ARG H 4 24.59 9.11 -16.85
N LYS H 5 23.47 9.02 -17.55
CA LYS H 5 22.19 9.45 -17.03
C LYS H 5 21.71 8.13 -16.42
N LEU H 6 22.56 7.12 -16.59
CA LEU H 6 22.30 5.78 -16.07
C LEU H 6 22.13 5.87 -14.56
N TYR H 7 23.02 6.62 -13.90
CA TYR H 7 22.94 6.78 -12.45
C TYR H 7 21.61 7.43 -12.08
N LYS H 8 21.28 8.55 -12.71
CA LYS H 8 20.03 9.25 -12.41
C LYS H 8 18.85 8.29 -12.52
N GLU H 9 18.93 7.35 -13.47
CA GLU H 9 17.86 6.38 -13.68
C GLU H 9 17.89 5.21 -12.70
N LEU H 10 19.08 4.68 -12.42
CA LEU H 10 19.21 3.55 -11.51
C LEU H 10 18.70 3.87 -10.11
N VAL H 11 18.85 5.13 -9.68
CA VAL H 11 18.41 5.54 -8.35
C VAL H 11 16.98 6.07 -8.31
N LYS H 12 16.49 6.58 -9.43
CA LYS H 12 15.15 7.17 -9.54
C LYS H 12 14.07 6.55 -8.65
N ASN H 13 13.73 5.29 -8.89
CA ASN H 13 12.72 4.60 -8.07
C ASN H 13 13.37 3.49 -7.27
N TYR H 14 14.25 3.90 -6.36
CA TYR H 14 14.97 2.95 -5.53
C TYR H 14 14.95 3.33 -4.06
N ASN H 15 14.62 2.34 -3.22
CA ASN H 15 14.58 2.48 -1.77
C ASN H 15 15.44 1.33 -1.29
N PRO H 16 16.72 1.60 -0.97
CA PRO H 16 17.73 0.64 -0.50
C PRO H 16 17.41 -0.19 0.74
N ASP H 17 16.28 0.10 1.39
CA ASP H 17 15.88 -0.64 2.59
C ASP H 17 14.98 -1.79 2.20
N VAL H 18 14.79 -1.98 0.89
CA VAL H 18 13.92 -3.04 0.41
C VAL H 18 14.69 -4.12 -0.31
N ILE H 19 14.63 -5.34 0.21
CA ILE H 19 15.34 -6.44 -0.41
C ILE H 19 14.72 -6.68 -1.78
N PRO H 20 15.57 -6.67 -2.83
CA PRO H 20 15.20 -6.86 -4.23
C PRO H 20 14.79 -8.28 -4.60
N THR H 21 13.65 -8.73 -4.05
CA THR H 21 13.11 -10.05 -4.33
C THR H 21 11.94 -9.90 -5.30
N GLN H 22 11.77 -10.89 -6.16
CA GLN H 22 10.65 -10.86 -7.08
C GLN H 22 9.67 -11.96 -6.70
N ARG H 23 9.18 -11.85 -5.47
CA ARG H 23 8.23 -12.78 -4.86
C ARG H 23 8.48 -14.26 -5.21
N ASP H 24 8.51 -15.10 -4.17
CA ASP H 24 8.75 -16.54 -4.31
C ASP H 24 10.07 -16.75 -5.04
N ARG H 25 10.85 -15.69 -5.04
CA ARG H 25 12.15 -15.68 -5.67
C ARG H 25 13.07 -15.03 -4.63
N PRO H 26 13.67 -15.85 -3.75
CA PRO H 26 14.56 -15.36 -2.71
C PRO H 26 15.87 -14.83 -3.29
N VAL H 27 16.26 -13.60 -2.92
CA VAL H 27 17.51 -13.05 -3.41
C VAL H 27 18.62 -13.93 -2.88
N THR H 28 19.38 -14.54 -3.78
CA THR H 28 20.46 -15.40 -3.36
C THR H 28 21.77 -14.62 -3.38
N VAL H 29 22.46 -14.59 -2.23
CA VAL H 29 23.74 -13.89 -2.07
C VAL H 29 24.88 -14.88 -1.87
N TYR H 30 25.90 -14.80 -2.72
CA TYR H 30 27.04 -15.69 -2.61
C TYR H 30 28.09 -15.10 -1.67
N PHE H 31 28.16 -15.68 -0.48
CA PHE H 31 29.04 -15.22 0.58
C PHE H 31 30.36 -15.96 0.59
N SER H 32 31.41 -15.28 1.05
CA SER H 32 32.73 -15.90 1.12
C SER H 32 33.69 -15.01 1.88
N LEU H 33 34.46 -15.62 2.78
CA LEU H 33 35.44 -14.88 3.59
C LEU H 33 36.87 -15.36 3.30
N SER H 34 37.81 -14.43 3.34
CA SER H 34 39.20 -14.74 3.07
C SER H 34 40.04 -14.09 4.18
N LEU H 35 40.63 -14.92 5.03
CA LEU H 35 41.45 -14.40 6.13
C LEU H 35 42.72 -13.73 5.61
N LEU H 36 42.98 -12.52 6.09
CA LEU H 36 44.16 -11.74 5.69
C LEU H 36 45.26 -11.77 6.75
N GLN H 37 44.87 -11.69 8.03
CA GLN H 37 45.84 -11.72 9.11
C GLN H 37 45.20 -11.72 10.48
N ILE H 38 45.84 -12.38 11.43
CA ILE H 38 45.36 -12.41 12.80
C ILE H 38 46.26 -11.44 13.53
N MET H 39 45.66 -10.37 14.01
CA MET H 39 46.39 -9.31 14.69
C MET H 39 46.82 -9.63 16.11
N ASP H 40 45.87 -9.86 16.99
CA ASP H 40 46.23 -10.15 18.36
C ASP H 40 45.33 -11.24 18.93
N VAL H 41 45.73 -11.80 20.07
CA VAL H 41 44.95 -12.83 20.74
C VAL H 41 44.99 -12.48 22.22
N ASP H 42 43.83 -12.17 22.78
CA ASP H 42 43.75 -11.82 24.19
C ASP H 42 43.39 -13.07 24.96
N GLU H 43 44.41 -13.77 25.46
CA GLU H 43 44.18 -14.99 26.20
C GLU H 43 43.49 -14.69 27.52
N LYS H 44 43.69 -13.47 28.02
CA LYS H 44 43.07 -13.05 29.28
C LYS H 44 41.55 -12.92 29.18
N ASN H 45 41.08 -12.29 28.11
CA ASN H 45 39.64 -12.09 27.91
C ASN H 45 39.02 -12.97 26.84
N GLN H 46 39.82 -13.82 26.19
CA GLN H 46 39.34 -14.74 25.15
C GLN H 46 38.72 -14.03 23.93
N VAL H 47 39.57 -13.34 23.16
CA VAL H 47 39.15 -12.60 21.96
C VAL H 47 40.26 -12.57 20.90
N VAL H 48 39.90 -12.55 19.63
CA VAL H 48 40.90 -12.46 18.56
C VAL H 48 40.60 -11.27 17.69
N ASP H 49 41.63 -10.58 17.25
CA ASP H 49 41.47 -9.42 16.41
C ASP H 49 41.77 -9.97 15.03
N VAL H 50 40.82 -9.88 14.12
CA VAL H 50 41.03 -10.41 12.78
C VAL H 50 40.79 -9.39 11.65
N VAL H 51 41.52 -9.51 10.56
CA VAL H 51 41.33 -8.64 9.40
C VAL H 51 41.03 -9.56 8.23
N PHE H 52 39.84 -9.40 7.64
CA PHE H 52 39.41 -10.24 6.52
C PHE H 52 38.72 -9.57 5.31
N TRP H 53 38.84 -10.24 4.17
CA TRP H 53 38.31 -9.82 2.88
C TRP H 53 36.90 -10.45 2.82
N LEU H 54 35.86 -9.64 2.65
CA LEU H 54 34.50 -10.19 2.55
C LEU H 54 33.98 -10.17 1.13
N GLN H 55 33.67 -11.32 0.59
CA GLN H 55 33.21 -11.38 -0.78
C GLN H 55 31.72 -11.66 -0.87
N MET H 56 30.96 -10.66 -1.29
CA MET H 56 29.52 -10.79 -1.43
C MET H 56 29.05 -10.43 -2.83
N SER H 57 28.15 -11.23 -3.39
CA SER H 57 27.59 -10.98 -4.71
C SER H 57 26.14 -11.47 -4.77
N TRP H 58 25.27 -10.65 -5.37
CA TRP H 58 23.86 -10.98 -5.49
C TRP H 58 23.30 -10.36 -6.76
N THR H 59 22.03 -10.63 -7.05
CA THR H 59 21.41 -10.07 -8.24
C THR H 59 20.23 -9.16 -7.89
N ASP H 60 20.37 -7.88 -8.23
CA ASP H 60 19.36 -6.88 -7.94
C ASP H 60 18.60 -6.64 -9.25
N HIS H 61 17.39 -7.18 -9.39
CA HIS H 61 16.64 -6.99 -10.63
C HIS H 61 16.29 -5.53 -10.92
N TYR H 62 16.18 -4.72 -9.87
CA TYR H 62 15.88 -3.29 -10.04
C TYR H 62 17.04 -2.53 -10.71
N LEU H 63 18.23 -3.12 -10.73
CA LEU H 63 19.39 -2.45 -11.29
C LEU H 63 19.92 -2.99 -12.60
N GLN H 64 19.05 -3.29 -13.56
CA GLN H 64 19.53 -3.77 -14.84
C GLN H 64 19.18 -2.77 -15.94
N TRP H 65 19.94 -2.77 -17.03
CA TRP H 65 19.68 -1.84 -18.12
C TRP H 65 20.05 -2.42 -19.49
N ASN H 66 19.48 -1.84 -20.53
CA ASN H 66 19.73 -2.27 -21.91
C ASN H 66 21.13 -1.80 -22.34
N VAL H 67 22.04 -2.77 -22.50
CA VAL H 67 23.43 -2.49 -22.89
C VAL H 67 23.56 -1.51 -24.07
N SER H 68 22.47 -1.37 -24.85
CA SER H 68 22.45 -0.49 -26.02
C SER H 68 21.87 0.89 -25.72
N GLU H 69 20.75 0.93 -25.01
CA GLU H 69 20.12 2.21 -24.66
C GLU H 69 21.12 3.15 -24.03
N TYR H 70 22.20 2.59 -23.51
CA TYR H 70 23.24 3.40 -22.89
C TYR H 70 24.53 3.10 -23.63
N PRO H 71 25.17 4.14 -24.18
CA PRO H 71 26.43 4.06 -24.94
C PRO H 71 27.23 2.76 -24.76
N GLY H 72 28.37 2.84 -24.10
CA GLY H 72 29.19 1.67 -23.87
C GLY H 72 29.36 1.41 -22.38
N VAL H 73 28.31 1.71 -21.62
CA VAL H 73 28.32 1.55 -20.16
C VAL H 73 28.06 0.11 -19.73
N LYS H 74 29.13 -0.67 -19.53
CA LYS H 74 29.02 -2.07 -19.12
C LYS H 74 28.72 -2.29 -17.64
N GLN H 75 29.53 -1.68 -16.76
CA GLN H 75 29.37 -1.78 -15.31
C GLN H 75 29.62 -0.44 -14.62
N VAL H 76 28.85 -0.14 -13.56
CA VAL H 76 29.06 1.13 -12.85
C VAL H 76 29.48 0.94 -11.40
N SER H 77 30.10 1.99 -10.86
CA SER H 77 30.60 1.96 -9.49
C SER H 77 29.71 2.84 -8.60
N VAL H 78 28.93 2.18 -7.75
CA VAL H 78 27.99 2.85 -6.84
C VAL H 78 28.27 2.70 -5.34
N PRO H 79 27.94 3.73 -4.55
CA PRO H 79 28.13 3.76 -3.10
C PRO H 79 27.10 2.88 -2.43
N ILE H 80 27.54 1.91 -1.64
CA ILE H 80 26.63 0.97 -0.95
C ILE H 80 25.47 1.65 -0.24
N SER H 81 25.62 2.93 0.04
CA SER H 81 24.59 3.70 0.73
C SER H 81 23.47 4.04 -0.24
N SER H 82 23.68 3.71 -1.51
CA SER H 82 22.72 4.01 -2.55
C SER H 82 21.83 2.83 -2.93
N LEU H 83 22.31 1.61 -2.73
CA LEU H 83 21.51 0.45 -3.06
C LEU H 83 21.34 -0.50 -1.89
N TRP H 84 20.56 -1.56 -2.10
CA TRP H 84 20.33 -2.54 -1.05
C TRP H 84 21.55 -3.41 -1.00
N VAL H 85 21.95 -3.73 0.23
CA VAL H 85 23.12 -4.56 0.49
C VAL H 85 22.82 -5.51 1.67
N PRO H 86 23.17 -6.82 1.51
CA PRO H 86 22.95 -7.86 2.52
C PRO H 86 23.29 -7.41 3.94
N ASP H 87 22.32 -7.53 4.85
CA ASP H 87 22.51 -7.13 6.25
C ASP H 87 23.22 -8.22 7.05
N LEU H 88 24.26 -8.81 6.49
CA LEU H 88 25.00 -9.87 7.16
C LEU H 88 25.69 -9.33 8.40
N ALA H 89 25.67 -10.12 9.45
CA ALA H 89 26.27 -9.69 10.70
C ALA H 89 27.11 -10.79 11.30
N ALA H 90 28.10 -10.39 12.06
CA ALA H 90 28.95 -11.34 12.74
C ALA H 90 28.19 -11.65 14.04
N TYR H 91 27.70 -12.88 14.18
CA TYR H 91 26.95 -13.28 15.36
C TYR H 91 27.68 -13.13 16.70
N ASN H 92 28.89 -13.67 16.76
CA ASN H 92 29.69 -13.62 17.99
C ASN H 92 30.76 -12.53 18.04
N ALA H 93 30.50 -11.37 17.42
CA ALA H 93 31.46 -10.26 17.43
C ALA H 93 31.32 -9.50 18.74
N ILE H 94 32.42 -8.91 19.20
CA ILE H 94 32.43 -8.14 20.44
C ILE H 94 32.91 -6.73 20.18
N SER H 95 32.96 -6.34 18.92
CA SER H 95 33.36 -5.01 18.52
C SER H 95 32.71 -4.67 17.19
N LYS H 96 32.38 -3.40 16.99
CA LYS H 96 31.76 -2.99 15.75
C LYS H 96 32.75 -3.25 14.61
N PRO H 97 32.25 -3.71 13.46
CA PRO H 97 33.17 -3.98 12.36
C PRO H 97 33.73 -2.65 11.82
N GLU H 98 35.03 -2.63 11.57
CA GLU H 98 35.67 -1.45 11.02
C GLU H 98 36.04 -1.74 9.56
N VAL H 99 35.27 -1.19 8.62
CA VAL H 99 35.53 -1.40 7.21
C VAL H 99 36.73 -0.49 6.78
N LEU H 100 37.76 -1.15 6.24
CA LEU H 100 38.99 -0.49 5.83
C LEU H 100 38.99 0.11 4.43
N THR H 101 38.37 -0.60 3.51
CA THR H 101 38.30 -0.18 2.12
C THR H 101 37.14 0.75 1.76
N PRO H 102 37.18 1.36 0.57
CA PRO H 102 36.12 2.26 0.10
C PRO H 102 34.80 1.52 0.02
N GLN H 103 33.74 2.10 0.57
CA GLN H 103 32.43 1.46 0.53
C GLN H 103 31.68 1.68 -0.80
N LEU H 104 32.18 1.01 -1.84
CA LEU H 104 31.64 1.06 -3.19
C LEU H 104 31.38 -0.34 -3.70
N ALA H 105 30.37 -0.50 -4.54
CA ALA H 105 30.02 -1.80 -5.11
C ALA H 105 29.96 -1.73 -6.63
N LEU H 106 30.14 -2.86 -7.30
CA LEU H 106 30.12 -2.91 -8.76
C LEU H 106 28.83 -3.55 -9.23
N VAL H 107 28.24 -3.01 -10.29
CA VAL H 107 26.98 -3.54 -10.84
C VAL H 107 27.00 -3.82 -12.34
N ASN H 108 26.52 -5.00 -12.72
CA ASN H 108 26.45 -5.46 -14.11
C ASN H 108 25.36 -4.73 -14.87
N SER H 109 25.36 -4.89 -16.18
CA SER H 109 24.35 -4.29 -17.03
C SER H 109 23.09 -5.17 -16.85
N SER H 110 23.34 -6.39 -16.37
CA SER H 110 22.28 -7.38 -16.15
C SER H 110 21.72 -7.25 -14.73
N GLY H 111 22.48 -6.61 -13.85
CA GLY H 111 22.02 -6.43 -12.49
C GLY H 111 22.71 -7.27 -11.43
N HIS H 112 23.98 -7.58 -11.64
CA HIS H 112 24.73 -8.38 -10.67
C HIS H 112 25.66 -7.50 -9.84
N VAL H 113 25.35 -7.36 -8.55
CA VAL H 113 26.17 -6.56 -7.65
C VAL H 113 27.33 -7.33 -7.03
N GLN H 114 28.42 -6.63 -6.73
CA GLN H 114 29.60 -7.23 -6.14
C GLN H 114 30.20 -6.27 -5.10
N TYR H 115 30.30 -6.72 -3.86
CA TYR H 115 30.82 -5.90 -2.77
C TYR H 115 31.94 -6.66 -2.06
N LEU H 116 33.15 -6.09 -2.08
CA LEU H 116 34.32 -6.74 -1.48
C LEU H 116 35.03 -5.95 -0.39
N PRO H 117 34.37 -5.65 0.74
CA PRO H 117 35.03 -4.87 1.79
C PRO H 117 36.09 -5.60 2.63
N SER H 118 37.12 -4.86 3.07
CA SER H 118 38.17 -5.43 3.92
C SER H 118 37.83 -4.95 5.31
N ILE H 119 37.65 -5.88 6.22
CA ILE H 119 37.25 -5.57 7.57
C ILE H 119 38.20 -6.02 8.68
N ARG H 120 38.22 -5.26 9.77
CA ARG H 120 39.00 -5.62 10.95
C ARG H 120 37.93 -5.64 12.03
N GLN H 121 37.77 -6.77 12.68
CA GLN H 121 36.75 -6.92 13.69
C GLN H 121 37.23 -7.89 14.74
N ARG H 122 36.74 -7.73 15.96
CA ARG H 122 37.15 -8.62 17.04
C ARG H 122 36.05 -9.63 17.41
N PHE H 123 36.45 -10.89 17.61
CA PHE H 123 35.49 -11.93 17.94
C PHE H 123 35.79 -12.62 19.26
N SER H 124 34.73 -13.10 19.92
CA SER H 124 34.89 -13.85 21.16
C SER H 124 35.34 -15.22 20.74
N CYS H 125 36.41 -15.71 21.35
CA CYS H 125 36.92 -17.02 20.98
C CYS H 125 37.83 -17.65 22.03
N ASP H 126 37.85 -18.98 22.05
CA ASP H 126 38.67 -19.74 22.98
C ASP H 126 40.11 -19.92 22.47
N VAL H 127 40.98 -18.97 22.81
CA VAL H 127 42.37 -19.02 22.38
C VAL H 127 43.27 -19.66 23.42
N SER H 128 42.73 -20.60 24.19
CA SER H 128 43.53 -21.27 25.22
C SER H 128 44.74 -22.00 24.62
N GLY H 129 44.48 -22.90 23.68
CA GLY H 129 45.58 -23.65 23.08
C GLY H 129 46.15 -23.00 21.84
N VAL H 130 46.62 -21.77 21.97
CA VAL H 130 47.20 -21.07 20.82
C VAL H 130 48.70 -21.31 20.79
N ASP H 131 49.22 -21.86 21.88
CA ASP H 131 50.64 -22.18 22.00
C ASP H 131 50.89 -23.65 21.78
N THR H 132 49.85 -24.46 22.02
CA THR H 132 49.95 -25.90 21.83
C THR H 132 50.07 -26.20 20.34
N GLU H 133 50.64 -27.34 20.00
CA GLU H 133 50.79 -27.71 18.59
C GLU H 133 49.43 -28.03 17.97
N SER H 134 48.46 -28.35 18.83
CA SER H 134 47.11 -28.66 18.38
C SER H 134 46.48 -27.41 17.75
N GLY H 135 46.65 -26.27 18.42
CA GLY H 135 46.14 -25.01 17.93
C GLY H 135 44.76 -24.57 18.39
N ALA H 136 44.61 -23.26 18.56
CA ALA H 136 43.33 -22.68 18.99
C ALA H 136 42.39 -22.62 17.79
N THR H 137 41.09 -22.80 18.05
CA THR H 137 40.10 -22.76 17.00
C THR H 137 39.01 -21.73 17.26
N CYS H 138 38.80 -20.85 16.28
CA CYS H 138 37.79 -19.79 16.35
C CYS H 138 36.74 -19.96 15.28
N LYS H 139 35.49 -19.70 15.66
CA LYS H 139 34.40 -19.83 14.73
C LYS H 139 33.80 -18.46 14.46
N LEU H 140 33.78 -18.07 13.18
CA LEU H 140 33.22 -16.79 12.80
C LEU H 140 31.89 -17.06 12.13
N LYS H 141 30.81 -16.89 12.88
CA LYS H 141 29.47 -17.13 12.39
C LYS H 141 28.84 -15.86 11.81
N PHE H 142 28.49 -15.91 10.52
CA PHE H 142 27.86 -14.79 9.83
C PHE H 142 26.45 -15.16 9.40
N GLY H 143 25.61 -14.17 9.18
CA GLY H 143 24.26 -14.48 8.76
C GLY H 143 23.39 -13.26 8.63
N SER H 144 22.39 -13.32 7.75
CA SER H 144 21.51 -12.19 7.58
C SER H 144 20.94 -11.85 8.94
N TRP H 145 20.68 -10.58 9.17
CA TRP H 145 20.19 -10.14 10.46
C TRP H 145 18.68 -9.93 10.53
N THR H 146 18.02 -9.82 9.39
CA THR H 146 16.58 -9.56 9.40
C THR H 146 15.74 -10.29 8.35
N HIS H 147 16.38 -11.09 7.52
CA HIS H 147 15.68 -11.84 6.48
C HIS H 147 15.89 -13.34 6.65
N HIS H 148 14.84 -14.13 6.52
CA HIS H 148 14.95 -15.57 6.67
C HIS H 148 15.37 -16.28 5.38
N SER H 149 15.25 -17.60 5.34
CA SER H 149 15.63 -18.37 4.16
C SER H 149 14.88 -18.02 2.88
N ARG H 150 13.57 -17.80 2.98
CA ARG H 150 12.77 -17.45 1.81
C ARG H 150 13.04 -16.08 1.23
N GLU H 151 13.47 -15.14 2.07
CA GLU H 151 13.77 -13.79 1.60
C GLU H 151 15.19 -13.64 1.12
N LEU H 152 16.14 -14.11 1.92
CA LEU H 152 17.56 -14.00 1.58
C LEU H 152 18.28 -15.35 1.74
N ASP H 153 18.68 -15.94 0.62
CA ASP H 153 19.36 -17.23 0.61
C ASP H 153 20.88 -17.11 0.58
N LEU H 154 21.53 -17.50 1.67
CA LEU H 154 22.98 -17.45 1.78
C LEU H 154 23.61 -18.70 1.18
N GLN H 155 24.54 -18.53 0.25
CA GLN H 155 25.22 -19.66 -0.35
C GLN H 155 26.72 -19.41 -0.33
N MET H 156 27.46 -20.19 0.43
CA MET H 156 28.90 -20.00 0.52
C MET H 156 29.64 -20.53 -0.69
N GLN H 157 30.71 -19.86 -1.07
CA GLN H 157 31.53 -20.28 -2.21
C GLN H 157 32.97 -20.52 -1.75
N GLU H 158 33.80 -21.02 -2.67
CA GLU H 158 35.21 -21.34 -2.39
C GLU H 158 35.97 -20.40 -1.46
N ALA H 159 36.36 -20.92 -0.30
CA ALA H 159 37.10 -20.14 0.70
C ALA H 159 38.56 -19.97 0.27
N ASP H 160 38.93 -18.74 -0.12
CA ASP H 160 40.30 -18.42 -0.54
C ASP H 160 41.19 -18.20 0.69
N ILE H 161 42.33 -18.89 0.73
CA ILE H 161 43.27 -18.81 1.85
C ILE H 161 44.66 -18.30 1.44
N SER H 162 44.87 -18.13 0.14
CA SER H 162 46.14 -17.65 -0.37
C SER H 162 46.38 -16.17 -0.05
N GLY H 163 45.43 -15.57 0.66
CA GLY H 163 45.57 -14.17 0.99
C GLY H 163 46.28 -13.92 2.32
N TYR H 164 46.42 -14.97 3.14
CA TYR H 164 47.07 -14.85 4.46
C TYR H 164 48.49 -14.31 4.40
N ILE H 165 48.86 -13.50 5.40
CA ILE H 165 50.18 -12.89 5.50
C ILE H 165 51.24 -13.96 5.80
N PRO H 166 52.29 -14.05 4.94
CA PRO H 166 53.41 -14.99 5.05
C PRO H 166 54.15 -14.97 6.39
N TYR H 167 54.49 -13.78 6.88
CA TYR H 167 55.17 -13.64 8.18
C TYR H 167 54.11 -13.82 9.27
N SER H 168 53.87 -12.79 10.08
CA SER H 168 52.84 -12.87 11.12
C SER H 168 53.24 -13.80 12.24
N ARG H 169 52.94 -13.39 13.47
CA ARG H 169 53.27 -14.17 14.63
C ARG H 169 52.54 -15.52 14.63
N PHE H 170 51.46 -15.63 13.85
CA PHE H 170 50.68 -16.86 13.79
C PHE H 170 50.67 -17.51 12.42
N GLU H 171 50.30 -18.79 12.39
CA GLU H 171 50.23 -19.54 11.13
C GLU H 171 48.91 -20.31 11.08
N LEU H 172 48.31 -20.35 9.91
CA LEU H 172 47.04 -21.07 9.74
C LEU H 172 47.18 -22.59 9.68
N VAL H 173 46.50 -23.27 10.59
CA VAL H 173 46.56 -24.73 10.59
C VAL H 173 45.38 -25.25 9.76
N GLY H 174 44.33 -24.46 9.65
CA GLY H 174 43.18 -24.89 8.87
C GLY H 174 41.96 -23.97 8.90
N VAL H 175 41.24 -23.92 7.78
CA VAL H 175 40.02 -23.11 7.62
C VAL H 175 38.93 -24.02 7.02
N THR H 176 37.80 -24.16 7.71
CA THR H 176 36.75 -25.05 7.19
C THR H 176 35.64 -24.40 6.37
N GLN H 177 34.74 -23.65 7.01
CA GLN H 177 33.63 -22.99 6.30
C GLN H 177 32.51 -23.97 5.92
N LYS H 178 31.33 -23.80 6.51
CA LYS H 178 30.18 -24.64 6.21
C LYS H 178 28.88 -23.94 6.59
N ARG H 179 27.95 -23.87 5.63
CA ARG H 179 26.66 -23.20 5.88
C ARG H 179 25.60 -24.14 6.44
N SER H 180 24.83 -23.64 7.40
CA SER H 180 23.79 -24.43 8.06
C SER H 180 22.50 -23.63 8.16
N GLU H 181 21.37 -24.31 8.00
CA GLU H 181 20.07 -23.63 8.09
C GLU H 181 19.47 -23.97 9.47
N ARG H 182 19.21 -22.91 10.25
CA ARG H 182 18.67 -22.98 11.64
C ARG H 182 17.36 -22.26 11.96
N PHE H 183 16.63 -22.77 12.93
CA PHE H 183 15.34 -22.22 13.33
C PHE H 183 15.46 -21.50 14.64
N TYR H 184 15.33 -20.18 14.62
CA TYR H 184 15.44 -19.40 15.84
C TYR H 184 14.11 -19.18 16.52
N GLU H 185 14.18 -18.94 17.83
CA GLU H 185 13.00 -18.67 18.65
C GLU H 185 12.62 -17.22 18.37
N CYS H 186 11.87 -17.00 17.30
CA CYS H 186 11.51 -15.63 16.94
C CYS H 186 10.34 -15.47 16.01
N CYS H 187 10.65 -15.72 14.74
CA CYS H 187 9.75 -15.50 13.64
C CYS H 187 9.35 -16.68 12.73
N LYS H 188 9.17 -17.86 13.33
CA LYS H 188 8.74 -19.06 12.63
C LYS H 188 9.29 -19.23 11.21
N GLU H 189 10.59 -18.97 11.04
CA GLU H 189 11.23 -19.13 9.73
C GLU H 189 12.70 -19.48 9.92
N PRO H 190 13.25 -20.29 9.01
CA PRO H 190 14.66 -20.68 9.14
C PRO H 190 15.67 -19.60 8.67
N TYR H 191 16.71 -19.39 9.47
CA TYR H 191 17.76 -18.42 9.14
C TYR H 191 19.08 -19.11 8.80
N PRO H 192 19.54 -18.93 7.57
CA PRO H 192 20.80 -19.53 7.11
C PRO H 192 21.97 -18.81 7.72
N ASP H 193 22.97 -19.57 8.14
CA ASP H 193 24.17 -18.98 8.69
C ASP H 193 25.41 -19.74 8.27
N VAL H 194 26.40 -19.01 7.77
CA VAL H 194 27.66 -19.61 7.35
C VAL H 194 28.67 -19.44 8.49
N THR H 195 29.35 -20.52 8.87
CA THR H 195 30.30 -20.48 9.96
C THR H 195 31.73 -20.88 9.57
N PHE H 196 32.64 -19.90 9.57
CA PHE H 196 34.02 -20.14 9.22
C PHE H 196 34.82 -20.56 10.44
N THR H 197 35.32 -21.79 10.41
CA THR H 197 36.11 -22.30 11.53
C THR H 197 37.60 -22.20 11.22
N VAL H 198 38.26 -21.28 11.91
CA VAL H 198 39.68 -21.05 11.72
C VAL H 198 40.54 -21.65 12.84
N THR H 199 41.59 -22.36 12.46
CA THR H 199 42.51 -22.99 13.41
C THR H 199 43.91 -22.44 13.16
N PHE H 200 44.55 -21.94 14.21
CA PHE H 200 45.89 -21.37 14.09
C PHE H 200 46.75 -21.66 15.33
N ARG H 201 48.06 -21.48 15.19
CA ARG H 201 49.00 -21.71 16.29
C ARG H 201 50.14 -20.72 16.16
N LYS H 202 50.74 -20.36 17.29
CA LYS H 202 51.85 -19.42 17.29
C LYS H 202 53.08 -20.06 16.65
N LYS H 203 53.78 -19.30 15.81
CA LYS H 203 54.98 -19.83 15.16
C LYS H 203 56.11 -19.92 16.18
N GLY H 204 56.80 -21.06 16.17
CA GLY H 204 57.90 -21.26 17.10
C GLY H 204 59.01 -22.13 16.53
N GLN I 3 7.19 -4.67 -5.69
CA GLN I 3 5.93 -5.00 -4.96
C GLN I 3 5.99 -4.38 -3.57
N ARG I 4 6.95 -3.49 -3.36
CA ARG I 4 7.09 -2.85 -2.06
C ARG I 4 6.91 -1.34 -2.04
N LYS I 5 5.68 -0.92 -2.28
CA LYS I 5 5.30 0.48 -2.25
C LYS I 5 4.89 0.58 -0.78
N LEU I 6 4.99 -0.56 -0.10
CA LEU I 6 4.66 -0.68 1.31
C LEU I 6 5.54 0.26 2.11
N TYR I 7 6.82 0.28 1.78
CA TYR I 7 7.75 1.17 2.47
C TYR I 7 7.35 2.62 2.26
N LYS I 8 7.14 3.02 1.00
CA LYS I 8 6.74 4.39 0.70
C LYS I 8 5.52 4.80 1.53
N GLU I 9 4.62 3.84 1.76
CA GLU I 9 3.39 4.08 2.53
C GLU I 9 3.59 4.07 4.04
N LEU I 10 4.36 3.11 4.53
CA LEU I 10 4.61 3.02 5.97
C LEU I 10 5.29 4.28 6.54
N VAL I 11 6.13 4.93 5.73
CA VAL I 11 6.84 6.13 6.19
C VAL I 11 6.10 7.43 5.89
N LYS I 12 5.23 7.40 4.88
CA LYS I 12 4.47 8.58 4.44
C LYS I 12 4.10 9.58 5.54
N ASN I 13 3.25 9.16 6.47
CA ASN I 13 2.83 10.05 7.56
C ASN I 13 3.38 9.52 8.88
N TYR I 14 4.70 9.52 8.98
CA TYR I 14 5.36 9.01 10.17
C TYR I 14 6.42 9.95 10.70
N ASN I 15 6.36 10.20 12.01
CA ASN I 15 7.31 11.06 12.72
C ASN I 15 7.76 10.16 13.87
N PRO I 16 8.93 9.51 13.72
CA PRO I 16 9.54 8.61 14.69
C PRO I 16 9.82 9.13 16.10
N ASP I 17 9.60 10.43 16.32
CA ASP I 17 9.80 11.04 17.63
C ASP I 17 8.50 11.00 18.45
N VAL I 18 7.47 10.39 17.88
CA VAL I 18 6.19 10.32 18.55
C VAL I 18 5.85 8.89 18.95
N ILE I 19 5.69 8.69 20.25
CA ILE I 19 5.38 7.36 20.76
C ILE I 19 3.98 7.04 20.24
N PRO I 20 3.84 5.89 19.56
CA PRO I 20 2.54 5.51 19.03
C PRO I 20 1.52 5.05 20.08
N THR I 21 0.90 6.00 20.78
CA THR I 21 -0.11 5.67 21.78
C THR I 21 -1.48 6.13 21.28
N GLN I 22 -2.43 5.20 21.27
CA GLN I 22 -3.79 5.52 20.84
C GLN I 22 -4.58 5.89 22.07
N ARG I 23 -4.09 6.91 22.77
CA ARG I 23 -4.67 7.47 24.00
C ARG I 23 -5.31 6.47 24.97
N ASP I 24 -4.83 6.51 26.21
CA ASP I 24 -5.31 5.61 27.26
C ASP I 24 -4.93 4.17 26.93
N ARG I 25 -4.04 4.03 25.95
CA ARG I 25 -3.53 2.75 25.52
C ARG I 25 -2.01 2.91 25.53
N PRO I 26 -1.39 2.72 26.71
CA PRO I 26 0.07 2.85 26.82
C PRO I 26 0.80 1.81 25.98
N VAL I 27 1.73 2.26 25.15
CA VAL I 27 2.48 1.33 24.32
C VAL I 27 3.24 0.42 25.24
N THR I 28 2.92 -0.86 25.21
CA THR I 28 3.61 -1.80 26.05
C THR I 28 4.79 -2.42 25.29
N VAL I 29 5.99 -2.31 25.87
CA VAL I 29 7.21 -2.87 25.26
C VAL I 29 7.74 -4.03 26.10
N TYR I 30 7.92 -5.19 25.47
CA TYR I 30 8.42 -6.37 26.16
C TYR I 30 9.95 -6.38 26.10
N PHE I 31 10.55 -6.07 27.24
CA PHE I 31 12.00 -5.97 27.42
C PHE I 31 12.62 -7.25 27.94
N SER I 32 13.86 -7.50 27.55
CA SER I 32 14.56 -8.70 27.99
C SER I 32 16.02 -8.63 27.61
N LEU I 33 16.88 -8.99 28.56
CA LEU I 33 18.32 -8.96 28.33
C LEU I 33 18.91 -10.36 28.46
N SER I 34 19.92 -10.62 27.62
CA SER I 34 20.61 -11.92 27.60
C SER I 34 22.13 -11.68 27.64
N LEU I 35 22.76 -12.04 28.75
CA LEU I 35 24.19 -11.84 28.89
C LEU I 35 24.96 -12.76 27.97
N LEU I 36 25.91 -12.18 27.23
CA LEU I 36 26.74 -12.92 26.28
C LEU I 36 28.14 -13.17 26.79
N GLN I 37 28.70 -12.19 27.51
CA GLN I 37 30.04 -12.32 28.05
C GLN I 37 30.48 -11.11 28.86
N ILE I 38 31.28 -11.37 29.89
CA ILE I 38 31.82 -10.32 30.73
C ILE I 38 33.25 -10.18 30.27
N MET I 39 33.55 -9.03 29.67
CA MET I 39 34.88 -8.73 29.13
C MET I 39 35.98 -8.46 30.16
N ASP I 40 35.81 -7.41 30.95
CA ASP I 40 36.81 -7.08 31.94
C ASP I 40 36.14 -6.57 33.23
N VAL I 41 36.90 -6.52 34.30
CA VAL I 41 36.42 -6.03 35.58
C VAL I 41 37.52 -5.13 36.11
N ASP I 42 37.20 -3.86 36.28
CA ASP I 42 38.18 -2.91 36.78
C ASP I 42 37.96 -2.78 38.28
N GLU I 43 38.71 -3.56 39.06
CA GLU I 43 38.59 -3.53 40.51
C GLU I 43 39.05 -2.20 41.05
N LYS I 44 39.97 -1.55 40.34
CA LYS I 44 40.51 -0.26 40.76
C LYS I 44 39.45 0.86 40.71
N ASN I 45 38.69 0.92 39.62
CA ASN I 45 37.69 1.96 39.45
C ASN I 45 36.25 1.47 39.59
N GLN I 46 36.08 0.18 39.88
CA GLN I 46 34.75 -0.40 40.07
C GLN I 46 33.83 -0.27 38.84
N VAL I 47 34.16 -1.01 37.77
CA VAL I 47 33.38 -1.01 36.53
C VAL I 47 33.49 -2.37 35.82
N VAL I 48 32.43 -2.79 35.13
CA VAL I 48 32.45 -4.05 34.37
C VAL I 48 32.15 -3.75 32.92
N ASP I 49 32.83 -4.46 32.02
CA ASP I 49 32.64 -4.31 30.58
C ASP I 49 31.77 -5.50 30.20
N VAL I 50 30.56 -5.24 29.74
CA VAL I 50 29.63 -6.30 29.40
C VAL I 50 29.15 -6.27 27.95
N VAL I 51 28.90 -7.45 27.40
CA VAL I 51 28.38 -7.54 26.04
C VAL I 51 27.09 -8.31 26.23
N PHE I 52 25.98 -7.62 26.13
CA PHE I 52 24.70 -8.27 26.30
C PHE I 52 24.00 -8.31 24.97
N TRP I 53 22.76 -8.76 24.99
CA TRP I 53 21.99 -8.97 23.79
C TRP I 53 20.53 -8.63 24.14
N LEU I 54 20.14 -7.37 23.92
CA LEU I 54 18.78 -6.94 24.23
C LEU I 54 17.72 -7.58 23.34
N GLN I 55 16.50 -7.57 23.86
CA GLN I 55 15.36 -8.09 23.14
C GLN I 55 14.18 -7.16 23.44
N MET I 56 13.78 -6.37 22.46
CA MET I 56 12.67 -5.45 22.60
C MET I 56 11.60 -5.68 21.56
N SER I 57 10.33 -5.67 21.97
CA SER I 57 9.21 -5.84 21.05
C SER I 57 8.04 -5.00 21.54
N TRP I 58 7.36 -4.33 20.61
CA TRP I 58 6.21 -3.49 20.93
C TRP I 58 5.25 -3.46 19.75
N THR I 59 4.11 -2.81 19.90
CA THR I 59 3.15 -2.74 18.82
C THR I 59 2.93 -1.31 18.37
N ASP I 60 3.27 -1.04 17.12
CA ASP I 60 3.12 0.29 16.53
C ASP I 60 1.87 0.28 15.64
N HIS I 61 0.76 0.83 16.13
CA HIS I 61 -0.47 0.81 15.33
C HIS I 61 -0.32 1.56 14.00
N TYR I 62 0.59 2.52 13.94
CA TYR I 62 0.79 3.27 12.71
C TYR I 62 1.41 2.40 11.60
N LEU I 63 1.99 1.26 11.99
CA LEU I 63 2.66 0.40 11.00
C LEU I 63 1.99 -0.92 10.67
N GLN I 64 0.69 -0.92 10.43
CA GLN I 64 0.01 -2.15 10.07
C GLN I 64 -0.57 -2.02 8.66
N TRP I 65 -0.75 -3.16 7.98
CA TRP I 65 -1.27 -3.12 6.63
C TRP I 65 -2.11 -4.36 6.30
N ASN I 66 -2.95 -4.25 5.27
CA ASN I 66 -3.80 -5.34 4.83
C ASN I 66 -2.96 -6.39 4.10
N VAL I 67 -2.81 -7.56 4.72
CA VAL I 67 -2.03 -8.66 4.16
C VAL I 67 -2.33 -8.95 2.68
N SER I 68 -3.51 -8.52 2.23
CA SER I 68 -3.95 -8.72 0.85
C SER I 68 -3.61 -7.55 -0.06
N GLU I 69 -3.92 -6.33 0.38
CA GLU I 69 -3.64 -5.13 -0.42
C GLU I 69 -2.20 -5.12 -0.92
N TYR I 70 -1.35 -5.89 -0.26
CA TYR I 70 0.05 -5.99 -0.65
C TYR I 70 0.33 -7.45 -0.93
N PRO I 71 0.80 -7.76 -2.16
CA PRO I 71 1.13 -9.11 -2.63
C PRO I 71 1.29 -10.17 -1.50
N GLY I 72 2.52 -10.64 -1.29
CA GLY I 72 2.77 -11.63 -0.25
C GLY I 72 3.74 -11.08 0.79
N VAL I 73 3.66 -9.77 1.04
CA VAL I 73 4.52 -9.08 2.00
C VAL I 73 4.07 -9.28 3.46
N LYS I 74 4.62 -10.29 4.10
CA LYS I 74 4.29 -10.59 5.49
C LYS I 74 4.96 -9.68 6.54
N GLN I 75 6.30 -9.57 6.48
CA GLN I 75 7.08 -8.74 7.40
C GLN I 75 8.19 -7.99 6.65
N VAL I 76 8.46 -6.75 7.05
CA VAL I 76 9.53 -5.98 6.40
C VAL I 76 10.68 -5.63 7.36
N SER I 77 11.84 -5.33 6.78
CA SER I 77 13.05 -4.98 7.53
C SER I 77 13.33 -3.50 7.38
N VAL I 78 13.10 -2.74 8.45
CA VAL I 78 13.28 -1.28 8.45
C VAL I 78 14.37 -0.77 9.40
N PRO I 79 15.04 0.33 9.04
CA PRO I 79 16.10 0.96 9.82
C PRO I 79 15.50 1.69 11.02
N ILE I 80 15.96 1.37 12.23
CA ILE I 80 15.43 1.98 13.46
C ILE I 80 15.34 3.52 13.42
N SER I 81 16.10 4.11 12.50
CA SER I 81 16.13 5.56 12.33
C SER I 81 14.88 6.02 11.60
N SER I 82 14.09 5.05 11.12
CA SER I 82 12.88 5.34 10.36
C SER I 82 11.61 5.28 11.19
N LEU I 83 11.60 4.51 12.27
CA LEU I 83 10.42 4.42 13.10
C LEU I 83 10.69 4.77 14.55
N TRP I 84 9.64 4.77 15.37
CA TRP I 84 9.80 5.07 16.78
C TRP I 84 10.33 3.82 17.43
N VAL I 85 11.25 4.03 18.36
CA VAL I 85 11.88 2.95 19.10
C VAL I 85 12.05 3.39 20.57
N PRO I 86 11.72 2.48 21.53
CA PRO I 86 11.80 2.74 22.97
C PRO I 86 13.11 3.42 23.38
N ASP I 87 13.01 4.55 24.07
CA ASP I 87 14.18 5.30 24.51
C ASP I 87 14.78 4.73 25.80
N LEU I 88 14.86 3.41 25.90
CA LEU I 88 15.41 2.77 27.08
C LEU I 88 16.87 3.15 27.28
N ALA I 89 17.26 3.39 28.53
CA ALA I 89 18.64 3.77 28.85
C ALA I 89 19.17 2.99 30.05
N ALA I 90 20.49 2.81 30.11
CA ALA I 90 21.08 2.09 31.24
C ALA I 90 21.32 3.14 32.31
N TYR I 91 20.69 2.98 33.48
CA TYR I 91 20.85 3.97 34.53
C TYR I 91 22.26 4.11 35.09
N ASN I 92 22.92 2.97 35.34
CA ASN I 92 24.26 3.03 35.87
C ASN I 92 25.32 2.77 34.83
N ALA I 93 25.17 3.41 33.68
CA ALA I 93 26.18 3.24 32.64
C ALA I 93 27.22 4.35 32.78
N ILE I 94 28.48 4.03 32.48
CA ILE I 94 29.56 5.00 32.56
C ILE I 94 30.25 5.10 31.22
N SER I 95 29.60 4.58 30.18
CA SER I 95 30.13 4.66 28.83
C SER I 95 28.96 4.62 27.86
N LYS I 96 29.10 5.29 26.72
CA LYS I 96 28.05 5.29 25.74
C LYS I 96 27.88 3.84 25.24
N PRO I 97 26.62 3.41 24.96
CA PRO I 97 26.43 2.03 24.48
C PRO I 97 26.95 1.90 23.06
N GLU I 98 27.66 0.82 22.79
CA GLU I 98 28.21 0.57 21.47
C GLU I 98 27.45 -0.59 20.87
N VAL I 99 26.55 -0.28 19.95
CA VAL I 99 25.74 -1.29 19.28
C VAL I 99 26.60 -2.01 18.21
N LEU I 100 26.74 -3.31 18.36
CA LEU I 100 27.55 -4.14 17.47
C LEU I 100 26.89 -4.64 16.18
N THR I 101 25.61 -4.96 16.28
CA THR I 101 24.84 -5.50 15.17
C THR I 101 24.19 -4.41 14.31
N PRO I 102 23.66 -4.79 13.14
CA PRO I 102 22.98 -3.86 12.21
C PRO I 102 21.75 -3.25 12.88
N GLN I 103 21.60 -1.94 12.77
CA GLN I 103 20.46 -1.26 13.38
C GLN I 103 19.19 -1.32 12.53
N LEU I 104 18.61 -2.52 12.46
CA LEU I 104 17.40 -2.82 11.72
C LEU I 104 16.39 -3.51 12.62
N ALA I 105 15.10 -3.28 12.35
CA ALA I 105 14.02 -3.88 13.13
C ALA I 105 13.05 -4.61 12.20
N LEU I 106 12.32 -5.58 12.73
CA LEU I 106 11.33 -6.35 11.95
C LEU I 106 9.92 -5.92 12.32
N VAL I 107 9.05 -5.80 11.33
CA VAL I 107 7.67 -5.39 11.57
C VAL I 107 6.63 -6.32 10.95
N ASN I 108 5.61 -6.64 11.75
CA ASN I 108 4.49 -7.51 11.36
C ASN I 108 3.53 -6.81 10.41
N SER I 109 2.64 -7.58 9.79
CA SER I 109 1.66 -7.02 8.89
C SER I 109 0.61 -6.37 9.80
N SER I 110 0.61 -6.84 11.05
CA SER I 110 -0.31 -6.37 12.08
C SER I 110 0.26 -5.17 12.82
N GLY I 111 1.57 -4.97 12.73
CA GLY I 111 2.19 -3.84 13.39
C GLY I 111 3.02 -4.14 14.62
N HIS I 112 3.62 -5.33 14.67
CA HIS I 112 4.45 -5.72 15.82
C HIS I 112 5.94 -5.61 15.50
N VAL I 113 6.61 -4.65 16.13
CA VAL I 113 8.04 -4.43 15.90
C VAL I 113 8.93 -5.28 16.80
N GLN I 114 10.11 -5.62 16.29
CA GLN I 114 11.05 -6.45 17.02
C GLN I 114 12.47 -5.93 16.77
N TYR I 115 13.16 -5.52 17.83
CA TYR I 115 14.52 -5.00 17.74
C TYR I 115 15.45 -5.79 18.67
N LEU I 116 16.45 -6.45 18.10
CA LEU I 116 17.38 -7.28 18.87
C LEU I 116 18.86 -6.87 18.75
N PRO I 117 19.22 -5.67 19.22
CA PRO I 117 20.62 -5.26 19.11
C PRO I 117 21.60 -5.92 20.11
N SER I 118 22.85 -6.12 19.68
CA SER I 118 23.91 -6.68 20.53
C SER I 118 24.74 -5.48 20.96
N ILE I 119 24.86 -5.29 22.26
CA ILE I 119 25.58 -4.16 22.76
C ILE I 119 26.75 -4.47 23.69
N ARG I 120 27.75 -3.60 23.68
CA ARG I 120 28.88 -3.72 24.58
C ARG I 120 28.82 -2.39 25.29
N GLN I 121 28.72 -2.42 26.61
CA GLN I 121 28.62 -1.19 27.39
C GLN I 121 29.25 -1.39 28.76
N ARG I 122 29.76 -0.33 29.36
CA ARG I 122 30.38 -0.45 30.67
C ARG I 122 29.51 0.11 31.77
N PHE I 123 29.42 -0.61 32.89
CA PHE I 123 28.61 -0.18 34.02
C PHE I 123 29.37 -0.01 35.33
N SER I 124 28.89 0.91 36.16
CA SER I 124 29.51 1.14 37.46
C SER I 124 29.04 -0.01 38.31
N CYS I 125 29.97 -0.68 38.98
CA CYS I 125 29.59 -1.83 39.81
C CYS I 125 30.64 -2.21 40.85
N ASP I 126 30.17 -2.79 41.95
CA ASP I 126 31.05 -3.22 43.03
C ASP I 126 31.64 -4.62 42.78
N VAL I 127 32.79 -4.66 42.11
CA VAL I 127 33.43 -5.93 41.81
C VAL I 127 34.46 -6.33 42.84
N SER I 128 34.22 -5.97 44.10
CA SER I 128 35.15 -6.30 45.17
C SER I 128 35.33 -7.79 45.32
N GLY I 129 34.22 -8.49 45.55
CA GLY I 129 34.30 -9.92 45.72
C GLY I 129 34.14 -10.73 44.44
N VAL I 130 35.00 -10.48 43.47
CA VAL I 130 34.93 -11.21 42.21
C VAL I 130 35.85 -12.42 42.28
N ASP I 131 36.68 -12.47 43.32
CA ASP I 131 37.61 -13.58 43.53
C ASP I 131 37.07 -14.52 44.59
N THR I 132 36.23 -13.98 45.46
CA THR I 132 35.64 -14.79 46.52
C THR I 132 34.65 -15.78 45.90
N GLU I 133 34.40 -16.88 46.60
CA GLU I 133 33.48 -17.88 46.09
C GLU I 133 32.06 -17.33 46.12
N SER I 134 31.83 -16.34 46.97
CA SER I 134 30.52 -15.71 47.09
C SER I 134 30.16 -15.05 45.76
N GLY I 135 31.13 -14.31 45.20
CA GLY I 135 30.92 -13.64 43.92
C GLY I 135 30.45 -12.19 43.93
N ALA I 136 30.93 -11.43 42.95
CA ALA I 136 30.56 -10.02 42.81
C ALA I 136 29.19 -9.91 42.12
N THR I 137 28.41 -8.94 42.56
CA THR I 137 27.08 -8.75 42.00
C THR I 137 26.89 -7.36 41.37
N CYS I 138 26.44 -7.35 40.12
CA CYS I 138 26.20 -6.11 39.38
C CYS I 138 24.75 -5.97 39.02
N LYS I 139 24.24 -4.76 39.12
CA LYS I 139 22.86 -4.49 38.78
C LYS I 139 22.79 -3.60 37.55
N LEU I 140 22.11 -4.09 36.52
CA LEU I 140 21.96 -3.32 35.28
C LEU I 140 20.51 -2.83 35.23
N LYS I 141 20.33 -1.58 35.61
CA LYS I 141 19.01 -0.97 35.64
C LYS I 141 18.70 -0.26 34.33
N PHE I 142 17.64 -0.70 33.69
CA PHE I 142 17.21 -0.11 32.42
C PHE I 142 15.84 0.55 32.59
N GLY I 143 15.49 1.50 31.73
CA GLY I 143 14.20 2.13 31.84
C GLY I 143 13.99 3.26 30.87
N SER I 144 12.73 3.60 30.62
CA SER I 144 12.46 4.72 29.72
C SER I 144 13.15 5.96 30.30
N TRP I 145 13.58 6.88 29.45
CA TRP I 145 14.27 8.06 29.94
C TRP I 145 13.37 9.31 29.96
N THR I 146 12.25 9.27 29.23
CA THR I 146 11.33 10.41 29.23
C THR I 146 9.82 10.06 29.38
N HIS I 147 9.41 8.87 28.95
CA HIS I 147 7.99 8.46 29.07
C HIS I 147 7.72 7.72 30.38
N HIS I 148 6.60 8.05 31.04
CA HIS I 148 6.21 7.41 32.31
C HIS I 148 5.40 6.13 32.11
N SER I 149 4.79 5.63 33.18
CA SER I 149 4.01 4.39 33.10
C SER I 149 2.83 4.43 32.14
N ARG I 150 2.08 5.53 32.14
CA ARG I 150 0.92 5.65 31.26
C ARG I 150 1.26 5.75 29.78
N GLU I 151 2.44 6.25 29.45
CA GLU I 151 2.86 6.39 28.05
C GLU I 151 3.58 5.15 27.53
N LEU I 152 4.55 4.66 28.29
CA LEU I 152 5.34 3.50 27.90
C LEU I 152 5.42 2.48 29.03
N ASP I 153 4.75 1.35 28.85
CA ASP I 153 4.72 0.29 29.85
C ASP I 153 5.78 -0.78 29.61
N LEU I 154 6.76 -0.87 30.51
CA LEU I 154 7.83 -1.86 30.41
C LEU I 154 7.41 -3.17 31.05
N GLN I 155 7.53 -4.26 30.32
CA GLN I 155 7.18 -5.57 30.86
C GLN I 155 8.28 -6.56 30.52
N MET I 156 8.99 -7.04 31.54
CA MET I 156 10.08 -7.99 31.32
C MET I 156 9.60 -9.38 31.00
N GLN I 157 10.33 -10.07 30.15
CA GLN I 157 9.99 -11.45 29.79
C GLN I 157 11.17 -12.37 30.11
N GLU I 158 10.96 -13.67 29.93
CA GLU I 158 11.96 -14.69 30.24
C GLU I 158 13.42 -14.36 29.92
N ALA I 159 14.23 -14.26 30.97
CA ALA I 159 15.66 -13.95 30.85
C ALA I 159 16.45 -15.18 30.37
N ASP I 160 16.91 -15.13 29.11
CA ASP I 160 17.68 -16.22 28.52
C ASP I 160 19.15 -16.13 28.97
N ILE I 161 19.68 -17.24 29.46
CA ILE I 161 21.05 -17.30 29.96
C ILE I 161 21.93 -18.31 29.21
N SER I 162 21.31 -19.07 28.32
CA SER I 162 22.01 -20.08 27.52
C SER I 162 22.93 -19.44 26.48
N GLY I 163 22.97 -18.12 26.46
CA GLY I 163 23.80 -17.42 25.50
C GLY I 163 25.22 -17.15 25.96
N TYR I 164 25.46 -17.25 27.27
CA TYR I 164 26.77 -16.99 27.87
C TYR I 164 27.90 -17.85 27.29
N ILE I 165 29.07 -17.24 27.14
CA ILE I 165 30.25 -17.91 26.59
C ILE I 165 30.78 -18.99 27.55
N PRO I 166 30.89 -20.25 27.05
CA PRO I 166 31.35 -21.43 27.79
C PRO I 166 32.70 -21.25 28.47
N TYR I 167 33.68 -20.71 27.76
CA TYR I 167 35.01 -20.45 28.32
C TYR I 167 34.93 -19.15 29.16
N SER I 168 35.69 -18.12 28.78
CA SER I 168 35.63 -16.87 29.53
C SER I 168 36.28 -16.99 30.91
N ARG I 169 36.99 -15.95 31.29
CA ARG I 169 37.68 -15.92 32.57
C ARG I 169 36.67 -15.96 33.74
N PHE I 170 35.42 -15.61 33.47
CA PHE I 170 34.39 -15.60 34.51
C PHE I 170 33.27 -16.61 34.28
N GLU I 171 32.53 -16.92 35.34
CA GLU I 171 31.41 -17.86 35.26
C GLU I 171 30.19 -17.27 35.95
N LEU I 172 29.01 -17.46 35.37
CA LEU I 172 27.79 -16.94 35.95
C LEU I 172 27.28 -17.73 37.14
N VAL I 173 27.14 -17.05 38.28
CA VAL I 173 26.62 -17.69 39.49
C VAL I 173 25.10 -17.48 39.56
N GLY I 174 24.62 -16.42 38.93
CA GLY I 174 23.18 -16.16 38.94
C GLY I 174 22.72 -14.86 38.28
N VAL I 175 21.53 -14.92 37.67
CA VAL I 175 20.92 -13.77 37.01
C VAL I 175 19.48 -13.68 37.49
N THR I 176 19.08 -12.55 38.08
CA THR I 176 17.72 -12.41 38.59
C THR I 176 16.69 -11.75 37.68
N GLN I 177 16.77 -10.43 37.51
CA GLN I 177 15.81 -9.73 36.65
C GLN I 177 14.44 -9.53 37.34
N LYS I 178 14.09 -8.27 37.61
CA LYS I 178 12.81 -7.95 38.25
C LYS I 178 12.43 -6.49 37.98
N ARG I 179 11.22 -6.28 37.47
CA ARG I 179 10.75 -4.93 37.16
C ARG I 179 10.04 -4.26 38.33
N SER I 180 10.33 -2.98 38.54
CA SER I 180 9.75 -2.22 39.62
C SER I 180 9.22 -0.86 39.13
N GLU I 181 8.11 -0.41 39.71
CA GLU I 181 7.52 0.88 39.34
C GLU I 181 7.78 1.81 40.51
N ARG I 182 8.44 2.93 40.28
CA ARG I 182 8.76 3.80 41.40
C ARG I 182 8.19 5.21 41.27
N PHE I 183 7.32 5.58 42.21
CA PHE I 183 6.72 6.91 42.20
C PHE I 183 7.75 7.92 42.64
N TYR I 184 8.30 8.65 41.68
CA TYR I 184 9.31 9.64 41.98
C TYR I 184 8.71 10.98 42.33
N GLU I 185 9.55 11.85 42.84
CA GLU I 185 9.19 13.20 43.25
C GLU I 185 8.50 13.96 42.10
N CYS I 186 7.16 13.93 42.10
CA CYS I 186 6.29 14.58 41.11
C CYS I 186 5.38 13.58 40.41
N CYS I 187 4.82 14.09 39.31
CA CYS I 187 3.99 13.37 38.37
C CYS I 187 3.43 12.06 38.90
N LYS I 188 2.25 12.11 39.53
CA LYS I 188 1.61 10.94 40.12
C LYS I 188 1.81 9.63 39.33
N GLU I 189 1.92 9.72 38.00
CA GLU I 189 2.15 8.57 37.14
C GLU I 189 3.59 8.16 37.35
N PRO I 190 3.80 6.95 37.89
CA PRO I 190 5.08 6.31 38.22
C PRO I 190 6.02 6.07 37.04
N TYR I 191 7.17 5.45 37.33
CA TYR I 191 8.16 5.16 36.30
C TYR I 191 8.71 3.73 36.48
N PRO I 192 8.50 2.85 35.49
CA PRO I 192 8.96 1.46 35.51
C PRO I 192 10.38 1.29 35.05
N ASP I 193 10.94 0.14 35.39
CA ASP I 193 12.33 -0.19 35.04
C ASP I 193 12.68 -1.64 35.35
N VAL I 194 13.30 -2.31 34.39
CA VAL I 194 13.69 -3.69 34.60
C VAL I 194 15.14 -3.73 35.05
N THR I 195 15.45 -4.48 36.10
CA THR I 195 16.82 -4.55 36.61
C THR I 195 17.41 -5.96 36.62
N PHE I 196 18.40 -6.20 35.77
CA PHE I 196 19.04 -7.51 35.70
C PHE I 196 20.20 -7.60 36.66
N THR I 197 20.09 -8.49 37.65
CA THR I 197 21.17 -8.63 38.62
C THR I 197 22.04 -9.84 38.29
N VAL I 198 23.26 -9.57 37.84
CA VAL I 198 24.19 -10.62 37.46
C VAL I 198 25.27 -10.86 38.51
N THR I 199 25.48 -12.13 38.83
CA THR I 199 26.50 -12.51 39.82
C THR I 199 27.51 -13.42 39.13
N PHE I 200 28.79 -13.08 39.25
CA PHE I 200 29.85 -13.89 38.62
C PHE I 200 31.11 -13.95 39.46
N ARG I 201 31.98 -14.91 39.16
CA ARG I 201 33.24 -15.07 39.90
C ARG I 201 34.29 -15.56 38.93
N LYS I 202 35.55 -15.22 39.21
CA LYS I 202 36.65 -15.64 38.36
C LYS I 202 36.88 -17.16 38.49
N LYS I 203 37.09 -17.82 37.35
CA LYS I 203 37.33 -19.25 37.37
C LYS I 203 38.72 -19.53 37.93
N GLY I 204 38.79 -20.52 38.82
CA GLY I 204 40.06 -20.88 39.42
C GLY I 204 40.15 -22.35 39.78
N GLN J 3 -3.12 11.91 16.57
CA GLN J 3 -3.17 12.54 17.91
C GLN J 3 -2.11 13.62 18.15
N ARG J 4 -1.01 13.51 17.43
CA ARG J 4 0.12 14.42 17.58
C ARG J 4 0.58 15.16 16.35
N LYS J 5 -0.22 16.13 15.95
CA LYS J 5 0.09 16.98 14.81
C LYS J 5 0.83 18.10 15.53
N LEU J 6 0.91 17.95 16.85
CA LEU J 6 1.58 18.90 17.72
C LEU J 6 3.03 19.01 17.29
N TYR J 7 3.64 17.86 17.00
CA TYR J 7 5.04 17.86 16.58
C TYR J 7 5.19 18.61 15.26
N LYS J 8 4.36 18.27 14.29
CA LYS J 8 4.43 18.95 12.99
C LYS J 8 4.34 20.47 13.16
N GLU J 9 3.54 20.90 14.14
CA GLU J 9 3.36 22.32 14.41
C GLU J 9 4.50 22.97 15.19
N LEU J 10 4.97 22.27 16.23
CA LEU J 10 6.06 22.79 17.06
C LEU J 10 7.33 23.04 16.27
N VAL J 11 7.57 22.24 15.25
CA VAL J 11 8.78 22.38 14.43
C VAL J 11 8.58 23.30 13.21
N LYS J 12 7.34 23.40 12.73
CA LYS J 12 6.98 24.21 11.56
C LYS J 12 7.85 25.46 11.31
N ASN J 13 7.77 26.43 12.22
CA ASN J 13 8.56 27.65 12.08
C ASN J 13 9.58 27.73 13.19
N TYR J 14 10.52 26.80 13.17
CA TYR J 14 11.56 26.73 14.18
C TYR J 14 12.95 26.57 13.61
N ASN J 15 13.87 27.39 14.11
CA ASN J 15 15.27 27.34 13.69
C ASN J 15 15.99 27.28 15.03
N PRO J 16 16.40 26.06 15.44
CA PRO J 16 17.11 25.75 16.69
C PRO J 16 18.43 26.48 16.96
N ASP J 17 18.91 27.26 16.00
CA ASP J 17 20.16 28.02 16.15
C ASP J 17 19.84 29.43 16.67
N VAL J 18 18.56 29.67 16.96
CA VAL J 18 18.14 30.97 17.45
C VAL J 18 17.67 30.91 18.89
N ILE J 19 18.35 31.63 19.78
CA ILE J 19 17.97 31.64 21.19
C ILE J 19 16.59 32.31 21.28
N PRO J 20 15.61 31.65 21.94
CA PRO J 20 14.24 32.12 22.12
C PRO J 20 14.05 33.26 23.12
N THR J 21 14.56 34.43 22.76
CA THR J 21 14.43 35.61 23.61
C THR J 21 13.41 36.55 22.97
N GLN J 22 12.65 37.26 23.80
CA GLN J 22 11.67 38.19 23.28
C GLN J 22 12.09 39.60 23.70
N ARG J 23 13.12 40.11 23.01
CA ARG J 23 13.70 41.43 23.24
C ARG J 23 13.55 41.99 24.65
N ASP J 24 14.70 42.34 25.25
CA ASP J 24 14.77 42.85 26.61
C ASP J 24 14.13 41.84 27.57
N ARG J 25 14.35 40.56 27.26
CA ARG J 25 13.84 39.42 28.03
C ARG J 25 14.83 38.26 27.82
N PRO J 26 15.91 38.20 28.63
CA PRO J 26 16.93 37.16 28.54
C PRO J 26 16.44 35.74 28.92
N VAL J 27 16.64 34.77 28.03
CA VAL J 27 16.24 33.40 28.34
C VAL J 27 17.03 32.95 29.55
N THR J 28 16.33 32.69 30.63
CA THR J 28 16.98 32.26 31.84
C THR J 28 17.00 30.71 31.89
N VAL J 29 18.20 30.14 32.03
CA VAL J 29 18.36 28.69 32.11
C VAL J 29 18.83 28.29 33.51
N TYR J 30 18.09 27.36 34.13
CA TYR J 30 18.45 26.91 35.46
C TYR J 30 19.39 25.72 35.35
N PHE J 31 20.66 25.99 35.67
CA PHE J 31 21.73 25.01 35.61
C PHE J 31 21.99 24.30 36.93
N SER J 32 22.47 23.07 36.85
CA SER J 32 22.76 22.30 38.04
C SER J 32 23.48 21.01 37.70
N LEU J 33 24.54 20.72 38.46
CA LEU J 33 25.33 19.52 38.25
C LEU J 33 25.27 18.60 39.46
N SER J 34 25.28 17.29 39.20
CA SER J 34 25.22 16.29 40.24
C SER J 34 26.32 15.25 39.97
N LEU J 35 27.33 15.22 40.82
CA LEU J 35 28.43 14.26 40.65
C LEU J 35 27.98 12.82 40.88
N LEU J 36 28.29 11.95 39.92
CA LEU J 36 27.93 10.54 40.00
C LEU J 36 29.09 9.65 40.41
N GLN J 37 30.28 9.97 39.91
CA GLN J 37 31.47 9.18 40.24
C GLN J 37 32.74 9.74 39.62
N ILE J 38 33.85 9.56 40.33
CA ILE J 38 35.15 10.00 39.87
C ILE J 38 35.84 8.72 39.42
N MET J 39 36.08 8.61 38.11
CA MET J 39 36.66 7.44 37.50
C MET J 39 38.13 7.24 37.76
N ASP J 40 38.93 8.19 37.28
CA ASP J 40 40.37 8.09 37.47
C ASP J 40 40.99 9.45 37.77
N VAL J 41 42.23 9.43 38.24
CA VAL J 41 42.96 10.66 38.53
C VAL J 41 44.36 10.45 38.01
N ASP J 42 44.74 11.25 37.02
CA ASP J 42 46.07 11.15 36.43
C ASP J 42 46.97 12.15 37.13
N GLU J 43 47.65 11.69 38.17
CA GLU J 43 48.55 12.55 38.92
C GLU J 43 49.71 13.00 38.05
N LYS J 44 50.07 12.16 37.08
CA LYS J 44 51.18 12.45 36.17
C LYS J 44 50.89 13.65 35.25
N ASN J 45 49.68 13.70 34.69
CA ASN J 45 49.32 14.78 33.78
C ASN J 45 48.34 15.78 34.35
N GLN J 46 47.92 15.55 35.59
CA GLN J 46 46.97 16.46 36.26
C GLN J 46 45.60 16.56 35.56
N VAL J 47 44.82 15.46 35.61
CA VAL J 47 43.49 15.41 35.00
C VAL J 47 42.58 14.43 35.76
N VAL J 48 41.28 14.72 35.78
CA VAL J 48 40.34 13.82 36.43
C VAL J 48 39.27 13.40 35.43
N ASP J 49 38.84 12.16 35.55
CA ASP J 49 37.82 11.60 34.68
C ASP J 49 36.57 11.62 35.55
N VAL J 50 35.57 12.39 35.12
CA VAL J 50 34.34 12.52 35.89
C VAL J 50 33.09 12.16 35.12
N VAL J 51 32.10 11.61 35.84
CA VAL J 51 30.80 11.25 35.26
C VAL J 51 29.77 12.00 36.11
N PHE J 52 29.06 12.95 35.52
CA PHE J 52 28.05 13.72 36.26
C PHE J 52 26.68 13.68 35.63
N TRP J 53 25.69 14.15 36.36
CA TRP J 53 24.30 14.20 35.93
C TRP J 53 24.07 15.71 35.76
N LEU J 54 23.81 16.15 34.54
CA LEU J 54 23.60 17.56 34.26
C LEU J 54 22.11 17.91 34.20
N GLN J 55 21.72 18.99 34.88
CA GLN J 55 20.32 19.38 34.92
C GLN J 55 20.09 20.80 34.38
N MET J 56 19.45 20.88 33.22
CA MET J 56 19.17 22.17 32.58
C MET J 56 17.69 22.34 32.28
N SER J 57 17.17 23.54 32.55
CA SER J 57 15.77 23.84 32.28
C SER J 57 15.64 25.31 31.90
N TRP J 58 14.81 25.58 30.89
CA TRP J 58 14.58 26.95 30.43
C TRP J 58 13.18 27.05 29.85
N THR J 59 12.80 28.25 29.41
CA THR J 59 11.48 28.44 28.84
C THR J 59 11.58 28.93 27.41
N ASP J 60 11.08 28.12 26.49
CA ASP J 60 11.09 28.42 25.06
C ASP J 60 9.69 28.92 24.69
N HIS J 61 9.50 30.23 24.50
CA HIS J 61 8.18 30.73 24.17
C HIS J 61 7.64 30.21 22.84
N TYR J 62 8.54 29.87 21.93
CA TYR J 62 8.14 29.33 20.62
C TYR J 62 7.49 27.95 20.73
N LEU J 63 7.69 27.27 21.86
CA LEU J 63 7.16 25.92 22.04
C LEU J 63 6.00 25.74 23.02
N GLN J 64 5.01 26.63 22.97
CA GLN J 64 3.86 26.50 23.86
C GLN J 64 2.60 26.25 23.04
N TRP J 65 1.62 25.58 23.65
CA TRP J 65 0.39 25.28 22.94
C TRP J 65 -0.83 25.25 23.86
N ASN J 66 -2.01 25.40 23.27
CA ASN J 66 -3.29 25.40 24.00
C ASN J 66 -3.60 23.98 24.47
N VAL J 67 -3.53 23.75 25.78
CA VAL J 67 -3.79 22.43 26.37
C VAL J 67 -5.08 21.79 25.86
N SER J 68 -5.98 22.62 25.31
CA SER J 68 -7.26 22.15 24.78
C SER J 68 -7.23 21.86 23.28
N GLU J 69 -6.66 22.78 22.49
CA GLU J 69 -6.56 22.62 21.04
C GLU J 69 -5.96 21.26 20.68
N TYR J 70 -5.27 20.66 21.63
CA TYR J 70 -4.67 19.35 21.43
C TYR J 70 -5.22 18.42 22.50
N PRO J 71 -5.84 17.31 22.08
CA PRO J 71 -6.44 16.30 22.96
C PRO J 71 -5.98 16.36 24.43
N GLY J 72 -5.22 15.35 24.87
CA GLY J 72 -4.73 15.33 26.23
C GLY J 72 -3.21 15.36 26.26
N VAL J 73 -2.63 16.07 25.29
CA VAL J 73 -1.17 16.19 25.17
C VAL J 73 -0.57 17.21 26.14
N LYS J 74 -0.15 16.73 27.31
CA LYS J 74 0.45 17.59 28.33
C LYS J 74 1.93 17.97 28.08
N GLN J 75 2.78 16.97 27.87
CA GLN J 75 4.22 17.17 27.62
C GLN J 75 4.71 16.22 26.52
N VAL J 76 5.62 16.69 25.68
CA VAL J 76 6.15 15.82 24.63
C VAL J 76 7.65 15.59 24.76
N SER J 77 8.11 14.51 24.14
CA SER J 77 9.52 14.11 24.17
C SER J 77 10.19 14.41 22.81
N VAL J 78 11.04 15.43 22.77
CA VAL J 78 11.71 15.84 21.54
C VAL J 78 13.24 15.70 21.54
N PRO J 79 13.83 15.43 20.36
CA PRO J 79 15.28 15.28 20.17
C PRO J 79 15.96 16.65 20.23
N ILE J 80 16.92 16.81 21.13
CA ILE J 80 17.62 18.10 21.28
C ILE J 80 18.08 18.71 19.97
N SER J 81 18.21 17.87 18.94
CA SER J 81 18.66 18.32 17.63
C SER J 81 17.55 19.06 16.91
N SER J 82 16.36 19.06 17.51
CA SER J 82 15.18 19.69 16.94
C SER J 82 14.88 21.09 17.50
N LEU J 83 15.29 21.36 18.74
CA LEU J 83 15.05 22.67 19.31
C LEU J 83 16.33 23.35 19.77
N TRP J 84 16.19 24.58 20.25
CA TRP J 84 17.34 25.32 20.74
C TRP J 84 17.67 24.76 22.11
N VAL J 85 18.97 24.65 22.37
CA VAL J 85 19.46 24.15 23.64
C VAL J 85 20.71 24.94 24.07
N PRO J 86 20.80 25.32 25.36
CA PRO J 86 21.93 26.08 25.92
C PRO J 86 23.29 25.56 25.48
N ASP J 87 24.10 26.45 24.89
CA ASP J 87 25.44 26.10 24.40
C ASP J 87 26.47 26.12 25.53
N LEU J 88 26.10 25.60 26.69
CA LEU J 88 27.01 25.57 27.82
C LEU J 88 28.24 24.71 27.50
N ALA J 89 29.40 25.18 27.93
CA ALA J 89 30.63 24.45 27.69
C ALA J 89 31.51 24.37 28.94
N ALA J 90 32.48 23.47 28.95
CA ALA J 90 33.37 23.35 30.10
C ALA J 90 34.72 24.03 29.81
N TYR J 91 34.95 25.15 30.49
CA TYR J 91 36.14 25.97 30.32
C TYR J 91 37.47 25.23 30.45
N ASN J 92 37.54 24.33 31.43
CA ASN J 92 38.76 23.57 31.68
C ASN J 92 38.67 22.10 31.27
N ALA J 93 37.93 21.82 30.20
CA ALA J 93 37.85 20.45 29.75
C ALA J 93 39.03 20.17 28.82
N ILE J 94 39.49 18.93 28.83
CA ILE J 94 40.60 18.53 28.00
C ILE J 94 40.19 17.34 27.13
N SER J 95 38.91 17.07 27.08
CA SER J 95 38.38 15.99 26.26
C SER J 95 36.95 16.36 25.88
N LYS J 96 36.53 15.93 24.69
CA LYS J 96 35.18 16.24 24.24
C LYS J 96 34.21 15.53 25.19
N PRO J 97 33.06 16.17 25.51
CA PRO J 97 32.11 15.53 26.41
C PRO J 97 31.45 14.32 25.75
N GLU J 98 31.34 13.24 26.50
CA GLU J 98 30.72 12.02 25.98
C GLU J 98 29.38 11.85 26.68
N VAL J 99 28.30 12.18 25.98
CA VAL J 99 26.95 12.07 26.53
C VAL J 99 26.53 10.59 26.52
N LEU J 100 26.22 10.07 27.71
CA LEU J 100 25.84 8.66 27.89
C LEU J 100 24.37 8.30 27.65
N THR J 101 23.49 9.20 28.06
CA THR J 101 22.06 9.01 27.95
C THR J 101 21.47 9.47 26.62
N PRO J 102 20.19 9.14 26.35
CA PRO J 102 19.46 9.52 25.13
C PRO J 102 19.34 11.01 25.04
N GLN J 103 19.68 11.56 23.89
CA GLN J 103 19.62 13.01 23.71
C GLN J 103 18.20 13.49 23.37
N LEU J 104 17.34 13.43 24.38
CA LEU J 104 15.95 13.84 24.31
C LEU J 104 15.64 14.84 25.42
N ALA J 105 14.71 15.77 25.15
CA ALA J 105 14.31 16.77 26.14
C ALA J 105 12.80 16.73 26.32
N LEU J 106 12.32 17.20 27.47
CA LEU J 106 10.90 17.24 27.74
C LEU J 106 10.38 18.67 27.66
N VAL J 107 9.19 18.85 27.09
CA VAL J 107 8.60 20.18 26.95
C VAL J 107 7.16 20.30 27.49
N ASN J 108 6.92 21.37 28.24
CA ASN J 108 5.62 21.69 28.84
C ASN J 108 4.63 22.20 27.79
N SER J 109 3.35 22.24 28.18
CA SER J 109 2.31 22.74 27.28
C SER J 109 2.50 24.26 27.30
N SER J 110 3.15 24.74 28.35
CA SER J 110 3.41 26.15 28.54
C SER J 110 4.72 26.58 27.87
N GLY J 111 5.59 25.61 27.60
CA GLY J 111 6.86 25.91 26.95
C GLY J 111 8.11 25.81 27.81
N HIS J 112 8.08 24.93 28.80
CA HIS J 112 9.23 24.75 29.68
C HIS J 112 10.03 23.49 29.31
N VAL J 113 11.23 23.68 28.80
CA VAL J 113 12.10 22.57 28.42
C VAL J 113 12.95 22.03 29.56
N GLN J 114 13.25 20.73 29.51
CA GLN J 114 14.04 20.09 30.55
C GLN J 114 14.97 19.07 29.89
N TYR J 115 16.27 19.25 30.07
CA TYR J 115 17.28 18.37 29.51
C TYR J 115 18.20 17.86 30.62
N LEU J 116 18.25 16.54 30.79
CA LEU J 116 19.07 15.93 31.86
C LEU J 116 20.10 14.91 31.39
N PRO J 117 21.06 15.31 30.56
CA PRO J 117 22.06 14.35 30.10
C PRO J 117 23.11 13.87 31.12
N SER J 118 23.55 12.61 30.99
CA SER J 118 24.59 12.04 31.85
C SER J 118 25.85 12.08 31.01
N ILE J 119 26.87 12.75 31.54
CA ILE J 119 28.11 12.91 30.80
C ILE J 119 29.37 12.41 31.49
N ARG J 120 30.33 11.97 30.68
CA ARG J 120 31.61 11.52 31.20
C ARG J 120 32.54 12.44 30.46
N GLN J 121 33.33 13.20 31.20
CA GLN J 121 34.25 14.16 30.58
C GLN J 121 35.48 14.30 31.46
N ARG J 122 36.62 14.64 30.86
CA ARG J 122 37.85 14.81 31.60
C ARG J 122 38.21 16.27 31.77
N PHE J 123 38.67 16.63 32.96
CA PHE J 123 39.04 18.01 33.23
C PHE J 123 40.47 18.18 33.73
N SER J 124 41.04 19.34 33.44
CA SER J 124 42.39 19.65 33.90
C SER J 124 42.23 20.02 35.35
N CYS J 125 43.01 19.40 36.21
CA CYS J 125 42.90 19.68 37.64
C CYS J 125 44.13 19.28 38.46
N ASP J 126 44.35 19.99 39.56
CA ASP J 126 45.47 19.73 40.45
C ASP J 126 45.16 18.61 41.44
N VAL J 127 45.46 17.38 41.06
CA VAL J 127 45.19 16.25 41.93
C VAL J 127 46.41 15.85 42.75
N SER J 128 47.23 16.83 43.13
CA SER J 128 48.43 16.56 43.92
C SER J 128 48.08 15.94 45.27
N GLY J 129 47.26 16.64 46.04
CA GLY J 129 46.87 16.14 47.35
C GLY J 129 45.62 15.29 47.36
N VAL J 130 45.63 14.21 46.59
CA VAL J 130 44.48 13.31 46.52
C VAL J 130 44.66 12.17 47.53
N ASP J 131 45.87 12.06 48.07
CA ASP J 131 46.18 11.05 49.06
C ASP J 131 46.22 11.66 50.45
N THR J 132 46.45 12.97 50.53
CA THR J 132 46.49 13.69 51.80
C THR J 132 45.08 13.75 52.37
N GLU J 133 44.97 13.88 53.69
CA GLU J 133 43.67 13.93 54.33
C GLU J 133 42.96 15.24 53.97
N SER J 134 43.76 16.23 53.56
CA SER J 134 43.20 17.51 53.19
C SER J 134 42.33 17.36 51.93
N GLY J 135 42.86 16.62 50.95
CA GLY J 135 42.14 16.35 49.71
C GLY J 135 42.38 17.27 48.51
N ALA J 136 42.34 16.67 47.33
CA ALA J 136 42.52 17.39 46.07
C ALA J 136 41.23 18.13 45.70
N THR J 137 41.36 19.31 45.13
CA THR J 137 40.20 20.11 44.78
C THR J 137 40.18 20.44 43.31
N CYS J 138 39.05 20.13 42.66
CA CYS J 138 38.84 20.40 41.23
C CYS J 138 37.71 21.36 40.99
N LYS J 139 37.91 22.26 40.04
CA LYS J 139 36.88 23.24 39.72
C LYS J 139 36.34 22.99 38.32
N LEU J 140 35.04 22.77 38.22
CA LEU J 140 34.42 22.55 36.93
C LEU J 140 33.66 23.81 36.56
N LYS J 141 34.25 24.62 35.71
CA LYS J 141 33.63 25.87 35.29
C LYS J 141 32.83 25.70 34.01
N PHE J 142 31.53 26.02 34.08
CA PHE J 142 30.65 25.89 32.94
C PHE J 142 30.13 27.26 32.56
N GLY J 143 29.63 27.42 31.34
CA GLY J 143 29.10 28.71 30.94
C GLY J 143 28.77 28.77 29.46
N SER J 144 27.87 29.68 29.09
CA SER J 144 27.53 29.80 27.66
C SER J 144 28.85 30.12 26.97
N TRP J 145 28.89 29.92 25.65
CA TRP J 145 30.10 30.14 24.88
C TRP J 145 29.98 31.32 23.93
N THR J 146 28.75 31.61 23.51
CA THR J 146 28.49 32.69 22.58
C THR J 146 27.51 33.76 23.06
N HIS J 147 26.61 33.43 24.00
CA HIS J 147 25.63 34.41 24.51
C HIS J 147 26.02 35.02 25.86
N HIS J 148 25.89 36.35 25.97
CA HIS J 148 26.25 37.06 27.20
C HIS J 148 25.12 37.07 28.24
N SER J 149 25.25 37.92 29.25
CA SER J 149 24.25 38.02 30.33
C SER J 149 22.84 38.44 29.87
N ARG J 150 22.77 39.41 28.96
CA ARG J 150 21.47 39.88 28.46
C ARG J 150 20.73 38.88 27.58
N GLU J 151 21.48 38.01 26.89
CA GLU J 151 20.87 37.01 26.01
C GLU J 151 20.53 35.72 26.75
N LEU J 152 21.48 35.20 27.51
CA LEU J 152 21.29 33.95 28.25
C LEU J 152 21.73 34.10 29.70
N ASP J 153 20.75 34.08 30.61
CA ASP J 153 21.01 34.22 32.04
C ASP J 153 21.12 32.87 32.75
N LEU J 154 22.32 32.56 33.24
CA LEU J 154 22.58 31.32 33.96
C LEU J 154 22.26 31.48 35.43
N GLN J 155 21.44 30.59 35.96
CA GLN J 155 21.08 30.64 37.38
C GLN J 155 21.21 29.26 37.97
N MET J 156 22.18 29.07 38.85
CA MET J 156 22.39 27.77 39.47
C MET J 156 21.33 27.42 40.51
N GLN J 157 20.99 26.14 40.59
CA GLN J 157 20.02 25.68 41.57
C GLN J 157 20.63 24.60 42.46
N GLU J 158 19.90 24.19 43.49
CA GLU J 158 20.37 23.20 44.48
C GLU J 158 21.24 22.06 43.95
N ALA J 159 22.49 22.02 44.41
CA ALA J 159 23.43 20.98 44.00
C ALA J 159 23.16 19.67 44.73
N ASP J 160 22.66 18.68 43.99
CA ASP J 160 22.34 17.37 44.55
C ASP J 160 23.62 16.53 44.63
N ILE J 161 23.88 15.96 45.80
CA ILE J 161 25.08 15.15 46.00
C ILE J 161 24.77 13.69 46.41
N SER J 162 23.48 13.40 46.60
CA SER J 162 23.05 12.06 46.99
C SER J 162 23.19 11.08 45.84
N GLY J 163 23.68 11.55 44.70
CA GLY J 163 23.83 10.68 43.55
C GLY J 163 25.17 9.97 43.47
N TYR J 164 26.14 10.40 44.29
CA TYR J 164 27.49 9.81 44.30
C TYR J 164 27.53 8.31 44.62
N ILE J 165 28.42 7.59 43.96
CA ILE J 165 28.58 6.15 44.16
C ILE J 165 29.13 5.83 45.56
N PRO J 166 28.42 5.00 46.34
CA PRO J 166 28.76 4.57 47.71
C PRO J 166 30.16 3.97 47.86
N TYR J 167 30.51 3.05 46.96
CA TYR J 167 31.84 2.43 46.98
C TYR J 167 32.82 3.43 46.34
N SER J 168 33.44 3.06 45.23
CA SER J 168 34.37 3.98 44.57
C SER J 168 35.65 4.16 45.35
N ARG J 169 36.76 4.22 44.63
CA ARG J 169 38.07 4.37 45.24
C ARG J 169 38.19 5.72 45.95
N PHE J 170 37.32 6.67 45.61
CA PHE J 170 37.36 8.01 46.21
C PHE J 170 36.11 8.37 47.00
N GLU J 171 36.23 9.37 47.86
CA GLU J 171 35.10 9.84 48.68
C GLU J 171 35.02 11.36 48.64
N LEU J 172 33.81 11.88 48.54
CA LEU J 172 33.60 13.33 48.47
C LEU J 172 33.77 14.03 49.80
N VAL J 173 34.69 15.00 49.83
CA VAL J 173 34.92 15.77 51.04
C VAL J 173 34.08 17.07 51.00
N GLY J 174 33.75 17.53 49.80
CA GLY J 174 32.94 18.74 49.70
C GLY J 174 32.65 19.21 48.29
N VAL J 175 31.45 19.77 48.08
CA VAL J 175 31.03 20.29 46.77
C VAL J 175 30.46 21.67 47.03
N THR J 176 31.01 22.70 46.39
CA THR J 176 30.51 24.06 46.64
C THR J 176 29.48 24.61 45.65
N GLN J 177 29.90 24.96 44.44
CA GLN J 177 28.97 25.52 43.45
C GLN J 177 28.62 27.00 43.73
N LYS J 178 29.03 27.89 42.82
CA LYS J 178 28.75 29.32 42.97
C LYS J 178 28.87 30.02 41.61
N ARG J 179 27.82 30.74 41.20
CA ARG J 179 27.82 31.46 39.93
C ARG J 179 28.40 32.87 40.02
N SER J 180 29.19 33.23 39.03
CA SER J 180 29.85 34.54 38.99
C SER J 180 29.69 35.20 37.61
N GLU J 181 29.52 36.52 37.60
CA GLU J 181 29.36 37.25 36.36
C GLU J 181 30.66 38.01 36.06
N ARG J 182 31.16 37.85 34.83
CA ARG J 182 32.43 38.46 34.40
C ARG J 182 32.44 39.11 32.98
N PHE J 183 33.40 40.03 32.77
CA PHE J 183 33.60 40.74 31.49
C PHE J 183 34.94 40.31 30.92
N TYR J 184 34.94 39.85 29.68
CA TYR J 184 36.16 39.36 29.05
C TYR J 184 36.95 40.29 28.11
N GLU J 185 38.11 39.78 27.68
CA GLU J 185 39.05 40.47 26.78
C GLU J 185 38.41 40.71 25.42
N CYS J 186 37.42 41.60 25.39
CA CYS J 186 36.69 41.93 24.17
C CYS J 186 35.47 42.83 24.40
N CYS J 187 34.44 42.10 24.78
CA CYS J 187 33.07 42.47 25.03
C CYS J 187 32.66 43.32 26.24
N LYS J 188 31.77 44.29 25.99
CA LYS J 188 31.21 45.18 27.02
C LYS J 188 29.98 44.55 27.70
N GLU J 189 29.66 43.33 27.28
CA GLU J 189 28.54 42.58 27.83
C GLU J 189 29.17 41.53 28.74
N PRO J 190 28.55 41.26 29.89
CA PRO J 190 29.11 40.26 30.82
C PRO J 190 28.77 38.79 30.49
N TYR J 191 29.62 37.88 30.95
CA TYR J 191 29.41 36.45 30.71
C TYR J 191 29.37 35.67 32.03
N PRO J 192 28.18 35.16 32.40
CA PRO J 192 27.95 34.39 33.63
C PRO J 192 28.42 32.94 33.52
N ASP J 193 28.60 32.30 34.66
CA ASP J 193 29.09 30.94 34.66
C ASP J 193 29.00 30.30 36.04
N VAL J 194 28.52 29.06 36.08
CA VAL J 194 28.40 28.34 37.34
C VAL J 194 29.63 27.45 37.51
N THR J 195 30.26 27.50 38.67
CA THR J 195 31.46 26.70 38.91
C THR J 195 31.35 25.71 40.07
N PHE J 196 31.32 24.42 39.79
CA PHE J 196 31.22 23.40 40.83
C PHE J 196 32.58 22.99 41.34
N THR J 197 32.85 23.30 42.61
CA THR J 197 34.13 22.95 43.19
C THR J 197 34.00 21.67 43.98
N VAL J 198 34.63 20.61 43.47
CA VAL J 198 34.59 19.31 44.11
C VAL J 198 35.90 18.96 44.81
N THR J 199 35.82 18.47 46.04
CA THR J 199 36.99 18.09 46.81
C THR J 199 36.86 16.63 47.19
N PHE J 200 37.89 15.84 46.89
CA PHE J 200 37.86 14.41 47.19
C PHE J 200 39.22 13.87 47.61
N ARG J 201 39.23 12.69 48.23
CA ARG J 201 40.47 12.07 48.66
C ARG J 201 40.33 10.57 48.53
N LYS J 202 41.46 9.90 48.29
CA LYS J 202 41.45 8.45 48.15
C LYS J 202 41.13 7.78 49.49
N LYS J 203 40.27 6.76 49.46
CA LYS J 203 39.90 6.05 50.68
C LYS J 203 41.06 5.19 51.13
N GLY J 204 41.37 5.24 52.43
CA GLY J 204 42.46 4.47 52.98
C GLY J 204 42.21 4.06 54.42
C1 NAG K . -9.47 -46.42 -3.56
C2 NAG K . -7.92 -46.52 -3.65
C3 NAG K . -7.45 -47.86 -3.04
C4 NAG K . -8.01 -48.02 -1.61
C5 NAG K . -9.55 -47.88 -1.66
C6 NAG K . -10.19 -47.99 -0.29
C7 NAG K . -7.34 -45.21 -5.60
C8 NAG K . -7.62 -45.12 -7.10
N2 NAG K . -7.48 -46.41 -5.03
O3 NAG K . -6.02 -47.89 -2.99
O4 NAG K . -7.64 -49.31 -1.06
O5 NAG K . -9.92 -46.60 -2.20
O6 NAG K . -9.84 -46.89 0.53
O7 NAG K . -7.01 -44.19 -4.99
C1 NAG K . -6.50 -49.32 -0.25
C2 NAG K . -6.89 -49.38 1.26
C3 NAG K . -6.34 -50.65 1.93
C4 NAG K . -6.68 -51.89 1.11
C5 NAG K . -6.21 -51.76 -0.35
C6 NAG K . -7.24 -52.08 -1.43
C7 NAG K . -7.15 -47.44 2.68
C8 NAG K . -6.75 -45.98 2.82
N2 NAG K . -6.35 -48.21 1.95
O3 NAG K . -6.88 -50.78 3.24
O4 NAG K . -6.07 -53.03 1.72
O5 NAG K . -5.66 -50.44 -0.63
O6 NAG K . -8.57 -51.81 -1.01
O7 NAG K . -8.17 -47.85 3.22
C1 NAG L . 27.58 -10.32 -14.33
C2 NAG L . 27.66 -10.56 -15.83
C3 NAG L . 27.56 -12.12 -16.04
C4 NAG L . 28.41 -13.00 -15.03
C5 NAG L . 28.60 -12.34 -13.63
C6 NAG L . 29.83 -12.85 -12.88
C7 NAG L . 26.72 -9.42 -17.77
C8 NAG L . 25.49 -9.44 -18.66
N2 NAG L . 26.57 -9.87 -16.52
O3 NAG L . 27.96 -12.46 -17.36
O4 NAG L . 27.76 -14.28 -14.80
O5 NAG L . 28.73 -10.90 -13.73
O6 NAG L . 31.00 -12.11 -13.21
O7 NAG L . 27.78 -9.00 -18.20
C1 NAG L . 28.05 -15.43 -15.53
C2 NAG L . 29.57 -15.61 -15.82
C3 NAG L . 29.84 -17.00 -16.48
C4 NAG L . 29.12 -18.16 -15.77
C5 NAG L . 27.65 -17.80 -15.54
C6 NAG L . 26.85 -18.86 -14.79
C7 NAG L . 31.28 -14.12 -16.75
C8 NAG L . 31.70 -13.26 -17.94
N2 NAG L . 30.02 -14.55 -16.72
O3 NAG L . 31.24 -17.28 -16.52
O4 NAG L . 29.21 -19.34 -16.57
O5 NAG L . 27.56 -16.56 -14.78
O6 NAG L . 25.97 -19.54 -15.67
O7 NAG L . 32.10 -14.40 -15.87
C1 NAG M . 3.33 -11.13 14.46
C2 NAG M . 4.17 -11.77 15.57
C3 NAG M . 3.29 -12.54 16.56
C4 NAG M . 2.20 -11.62 17.13
C5 NAG M . 1.40 -10.93 16.00
C6 NAG M . 1.40 -9.42 16.08
C7 NAG M . 6.21 -12.24 14.31
C8 NAG M . 6.50 -12.92 12.96
N2 NAG M . 5.15 -12.69 14.98
O3 NAG M . 4.09 -13.05 17.62
O4 NAG M . 1.29 -12.38 17.98
O5 NAG M . 1.90 -11.30 14.67
O6 NAG M . 0.17 -8.94 16.62
O7 NAG M . 6.93 -11.34 14.71
C1 NAG M . 1.59 -12.37 19.35
C2 NAG M . 0.33 -12.05 20.20
C3 NAG M . -0.05 -13.23 21.11
C4 NAG M . -0.10 -14.51 20.28
C5 NAG M . 1.30 -14.82 19.69
C6 NAG M . 1.28 -15.36 18.26
C7 NAG M . 1.60 -10.06 20.91
C8 NAG M . 2.81 -10.39 21.75
N2 NAG M . 0.54 -10.86 21.03
O3 NAG M . -1.34 -13.02 21.70
O4 NAG M . -0.52 -15.59 21.11
O5 NAG M . 2.18 -13.65 19.73
O6 NAG M . 2.15 -16.46 18.10
O7 NAG M . 1.61 -9.08 20.17
C1 NAG N . -28.41 -28.81 25.73
C2 NAG N . -26.91 -28.54 26.03
C3 NAG N . -26.60 -27.70 27.33
C4 NAG N . -27.68 -27.74 28.44
C5 NAG N . -28.93 -28.50 28.03
C6 NAG N . -30.13 -28.17 28.90
C7 NAG N . -25.76 -30.39 24.96
C8 NAG N . -24.74 -31.51 25.13
N2 NAG N . -26.19 -29.80 26.08
O3 NAG N . -26.34 -26.34 26.99
O4 NAG N . -27.13 -28.33 29.62
O5 NAG N . -29.27 -28.16 26.67
O6 NAG N . -30.01 -28.72 30.20
O7 NAG N . -26.15 -30.07 23.83
C1 NAG O . -40.88 -27.84 14.38
C2 NAG O . -41.61 -28.95 13.59
C3 NAG O . -42.59 -29.72 14.52
C4 NAG O . -41.85 -30.20 15.78
C5 NAG O . -41.16 -29.01 16.47
C6 NAG O . -40.39 -29.40 17.71
C7 NAG O . -42.88 -27.13 12.60
C8 NAG O . -42.50 -26.08 11.56
N2 NAG O . -42.35 -28.35 12.49
O3 NAG O . -43.15 -30.84 13.84
O4 NAG O . -42.78 -30.82 16.67
O5 NAG O . -40.23 -28.39 15.54
O6 NAG O . -41.19 -30.15 18.61
O7 NAG O . -43.67 -26.82 13.50
C1 NAG P . -21.28 -42.84 -15.14
C2 NAG P . -21.67 -42.84 -16.65
C3 NAG P . -21.57 -44.25 -17.34
C4 NAG P . -20.57 -45.24 -16.70
C5 NAG P . -20.37 -45.02 -15.19
C6 NAG P . -19.22 -45.80 -14.61
C7 NAG P . -24.06 -42.73 -16.08
C8 NAG P . -24.23 -44.23 -15.77
N2 NAG P . -23.03 -42.34 -16.84
O3 NAG P . -21.21 -44.10 -18.70
O4 NAG P . -21.07 -46.57 -16.91
O5 NAG P . -20.11 -43.63 -14.92
O6 NAG P . -19.58 -46.37 -13.36
O7 NAG P . -24.90 -41.94 -15.64
C1 NAG Q . 10.78 -18.64 -23.63
C2 NAG Q . 11.88 -17.57 -23.86
C3 NAG Q . 13.32 -18.13 -23.92
C4 NAG Q . 13.57 -19.32 -22.98
C5 NAG Q . 12.41 -20.30 -23.08
C6 NAG Q . 12.58 -21.54 -22.22
C7 NAG Q . 11.37 -15.60 -25.21
C8 NAG Q . 10.51 -15.11 -26.36
N2 NAG Q . 11.61 -16.91 -25.13
O3 NAG Q . 14.23 -17.08 -23.60
O4 NAG Q . 14.78 -19.97 -23.35
O5 NAG Q . 11.20 -19.63 -22.67
O6 NAG Q . 13.21 -22.58 -22.94
O7 NAG Q . 11.82 -14.80 -24.38
C1 NAG R . -1.96 -13.25 -32.59
C2 NAG R . -1.11 -14.41 -33.20
C3 NAG R . -0.07 -13.87 -34.23
C4 NAG R . -0.68 -12.85 -35.20
C5 NAG R . -1.44 -11.77 -34.42
C6 NAG R . -2.11 -10.73 -35.30
C7 NAG R . 0.74 -15.73 -32.26
C8 NAG R . 1.91 -15.15 -31.46
N2 NAG R . -0.45 -15.12 -32.11
O3 NAG R . 0.44 -14.97 -34.98
O4 NAG R . 0.34 -12.25 -36.01
O5 NAG R . -2.48 -12.39 -33.63
O6 NAG R . -1.23 -10.28 -36.33
O7 NAG R . 0.91 -16.71 -32.98
C1 NAG S . 3.57 16.61 -5.72
C2 NAG S . 3.74 16.76 -4.20
C3 NAG S . 5.06 16.13 -3.69
C4 NAG S . 6.28 16.44 -4.59
C5 NAG S . 5.92 16.37 -6.09
C6 NAG S . 6.91 15.51 -6.86
C7 NAG S . 2.37 18.70 -3.74
C8 NAG S . 2.26 20.09 -3.14
N2 NAG S . 3.59 18.15 -3.81
O3 NAG S . 4.91 14.73 -3.58
O4 NAG S . 6.84 17.70 -4.28
O5 NAG S . 4.61 15.79 -6.28
O6 NAG S . 6.60 14.13 -6.73
O7 NAG S . 1.35 18.12 -4.15
C1 NAG T . -19.94 9.86 24.26
C2 NAG T . -19.60 8.94 25.45
C3 NAG T . -18.75 9.72 26.46
C4 NAG T . -17.54 10.40 25.80
C5 NAG T . -17.99 11.21 24.58
C6 NAG T . -16.83 11.81 23.81
C7 NAG T . -21.44 7.36 25.63
C8 NAG T . -22.96 7.28 25.83
N2 NAG T . -20.83 8.45 26.07
O3 NAG T . -18.29 8.84 27.48
O4 NAG T . -16.89 11.25 26.73
O5 NAG T . -18.74 10.37 23.67
O6 NAG T . -16.98 13.22 23.66
O7 NAG T . -20.86 6.43 25.08
C1 NAG U . -34.45 10.30 14.84
C2 NAG U . -35.27 11.19 13.90
C3 NAG U . -35.81 12.31 14.79
C4 NAG U . -36.73 11.68 15.88
C5 NAG U . -36.01 10.55 16.65
C6 NAG U . -36.96 9.74 17.51
C7 NAG U . -34.82 11.46 11.52
C8 NAG U . -35.34 10.08 11.15
N2 NAG U . -34.48 11.69 12.79
O3 NAG U . -36.53 13.26 14.02
O4 NAG U . -37.14 12.68 16.81
O5 NAG U . -35.35 9.62 15.73
O6 NAG U . -37.36 10.48 18.67
O7 NAG U . -34.69 12.31 10.64
C1 NAG V . 21.21 50.27 6.48
C2 NAG V . 21.36 49.13 5.45
C3 NAG V . 21.20 49.62 3.99
C4 NAG V . 20.19 50.75 3.90
C5 NAG V . 20.60 51.95 4.78
C6 NAG V . 19.44 52.76 5.35
C7 NAG V . 22.82 47.20 5.44
C8 NAG V . 24.24 46.66 5.61
N2 NAG V . 22.67 48.52 5.60
O3 NAG V . 20.78 48.54 3.16
O4 NAG V . 20.10 51.16 2.54
O5 NAG V . 21.46 51.58 5.89
O6 NAG V . 19.57 54.14 5.00
O7 NAG V . 21.90 46.44 5.15
C1 NAG W . 45.58 24.36 -14.83
C2 NAG W . 46.86 23.50 -14.78
C3 NAG W . 47.62 23.32 -16.14
C4 NAG W . 47.10 24.12 -17.37
C5 NAG W . 45.92 25.05 -17.06
C6 NAG W . 45.12 25.40 -18.30
C7 NAG W . 47.82 25.38 -13.56
C8 NAG W . 48.42 26.30 -14.62
N2 NAG W . 47.80 24.07 -13.81
O3 NAG W . 47.66 21.93 -16.47
O4 NAG W . 48.16 24.88 -17.94
O5 NAG W . 45.02 24.40 -16.14
O6 NAG W . 44.65 26.73 -18.23
O7 NAG W . 47.39 25.86 -12.49
C1 NAG X . 17.46 -2.68 -26.26
C2 NAG X . 16.36 -3.65 -26.77
C3 NAG X . 16.25 -3.56 -28.32
C4 NAG X . 16.23 -2.11 -28.84
C5 NAG X . 17.30 -1.24 -28.17
C6 NAG X . 17.12 0.23 -28.51
C7 NAG X . 15.90 -5.72 -25.61
C8 NAG X . 16.24 -7.19 -25.43
N2 NAG X . 16.71 -5.01 -26.38
O3 NAG X . 15.07 -4.23 -28.74
O4 NAG X . 16.44 -2.10 -30.26
O5 NAG X . 17.19 -1.35 -26.72
O6 NAG X . 16.05 0.79 -27.77
O7 NAG X . 14.91 -5.24 -25.06
C1 NAG Y . -8.25 -6.52 3.40
C2 NAG Y . -9.50 -6.43 4.29
C3 NAG Y . -10.75 -5.96 3.50
C4 NAG Y . -10.97 -6.74 2.17
C5 NAG Y . -9.63 -7.23 1.58
C6 NAG Y . -9.62 -7.27 0.06
C7 NAG Y . -10.05 -7.79 6.22
C8 NAG Y . -10.13 -9.17 6.84
N2 NAG Y . -9.76 -7.72 4.93
O3 NAG Y . -10.62 -4.57 3.23
O4 NAG Y . -11.85 -7.83 2.35
O5 NAG Y . -8.56 -6.35 2.00
O6 NAG Y . -8.38 -7.76 -0.43
O7 NAG Y . -10.26 -6.78 6.91
C1 NAG Z . -7.52 27.89 23.89
C2 NAG Z . -7.67 29.31 23.28
C3 NAG Z . -9.16 29.76 23.23
C4 NAG Z . -10.09 28.66 22.72
C5 NAG Z . -9.81 27.32 23.43
C6 NAG Z . -10.65 26.17 22.88
C7 NAG Z . -5.67 30.65 23.73
C8 NAG Z . -4.67 30.78 24.87
N2 NAG Z . -6.92 30.29 24.06
O3 NAG Z . -9.28 30.90 22.39
O4 NAG Z . -11.45 29.03 22.95
O5 NAG Z . -8.41 26.96 23.25
O6 NAG Z . -12.03 26.33 23.24
O7 NAG Z . -5.32 30.87 22.57
C1 NAG AA . 5.62 23.55 33.37
C2 NAG AA . 6.09 22.95 34.70
C3 NAG AA . 5.17 23.52 35.80
C4 NAG AA . 5.29 25.06 35.81
C5 NAG AA . 4.99 25.64 34.41
C6 NAG AA . 5.29 27.14 34.34
C7 NAG AA . 7.13 20.75 34.89
C8 NAG AA . 8.45 21.19 34.25
N2 NAG AA . 6.04 21.49 34.66
O3 NAG AA . 5.54 23.01 37.08
O4 NAG AA . 4.38 25.61 36.76
O5 NAG AA . 5.81 24.98 33.40
O6 NAG AA . 4.64 27.83 35.39
O7 NAG AA . 7.10 19.73 35.57
#